data_8K1I
#
_entry.id   8K1I
#
_cell.length_a   71.634
_cell.length_b   91.119
_cell.length_c   227.712
_cell.angle_alpha   90.00
_cell.angle_beta   90.00
_cell.angle_gamma   90.00
#
_symmetry.space_group_name_H-M   'P 21 21 21'
#
loop_
_entity.id
_entity.type
_entity.pdbx_description
1 polymer 'NADP-dependent oxidoreductase domain-containing protein'
2 water water
#
_entity_poly.entity_id   1
_entity_poly.type   'polypeptide(L)'
_entity_poly.pdbx_seq_one_letter_code
;MNFPPIGPTRVLQPYSIVNLPPLIIGGAVLNDIYTEDPTKLPIQDILSIAFSKGLNAIDTSPYYGRSEELIGKALKAITA
EWPRERYYICTKAGRITDTKFDYSREHVRESVKNSLRLLNTDYLDLVYMHDVEFVETPEVYDALRELRLMKEEGLIKAFG
FSGYPVKLLYEIAYKCAHDYVEDIGRVDAILSYSHGCIQNTALFELYDDFINKCGIKKILNGSILSMSLLRSGKTHAFHP
ASVELKAKVDEVAQDLKKTSNIELAEPATRFAMKRWLFQTQPQKDPPLKWNQRTSIVLGVSTVEELNSALKSYADVKEKD
GAEDEKLFEEIIKKLGSHFNETWPSGLYSAT
;
_entity_poly.pdbx_strand_id   A,B,C,D
#
# COMPACT_ATOMS: atom_id res chain seq x y z
N PHE A 3 -7.84 1.16 11.76
CA PHE A 3 -8.09 -0.05 12.54
C PHE A 3 -7.24 -0.06 13.81
N PRO A 4 -7.87 -0.23 14.97
CA PRO A 4 -7.13 -0.19 16.24
C PRO A 4 -6.83 -1.60 16.75
N PRO A 5 -5.97 -1.75 17.77
CA PRO A 5 -5.23 -3.01 17.96
C PRO A 5 -6.11 -4.24 18.17
N ILE A 6 -5.60 -5.39 17.72
CA ILE A 6 -6.26 -6.68 17.92
C ILE A 6 -6.31 -7.14 19.38
N GLY A 7 -5.57 -6.48 20.28
CA GLY A 7 -5.34 -6.97 21.62
C GLY A 7 -4.25 -6.19 22.35
N PRO A 8 -3.80 -6.67 23.51
CA PRO A 8 -2.83 -5.90 24.29
C PRO A 8 -1.53 -5.69 23.55
N THR A 9 -0.79 -4.65 23.96
CA THR A 9 0.50 -4.32 23.36
C THR A 9 1.65 -4.53 24.35
N ARG A 10 1.51 -5.56 25.19
CA ARG A 10 2.46 -5.91 26.25
C ARG A 10 2.53 -7.44 26.32
N VAL A 11 3.33 -7.96 27.26
CA VAL A 11 3.39 -9.40 27.53
C VAL A 11 2.65 -9.62 28.84
N LEU A 12 1.50 -10.31 28.78
CA LEU A 12 0.65 -10.46 29.96
C LEU A 12 1.38 -11.16 31.10
N GLN A 13 0.99 -10.78 32.33
CA GLN A 13 1.43 -11.40 33.56
C GLN A 13 0.23 -12.04 34.24
N PRO A 14 0.37 -13.27 34.78
CA PRO A 14 1.59 -14.10 34.76
C PRO A 14 1.90 -14.56 33.34
N TYR A 15 3.14 -14.93 33.05
CA TYR A 15 3.53 -15.28 31.69
C TYR A 15 2.85 -16.57 31.24
N SER A 16 2.46 -16.62 29.96
CA SER A 16 2.02 -17.87 29.34
C SER A 16 2.17 -17.81 27.83
N ILE A 17 2.72 -18.89 27.25
CA ILE A 17 2.83 -18.96 25.79
C ILE A 17 1.47 -18.90 25.10
N VAL A 18 0.36 -19.09 25.83
CA VAL A 18 -0.92 -19.03 25.16
C VAL A 18 -1.32 -17.58 24.88
N ASN A 19 -0.64 -16.61 25.50
CA ASN A 19 -0.89 -15.21 25.18
C ASN A 19 -0.14 -14.70 23.94
N LEU A 20 0.51 -15.58 23.16
CA LEU A 20 0.94 -15.19 21.82
C LEU A 20 -0.27 -14.58 21.10
N PRO A 21 -0.13 -13.41 20.46
CA PRO A 21 -1.34 -12.72 19.94
C PRO A 21 -2.08 -13.58 18.93
N PRO A 22 -3.32 -13.20 18.56
CA PRO A 22 -4.02 -13.94 17.48
C PRO A 22 -3.31 -13.88 16.11
N LEU A 23 -2.74 -12.75 15.72
CA LEU A 23 -1.91 -12.66 14.51
C LEU A 23 -0.46 -12.46 14.93
N ILE A 24 0.44 -13.22 14.30
CA ILE A 24 1.87 -13.21 14.57
C ILE A 24 2.62 -12.86 13.31
N ILE A 25 3.58 -11.94 13.42
CA ILE A 25 4.40 -11.57 12.27
C ILE A 25 5.21 -12.77 11.82
N GLY A 26 5.05 -13.12 10.55
CA GLY A 26 5.94 -14.08 9.92
C GLY A 26 7.17 -13.36 9.40
N GLY A 27 8.34 -13.69 9.94
CA GLY A 27 9.57 -12.96 9.69
C GLY A 27 10.35 -13.39 8.48
N ALA A 28 9.91 -14.44 7.78
CA ALA A 28 10.68 -14.93 6.64
C ALA A 28 10.91 -13.83 5.62
N VAL A 29 9.83 -13.14 5.22
CA VAL A 29 9.88 -12.08 4.23
C VAL A 29 10.70 -10.86 4.66
N LEU A 30 11.14 -10.78 5.94
CA LEU A 30 11.99 -9.68 6.38
C LEU A 30 13.45 -10.11 6.15
N ASN A 31 13.86 -10.05 4.88
CA ASN A 31 15.11 -10.65 4.40
C ASN A 31 15.75 -9.67 3.41
N ASP A 32 16.81 -10.12 2.73
CA ASP A 32 17.54 -9.27 1.78
C ASP A 32 16.59 -8.57 0.84
N ILE A 33 15.76 -9.35 0.11
CA ILE A 33 14.84 -8.85 -0.91
C ILE A 33 13.91 -7.78 -0.32
N TYR A 34 13.89 -7.67 1.01
CA TYR A 34 13.16 -6.59 1.67
C TYR A 34 14.03 -5.36 1.86
N THR A 35 15.14 -5.47 2.63
CA THR A 35 15.99 -4.32 2.95
C THR A 35 16.44 -3.57 1.70
N GLU A 36 16.45 -4.25 0.55
CA GLU A 36 16.85 -3.61 -0.70
C GLU A 36 15.71 -2.88 -1.41
N ASP A 37 14.46 -3.22 -1.10
CA ASP A 37 13.33 -2.73 -1.88
C ASP A 37 12.98 -1.29 -1.51
N PRO A 38 12.99 -0.35 -2.46
CA PRO A 38 12.76 1.06 -2.13
C PRO A 38 11.32 1.37 -1.74
N THR A 39 10.36 0.55 -2.16
CA THR A 39 8.99 0.76 -1.70
C THR A 39 8.83 0.32 -0.26
N LYS A 40 9.77 -0.46 0.25
CA LYS A 40 9.62 -1.06 1.57
C LYS A 40 10.13 -0.10 2.64
N LEU A 41 9.37 0.00 3.73
CA LEU A 41 9.80 0.71 4.92
C LEU A 41 11.03 -0.01 5.51
N PRO A 42 11.76 0.64 6.43
CA PRO A 42 12.77 -0.09 7.19
C PRO A 42 12.14 -1.10 8.12
N ILE A 43 12.85 -2.20 8.37
CA ILE A 43 12.31 -3.31 9.17
C ILE A 43 11.88 -2.81 10.55
N GLN A 44 12.67 -1.91 11.14
CA GLN A 44 12.39 -1.50 12.51
C GLN A 44 11.04 -0.80 12.61
N ASP A 45 10.55 -0.23 11.50
CA ASP A 45 9.31 0.53 11.51
C ASP A 45 8.11 -0.40 11.37
N ILE A 46 8.14 -1.24 10.33
CA ILE A 46 7.09 -2.23 10.12
C ILE A 46 6.92 -3.11 11.35
N LEU A 47 8.01 -3.42 12.06
CA LEU A 47 7.90 -4.10 13.34
C LEU A 47 7.26 -3.20 14.38
N SER A 48 7.66 -1.93 14.43
CA SER A 48 7.07 -1.01 15.40
C SER A 48 5.59 -0.79 15.13
N ILE A 49 5.21 -0.66 13.86
CA ILE A 49 3.82 -0.39 13.52
C ILE A 49 2.94 -1.61 13.83
N ALA A 50 3.40 -2.80 13.44
CA ALA A 50 2.66 -4.02 13.71
C ALA A 50 2.57 -4.30 15.22
N PHE A 51 3.67 -4.06 15.95
CA PHE A 51 3.64 -4.26 17.41
C PHE A 51 2.57 -3.40 18.05
N SER A 52 2.53 -2.11 17.69
CA SER A 52 1.57 -1.18 18.26
C SER A 52 0.13 -1.47 17.89
N LYS A 53 -0.12 -2.34 16.91
CA LYS A 53 -1.48 -2.82 16.64
C LYS A 53 -1.74 -4.21 17.24
N GLY A 54 -1.01 -4.61 18.29
CA GLY A 54 -1.29 -5.86 18.98
C GLY A 54 -0.65 -7.10 18.36
N LEU A 55 0.17 -6.93 17.33
CA LEU A 55 0.90 -8.02 16.71
C LEU A 55 2.32 -8.07 17.27
N ASN A 56 2.44 -8.08 18.61
CA ASN A 56 3.72 -7.99 19.30
C ASN A 56 4.38 -9.37 19.46
N ALA A 57 4.50 -10.06 18.33
CA ALA A 57 5.13 -11.37 18.24
C ALA A 57 5.71 -11.54 16.85
N ILE A 58 6.97 -11.97 16.78
CA ILE A 58 7.67 -12.23 15.53
C ILE A 58 8.02 -13.71 15.47
N ASP A 59 7.89 -14.31 14.28
CA ASP A 59 8.27 -15.67 14.02
C ASP A 59 9.38 -15.65 12.98
N THR A 60 10.47 -16.37 13.22
CA THR A 60 11.60 -16.37 12.30
C THR A 60 12.33 -17.71 12.38
N SER A 61 13.49 -17.80 11.69
CA SER A 61 14.20 -19.07 11.58
C SER A 61 15.58 -18.90 10.93
N PRO A 62 16.60 -19.62 11.41
CA PRO A 62 17.90 -19.58 10.70
C PRO A 62 17.77 -20.02 9.26
N TYR A 63 16.74 -20.82 8.96
CA TYR A 63 16.44 -21.21 7.59
C TYR A 63 16.02 -20.02 6.74
N TYR A 64 15.50 -18.97 7.37
CA TYR A 64 14.99 -17.82 6.62
C TYR A 64 16.11 -16.83 6.26
N GLY A 65 17.31 -17.33 6.01
CA GLY A 65 18.41 -16.54 5.49
C GLY A 65 18.98 -15.56 6.48
N ARG A 66 18.93 -14.29 6.13
CA ARG A 66 19.36 -13.25 7.04
C ARG A 66 18.23 -12.74 7.89
N SER A 67 17.08 -13.41 7.88
CA SER A 67 15.92 -12.94 8.62
C SER A 67 16.27 -12.69 10.09
N GLU A 68 16.92 -13.67 10.72
CA GLU A 68 17.25 -13.58 12.14
C GLU A 68 18.19 -12.41 12.43
N GLU A 69 19.20 -12.23 11.56
CA GLU A 69 20.13 -11.12 11.76
C GLU A 69 19.43 -9.78 11.57
N LEU A 70 18.69 -9.63 10.46
CA LEU A 70 18.05 -8.36 10.14
C LEU A 70 16.99 -7.99 11.16
N ILE A 71 16.18 -8.96 11.59
CA ILE A 71 15.23 -8.69 12.66
C ILE A 71 15.96 -8.38 13.95
N GLY A 72 17.07 -9.07 14.21
CA GLY A 72 17.82 -8.85 15.44
C GLY A 72 18.35 -7.44 15.56
N LYS A 73 18.89 -6.91 14.45
CA LYS A 73 19.29 -5.51 14.44
C LYS A 73 18.09 -4.60 14.63
N ALA A 74 17.03 -4.83 13.84
CA ALA A 74 15.84 -3.98 13.93
C ALA A 74 15.29 -3.94 15.34
N LEU A 75 15.41 -5.05 16.08
CA LEU A 75 14.89 -5.07 17.46
C LEU A 75 15.77 -4.23 18.38
N LYS A 76 17.08 -4.24 18.15
CA LYS A 76 17.95 -3.39 18.96
C LYS A 76 17.59 -1.92 18.76
N ALA A 77 17.19 -1.54 17.55
CA ALA A 77 16.92 -0.14 17.22
C ALA A 77 15.73 0.44 17.99
N ILE A 78 14.71 -0.38 18.26
CA ILE A 78 13.47 0.08 18.88
C ILE A 78 13.41 -0.32 20.36
N THR A 79 14.59 -0.52 20.96
CA THR A 79 14.66 -0.87 22.39
C THR A 79 13.99 0.17 23.27
N ALA A 80 14.07 1.46 22.90
CA ALA A 80 13.54 2.50 23.79
C ALA A 80 12.02 2.44 23.88
N GLU A 81 11.32 2.44 22.75
CA GLU A 81 9.87 2.34 22.79
C GLU A 81 9.36 0.90 22.92
N TRP A 82 10.10 -0.08 22.40
CA TRP A 82 9.69 -1.49 22.43
C TRP A 82 10.80 -2.30 23.11
N PRO A 83 10.91 -2.24 24.45
CA PRO A 83 11.89 -3.07 25.15
C PRO A 83 11.60 -4.54 24.93
N ARG A 84 12.60 -5.39 25.19
CA ARG A 84 12.49 -6.83 24.89
C ARG A 84 11.24 -7.46 25.54
N GLU A 85 10.94 -7.08 26.78
CA GLU A 85 9.81 -7.64 27.51
C GLU A 85 8.45 -7.31 26.90
N ARG A 86 8.37 -6.44 25.90
CA ARG A 86 7.07 -6.03 25.37
C ARG A 86 6.54 -6.93 24.24
N TYR A 87 7.32 -7.92 23.80
CA TYR A 87 6.92 -8.69 22.64
C TYR A 87 7.49 -10.11 22.74
N TYR A 88 6.97 -10.98 21.87
CA TYR A 88 7.40 -12.37 21.80
C TYR A 88 8.34 -12.61 20.63
N ILE A 89 9.36 -13.44 20.84
CA ILE A 89 10.21 -13.94 19.76
C ILE A 89 10.06 -15.44 19.69
N CYS A 90 9.68 -15.95 18.52
CA CYS A 90 9.67 -17.37 18.20
C CYS A 90 10.65 -17.62 17.07
N THR A 91 11.45 -18.68 17.21
CA THR A 91 12.32 -19.05 16.10
C THR A 91 12.37 -20.56 16.04
N LYS A 92 13.22 -21.08 15.17
CA LYS A 92 13.23 -22.51 14.93
C LYS A 92 14.67 -22.99 14.87
N ALA A 93 14.84 -24.29 14.61
CA ALA A 93 16.15 -24.91 14.52
C ALA A 93 16.04 -26.25 13.80
N GLY A 94 17.16 -26.68 13.23
CA GLY A 94 17.31 -28.01 12.66
C GLY A 94 17.23 -28.07 11.15
N ARG A 95 16.80 -26.98 10.50
CA ARG A 95 16.82 -26.89 9.05
C ARG A 95 17.78 -25.78 8.68
N ILE A 96 18.80 -26.13 7.92
CA ILE A 96 19.86 -25.19 7.60
C ILE A 96 19.75 -24.73 6.15
N THR A 97 19.48 -25.65 5.21
CA THR A 97 19.17 -25.31 3.84
C THR A 97 17.91 -26.04 3.38
N ASP A 98 17.54 -25.82 2.13
CA ASP A 98 16.36 -26.48 1.59
C ASP A 98 16.51 -28.00 1.52
N THR A 99 17.73 -28.56 1.64
CA THR A 99 17.86 -30.02 1.74
C THR A 99 18.82 -30.49 2.84
N LYS A 100 19.44 -29.59 3.60
CA LYS A 100 20.36 -30.01 4.65
C LYS A 100 19.71 -29.77 6.02
N PHE A 101 19.51 -30.86 6.76
CA PHE A 101 18.93 -30.87 8.10
C PHE A 101 19.96 -31.35 9.10
N ASP A 102 19.81 -30.94 10.36
CA ASP A 102 20.71 -31.40 11.41
C ASP A 102 19.96 -31.28 12.73
N TYR A 103 19.37 -32.38 13.17
CA TYR A 103 18.61 -32.41 14.42
C TYR A 103 19.44 -32.84 15.62
N SER A 104 20.77 -32.91 15.45
CA SER A 104 21.63 -33.36 16.52
C SER A 104 21.53 -32.43 17.72
N ARG A 105 21.59 -33.02 18.91
CA ARG A 105 21.41 -32.22 20.12
C ARG A 105 22.48 -31.13 20.24
N GLU A 106 23.71 -31.47 19.90
CA GLU A 106 24.77 -30.47 19.94
C GLU A 106 24.45 -29.32 19.00
N HIS A 107 24.05 -29.63 17.77
CA HIS A 107 23.73 -28.56 16.84
C HIS A 107 22.49 -27.80 17.30
N VAL A 108 21.50 -28.49 17.88
CA VAL A 108 20.29 -27.79 18.33
C VAL A 108 20.67 -26.70 19.32
N ARG A 109 21.62 -26.99 20.22
CA ARG A 109 22.03 -26.00 21.21
C ARG A 109 22.88 -24.90 20.57
N GLU A 110 23.82 -25.28 19.68
CA GLU A 110 24.52 -24.26 18.89
C GLU A 110 23.52 -23.33 18.26
N SER A 111 22.53 -23.89 17.56
CA SER A 111 21.65 -23.03 16.76
C SER A 111 20.88 -22.06 17.64
N VAL A 112 20.34 -22.54 18.76
CA VAL A 112 19.54 -21.64 19.60
C VAL A 112 20.43 -20.55 20.17
N LYS A 113 21.60 -20.91 20.70
CA LYS A 113 22.52 -19.91 21.21
C LYS A 113 22.91 -18.92 20.11
N ASN A 114 23.00 -19.36 18.87
CA ASN A 114 23.21 -18.41 17.78
C ASN A 114 22.02 -17.47 17.66
N SER A 115 20.81 -18.03 17.67
CA SER A 115 19.61 -17.21 17.57
C SER A 115 19.59 -16.11 18.62
N LEU A 116 19.88 -16.45 19.88
CA LEU A 116 19.87 -15.45 20.92
C LEU A 116 20.85 -14.32 20.62
N ARG A 117 22.08 -14.69 20.25
CA ARG A 117 23.06 -13.70 19.79
C ARG A 117 22.46 -12.84 18.68
N LEU A 118 21.95 -13.47 17.61
CA LEU A 118 21.52 -12.69 16.45
C LEU A 118 20.35 -11.77 16.78
N LEU A 119 19.50 -12.15 17.75
CA LEU A 119 18.28 -11.43 18.08
C LEU A 119 18.42 -10.55 19.33
N ASN A 120 19.64 -10.41 19.84
CA ASN A 120 20.01 -9.45 20.88
C ASN A 120 19.21 -9.63 22.17
N THR A 121 19.00 -10.89 22.56
CA THR A 121 18.24 -11.20 23.75
C THR A 121 18.90 -12.37 24.46
N ASP A 122 18.62 -12.50 25.75
CA ASP A 122 19.11 -13.64 26.51
C ASP A 122 18.08 -14.74 26.69
N TYR A 123 16.87 -14.58 26.17
CA TYR A 123 15.87 -15.65 26.19
C TYR A 123 14.99 -15.54 24.95
N LEU A 124 14.53 -16.69 24.45
CA LEU A 124 13.57 -16.75 23.35
C LEU A 124 12.24 -17.27 23.88
N ASP A 125 11.13 -16.74 23.36
CA ASP A 125 9.82 -17.16 23.86
C ASP A 125 9.47 -18.58 23.43
N LEU A 126 9.77 -18.93 22.17
CA LEU A 126 9.39 -20.21 21.60
C LEU A 126 10.38 -20.63 20.55
N VAL A 127 10.79 -21.89 20.60
CA VAL A 127 11.66 -22.52 19.60
C VAL A 127 10.99 -23.79 19.16
N TYR A 128 10.84 -23.95 17.84
CA TYR A 128 10.33 -25.18 17.25
C TYR A 128 11.46 -25.96 16.59
N MET A 129 11.31 -27.27 16.52
CA MET A 129 12.12 -28.01 15.55
C MET A 129 11.44 -27.91 14.18
N HIS A 130 12.23 -27.54 13.16
CA HIS A 130 11.73 -27.13 11.86
C HIS A 130 11.47 -28.33 10.95
N ASP A 131 10.23 -28.47 10.47
CA ASP A 131 9.85 -29.43 9.43
C ASP A 131 10.33 -30.84 9.76
N VAL A 132 9.80 -31.35 10.88
CA VAL A 132 10.09 -32.68 11.43
C VAL A 132 9.96 -33.82 10.41
N GLU A 133 9.17 -33.63 9.34
CA GLU A 133 8.93 -34.76 8.43
C GLU A 133 10.17 -35.15 7.65
N PHE A 134 11.21 -34.31 7.64
CA PHE A 134 12.41 -34.59 6.85
C PHE A 134 13.46 -35.41 7.59
N VAL A 135 13.28 -35.71 8.87
CA VAL A 135 14.26 -36.52 9.57
C VAL A 135 13.54 -37.74 10.12
N GLU A 136 14.31 -38.81 10.31
CA GLU A 136 13.76 -40.00 10.94
C GLU A 136 13.20 -39.62 12.30
N THR A 137 11.97 -40.05 12.56
CA THR A 137 11.27 -39.62 13.76
C THR A 137 12.14 -39.72 15.01
N PRO A 138 12.84 -40.85 15.30
CA PRO A 138 13.65 -40.91 16.53
C PRO A 138 14.50 -39.68 16.76
N GLU A 139 15.11 -39.15 15.69
CA GLU A 139 15.89 -37.94 15.79
C GLU A 139 15.04 -36.74 16.23
N VAL A 140 13.73 -36.75 15.95
CA VAL A 140 12.88 -35.65 16.40
C VAL A 140 12.85 -35.59 17.93
N TYR A 141 12.62 -36.73 18.57
CA TYR A 141 12.48 -36.76 20.03
C TYR A 141 13.80 -36.42 20.73
N ASP A 142 14.94 -36.82 20.16
CA ASP A 142 16.22 -36.50 20.77
C ASP A 142 16.48 -34.99 20.70
N ALA A 143 16.10 -34.35 19.60
CA ALA A 143 16.19 -32.89 19.51
C ALA A 143 15.19 -32.21 20.46
N LEU A 144 14.02 -32.83 20.68
CA LEU A 144 13.04 -32.25 21.58
C LEU A 144 13.52 -32.32 23.02
N ARG A 145 14.14 -33.45 23.40
CA ARG A 145 14.78 -33.55 24.71
C ARG A 145 15.72 -32.38 24.97
N GLU A 146 16.49 -31.97 23.96
CA GLU A 146 17.42 -30.85 24.13
C GLU A 146 16.68 -29.53 24.32
N LEU A 147 15.59 -29.30 23.56
CA LEU A 147 14.77 -28.12 23.80
C LEU A 147 14.13 -28.16 25.17
N ARG A 148 13.63 -29.32 25.60
CA ARG A 148 13.09 -29.44 26.96
C ARG A 148 14.14 -29.06 27.97
N LEU A 149 15.40 -29.41 27.69
CA LEU A 149 16.50 -29.01 28.57
C LEU A 149 16.77 -27.51 28.50
N MET A 150 16.70 -26.93 27.30
CA MET A 150 16.96 -25.50 27.21
C MET A 150 15.82 -24.71 27.86
N LYS A 151 14.59 -25.25 27.81
CA LYS A 151 13.50 -24.66 28.57
C LYS A 151 13.77 -24.78 30.06
N GLU A 152 14.18 -25.96 30.54
CA GLU A 152 14.57 -26.12 31.94
C GLU A 152 15.60 -25.09 32.37
N GLU A 153 16.61 -24.86 31.53
CA GLU A 153 17.69 -23.92 31.82
C GLU A 153 17.26 -22.46 31.64
N GLY A 154 16.01 -22.20 31.25
CA GLY A 154 15.51 -20.85 31.16
C GLY A 154 15.95 -20.11 29.91
N LEU A 155 16.69 -20.76 29.01
CA LEU A 155 17.03 -20.14 27.73
C LEU A 155 15.80 -19.96 26.84
N ILE A 156 14.79 -20.85 26.96
CA ILE A 156 13.55 -20.71 26.20
C ILE A 156 12.36 -20.88 27.13
N LYS A 157 11.27 -20.15 26.81
CA LYS A 157 10.07 -20.19 27.62
C LYS A 157 9.14 -21.33 27.22
N ALA A 158 9.32 -21.88 26.02
CA ALA A 158 8.42 -22.86 25.45
C ALA A 158 9.08 -23.51 24.24
N PHE A 159 8.69 -24.75 23.97
CA PHE A 159 9.28 -25.52 22.88
C PHE A 159 8.19 -26.30 22.17
N GLY A 160 8.53 -26.78 20.98
CA GLY A 160 7.64 -27.61 20.19
C GLY A 160 8.28 -27.84 18.83
N PHE A 161 7.46 -28.06 17.82
CA PHE A 161 7.94 -28.46 16.50
C PHE A 161 6.94 -28.04 15.45
N SER A 162 7.37 -28.10 14.18
CA SER A 162 6.58 -27.63 13.05
C SER A 162 6.74 -28.59 11.88
N GLY A 163 5.79 -28.55 10.96
CA GLY A 163 5.88 -29.34 9.75
C GLY A 163 4.51 -29.55 9.12
N TYR A 164 4.52 -30.29 8.00
CA TYR A 164 3.37 -30.26 7.11
C TYR A 164 2.39 -31.42 7.33
N PRO A 165 2.80 -32.70 7.36
CA PRO A 165 1.79 -33.76 7.57
C PRO A 165 1.20 -33.75 8.98
N VAL A 166 -0.08 -33.38 9.10
CA VAL A 166 -0.68 -33.16 10.42
C VAL A 166 -0.80 -34.47 11.19
N LYS A 167 -0.89 -35.60 10.50
CA LYS A 167 -0.97 -36.86 11.22
C LYS A 167 0.38 -37.21 11.87
N LEU A 168 1.49 -36.93 11.18
CA LEU A 168 2.81 -37.09 11.81
C LEU A 168 2.98 -36.16 12.99
N LEU A 169 2.55 -34.90 12.84
CA LEU A 169 2.62 -33.97 13.96
C LEU A 169 1.86 -34.54 15.16
N TYR A 170 0.74 -35.22 14.93
CA TYR A 170 -0.05 -35.80 16.03
C TYR A 170 0.68 -36.98 16.68
N GLU A 171 1.11 -37.95 15.88
CA GLU A 171 1.99 -39.01 16.35
C GLU A 171 3.06 -38.45 17.29
N ILE A 172 3.81 -37.45 16.82
CA ILE A 172 4.94 -36.95 17.60
C ILE A 172 4.47 -36.34 18.91
N ALA A 173 3.48 -35.44 18.86
CA ALA A 173 3.03 -34.78 20.07
C ALA A 173 2.45 -35.78 21.06
N TYR A 174 1.70 -36.77 20.54
CA TYR A 174 1.12 -37.79 21.41
C TYR A 174 2.21 -38.60 22.10
N LYS A 175 3.23 -39.02 21.35
CA LYS A 175 4.33 -39.77 21.93
C LYS A 175 5.06 -39.00 23.02
N CYS A 176 5.16 -37.67 22.89
CA CYS A 176 5.87 -36.88 23.91
C CYS A 176 5.09 -36.84 25.21
N ALA A 177 3.77 -36.82 25.11
CA ALA A 177 2.88 -36.75 26.25
C ALA A 177 2.58 -38.11 26.84
N HIS A 178 3.10 -39.19 26.25
CA HIS A 178 2.80 -40.53 26.77
C HIS A 178 4.07 -41.36 26.94
N ASP A 179 4.57 -42.03 25.86
CA ASP A 179 5.76 -42.89 26.02
C ASP A 179 6.96 -42.15 26.57
N TYR A 180 7.09 -40.85 26.29
CA TYR A 180 8.28 -40.08 26.65
C TYR A 180 7.93 -38.98 27.64
N VAL A 181 6.92 -39.23 28.46
CA VAL A 181 6.44 -38.22 29.38
C VAL A 181 7.54 -37.80 30.35
N GLU A 182 8.32 -38.76 30.85
CA GLU A 182 9.36 -38.43 31.82
C GLU A 182 10.38 -37.50 31.20
N ASP A 183 10.85 -37.86 30.00
CA ASP A 183 11.96 -37.25 29.31
C ASP A 183 11.55 -35.98 28.55
N ILE A 184 10.34 -35.94 27.98
CA ILE A 184 9.89 -34.80 27.17
C ILE A 184 8.62 -34.18 27.74
N GLY A 185 7.54 -34.96 27.81
CA GLY A 185 6.25 -34.42 28.21
C GLY A 185 5.63 -33.62 27.07
N ARG A 186 4.40 -33.16 27.33
CA ARG A 186 3.65 -32.37 26.34
C ARG A 186 4.51 -31.25 25.78
N VAL A 187 4.50 -31.10 24.44
CA VAL A 187 5.11 -29.92 23.86
C VAL A 187 4.21 -28.72 24.13
N ASP A 188 4.81 -27.54 24.19
CA ASP A 188 4.01 -26.34 24.36
C ASP A 188 3.20 -26.03 23.13
N ALA A 189 3.74 -26.31 21.94
CA ALA A 189 3.15 -25.65 20.78
C ALA A 189 3.55 -26.38 19.51
N ILE A 190 2.67 -26.33 18.51
CA ILE A 190 3.03 -26.82 17.20
C ILE A 190 2.61 -25.79 16.16
N LEU A 191 3.38 -25.71 15.08
CA LEU A 191 3.02 -24.85 13.96
C LEU A 191 2.68 -25.78 12.82
N SER A 192 1.43 -25.73 12.37
CA SER A 192 0.95 -26.47 11.21
C SER A 192 0.71 -25.47 10.07
N TYR A 193 0.88 -25.91 8.83
CA TYR A 193 0.65 -24.99 7.72
C TYR A 193 0.03 -25.72 6.54
N SER A 194 -0.70 -24.97 5.72
CA SER A 194 -1.45 -25.45 4.56
C SER A 194 -2.48 -26.50 4.94
N HIS A 195 -2.82 -26.63 6.22
CA HIS A 195 -3.89 -27.54 6.62
C HIS A 195 -4.99 -26.83 7.38
N GLY A 196 -4.95 -25.50 7.43
CA GLY A 196 -5.91 -24.68 8.10
C GLY A 196 -6.42 -23.56 7.21
N CYS A 197 -6.91 -23.94 6.02
CA CYS A 197 -7.31 -23.00 4.98
C CYS A 197 -8.52 -23.53 4.23
N ILE A 198 -9.07 -22.68 3.35
CA ILE A 198 -10.25 -23.06 2.58
C ILE A 198 -10.00 -24.29 1.70
N GLN A 199 -8.74 -24.55 1.32
CA GLN A 199 -8.47 -25.73 0.51
C GLN A 199 -8.14 -26.96 1.34
N ASN A 200 -7.80 -26.80 2.62
CA ASN A 200 -7.49 -27.93 3.50
C ASN A 200 -7.80 -27.54 4.94
N THR A 201 -8.76 -28.25 5.55
CA THR A 201 -9.20 -28.01 6.91
C THR A 201 -8.79 -29.12 7.87
N ALA A 202 -7.91 -30.03 7.43
CA ALA A 202 -7.50 -31.18 8.27
C ALA A 202 -7.04 -30.74 9.65
N LEU A 203 -6.36 -29.59 9.74
CA LEU A 203 -5.94 -29.08 11.05
C LEU A 203 -7.15 -28.78 11.92
N PHE A 204 -8.13 -28.06 11.35
CA PHE A 204 -9.33 -27.69 12.10
C PHE A 204 -9.99 -28.91 12.71
N GLU A 205 -10.04 -30.02 11.96
CA GLU A 205 -10.71 -31.22 12.44
C GLU A 205 -9.91 -31.94 13.53
N LEU A 206 -8.59 -31.77 13.54
CA LEU A 206 -7.76 -32.42 14.54
C LEU A 206 -7.49 -31.51 15.74
N TYR A 207 -8.04 -30.28 15.74
CA TYR A 207 -7.78 -29.32 16.80
C TYR A 207 -8.00 -29.93 18.19
N ASP A 208 -9.16 -30.54 18.42
CA ASP A 208 -9.43 -31.03 19.79
C ASP A 208 -8.49 -32.18 20.13
N ASP A 209 -8.09 -32.99 19.15
CA ASP A 209 -7.18 -34.09 19.49
C ASP A 209 -5.82 -33.55 19.90
N PHE A 210 -5.32 -32.55 19.18
CA PHE A 210 -4.05 -31.93 19.54
C PHE A 210 -4.10 -31.35 20.96
N ILE A 211 -5.17 -30.60 21.26
CA ILE A 211 -5.29 -29.96 22.57
C ILE A 211 -5.56 -30.97 23.67
N ASN A 212 -6.57 -31.82 23.49
CA ASN A 212 -7.02 -32.73 24.53
C ASN A 212 -6.17 -34.01 24.64
N LYS A 213 -5.90 -34.69 23.51
CA LYS A 213 -5.21 -35.98 23.63
C LYS A 213 -3.71 -35.80 23.79
N CYS A 214 -3.10 -34.85 23.07
CA CYS A 214 -1.67 -34.58 23.12
C CYS A 214 -1.27 -33.54 24.17
N GLY A 215 -2.24 -32.82 24.72
CA GLY A 215 -1.95 -31.85 25.77
C GLY A 215 -1.23 -30.57 25.34
N ILE A 216 -1.23 -30.27 24.05
CA ILE A 216 -0.59 -29.06 23.54
C ILE A 216 -1.36 -27.84 24.03
N LYS A 217 -0.64 -26.80 24.48
CA LYS A 217 -1.35 -25.65 25.01
C LYS A 217 -1.59 -24.56 23.98
N LYS A 218 -0.89 -24.59 22.83
CA LYS A 218 -1.04 -23.54 21.82
C LYS A 218 -0.74 -24.14 20.46
N ILE A 219 -1.59 -23.85 19.48
CA ILE A 219 -1.39 -24.34 18.12
C ILE A 219 -1.37 -23.15 17.16
N LEU A 220 -0.43 -23.19 16.22
CA LEU A 220 -0.23 -22.12 15.23
C LEU A 220 -0.56 -22.64 13.83
N ASN A 221 -1.26 -21.80 13.08
CA ASN A 221 -1.63 -22.10 11.70
C ASN A 221 -0.92 -21.10 10.79
N GLY A 222 -0.05 -21.60 9.91
CA GLY A 222 0.61 -20.76 8.95
C GLY A 222 0.19 -21.07 7.52
N SER A 223 0.64 -20.21 6.60
CA SER A 223 0.33 -20.33 5.18
C SER A 223 -1.16 -20.57 4.98
N ILE A 224 -1.96 -19.64 5.51
CA ILE A 224 -3.42 -19.69 5.39
C ILE A 224 -3.88 -19.47 3.95
N LEU A 225 -2.98 -18.98 3.11
CA LEU A 225 -3.23 -18.95 1.68
C LEU A 225 -2.35 -19.95 0.95
N SER A 226 -1.76 -20.92 1.67
CA SER A 226 -1.08 -22.08 1.08
C SER A 226 0.10 -21.63 0.22
N MET A 227 0.92 -20.74 0.77
CA MET A 227 2.05 -20.14 0.07
C MET A 227 1.57 -19.40 -1.19
N SER A 228 0.62 -18.47 -0.99
CA SER A 228 0.02 -17.66 -2.05
C SER A 228 -0.59 -18.49 -3.19
N LEU A 229 -1.15 -19.65 -2.84
CA LEU A 229 -1.91 -20.43 -3.81
C LEU A 229 -3.39 -20.06 -3.82
N LEU A 230 -3.93 -19.64 -2.66
CA LEU A 230 -5.31 -19.17 -2.57
C LEU A 230 -5.40 -17.69 -2.96
N ARG A 231 -5.08 -17.44 -4.22
CA ARG A 231 -4.96 -16.06 -4.71
C ARG A 231 -5.17 -16.04 -6.21
N SER A 232 -5.88 -15.01 -6.68
CA SER A 232 -6.17 -14.88 -8.10
C SER A 232 -4.92 -14.67 -8.95
N GLY A 233 -3.81 -14.20 -8.36
CA GLY A 233 -2.68 -13.76 -9.15
C GLY A 233 -1.83 -14.83 -9.84
N LYS A 234 -2.23 -16.11 -9.76
CA LYS A 234 -1.34 -17.22 -10.09
C LYS A 234 0.01 -16.97 -9.43
N THR A 235 -0.04 -16.50 -8.18
CA THR A 235 1.06 -15.85 -7.49
C THR A 235 2.04 -16.84 -6.85
N HIS A 236 1.68 -18.13 -6.77
CA HIS A 236 2.54 -19.13 -6.15
C HIS A 236 3.89 -19.17 -6.85
N ALA A 237 4.96 -19.24 -6.06
CA ALA A 237 6.29 -19.38 -6.64
C ALA A 237 6.46 -20.79 -7.20
N PHE A 238 7.15 -21.65 -6.47
CA PHE A 238 7.39 -23.03 -6.89
C PHE A 238 6.65 -23.93 -5.93
N HIS A 239 5.37 -23.92 -6.08
CA HIS A 239 4.46 -24.59 -5.16
C HIS A 239 4.45 -26.09 -5.43
N PRO A 240 4.43 -26.92 -4.39
CA PRO A 240 4.48 -28.37 -4.58
C PRO A 240 3.14 -29.01 -4.93
N ALA A 241 2.04 -28.27 -4.84
CA ALA A 241 0.72 -28.82 -5.15
C ALA A 241 0.71 -29.43 -6.55
N SER A 242 -0.06 -30.51 -6.72
CA SER A 242 -0.23 -31.15 -8.01
C SER A 242 -0.73 -30.15 -9.05
N VAL A 243 -0.53 -30.49 -10.33
CA VAL A 243 -0.99 -29.61 -11.41
C VAL A 243 -2.52 -29.52 -11.41
N GLU A 244 -3.21 -30.63 -11.10
CA GLU A 244 -4.66 -30.61 -11.09
C GLU A 244 -5.20 -29.70 -10.00
N LEU A 245 -4.56 -29.71 -8.83
CA LEU A 245 -5.04 -28.83 -7.76
C LEU A 245 -4.71 -27.38 -8.09
N LYS A 246 -3.50 -27.13 -8.60
CA LYS A 246 -3.11 -25.78 -9.03
C LYS A 246 -4.08 -25.24 -10.07
N ALA A 247 -4.35 -26.03 -11.11
CA ALA A 247 -5.35 -25.65 -12.11
C ALA A 247 -6.70 -25.40 -11.46
N LYS A 248 -7.15 -26.33 -10.61
CA LYS A 248 -8.48 -26.18 -10.05
C LYS A 248 -8.58 -24.93 -9.19
N VAL A 249 -7.51 -24.63 -8.44
CA VAL A 249 -7.49 -23.41 -7.63
C VAL A 249 -7.59 -22.17 -8.51
N ASP A 250 -6.77 -22.10 -9.56
CA ASP A 250 -6.81 -20.91 -10.40
C ASP A 250 -8.10 -20.81 -11.21
N GLU A 251 -8.68 -21.94 -11.63
CA GLU A 251 -9.98 -21.87 -12.29
C GLU A 251 -11.01 -21.20 -11.38
N VAL A 252 -11.02 -21.58 -10.10
CA VAL A 252 -11.92 -20.96 -9.14
C VAL A 252 -11.55 -19.50 -8.94
N ALA A 253 -10.25 -19.22 -8.86
CA ALA A 253 -9.80 -17.85 -8.66
C ALA A 253 -10.27 -16.94 -9.78
N GLN A 254 -10.24 -17.43 -11.02
CA GLN A 254 -10.71 -16.59 -12.12
C GLN A 254 -12.22 -16.57 -12.20
N ASP A 255 -12.88 -17.64 -11.72
CA ASP A 255 -14.34 -17.60 -11.67
C ASP A 255 -14.81 -16.48 -10.75
N LEU A 256 -14.24 -16.40 -9.54
CA LEU A 256 -14.67 -15.39 -8.57
C LEU A 256 -14.32 -13.99 -9.02
N LYS A 257 -13.26 -13.85 -9.81
CA LYS A 257 -12.92 -12.56 -10.39
C LYS A 257 -13.95 -12.17 -11.44
N LYS A 258 -14.16 -13.02 -12.45
CA LYS A 258 -15.10 -12.72 -13.52
C LYS A 258 -16.51 -12.50 -12.98
N THR A 259 -17.03 -13.48 -12.25
CA THR A 259 -18.44 -13.49 -11.88
C THR A 259 -18.76 -12.38 -10.88
N SER A 260 -17.98 -12.26 -9.82
CA SER A 260 -18.36 -11.42 -8.68
C SER A 260 -17.34 -10.34 -8.37
N ASN A 261 -16.32 -10.18 -9.20
CA ASN A 261 -15.18 -9.29 -8.94
C ASN A 261 -14.62 -9.51 -7.52
N ILE A 262 -14.53 -10.79 -7.12
CA ILE A 262 -13.98 -11.17 -5.82
C ILE A 262 -12.55 -11.65 -5.99
N GLU A 263 -11.68 -11.20 -5.11
CA GLU A 263 -10.34 -11.76 -4.98
C GLU A 263 -10.41 -12.93 -4.01
N LEU A 264 -9.99 -14.13 -4.45
CA LEU A 264 -10.09 -15.32 -3.61
C LEU A 264 -9.49 -15.10 -2.22
N ALA A 265 -8.35 -14.37 -2.16
CA ALA A 265 -7.59 -14.29 -0.91
C ALA A 265 -8.38 -13.61 0.21
N GLU A 266 -9.30 -12.71 -0.13
CA GLU A 266 -10.07 -12.07 0.95
C GLU A 266 -11.02 -13.06 1.64
N PRO A 267 -11.96 -13.70 0.92
CA PRO A 267 -12.78 -14.72 1.62
C PRO A 267 -11.93 -15.85 2.19
N ALA A 268 -10.84 -16.23 1.51
CA ALA A 268 -9.99 -17.30 2.04
C ALA A 268 -9.35 -16.90 3.36
N THR A 269 -8.84 -15.66 3.44
CA THR A 269 -8.24 -15.16 4.69
C THR A 269 -9.30 -15.06 5.79
N ARG A 270 -10.48 -14.53 5.47
CA ARG A 270 -11.57 -14.46 6.45
C ARG A 270 -12.03 -15.86 6.89
N PHE A 271 -12.04 -16.83 5.98
CA PHE A 271 -12.39 -18.21 6.34
C PHE A 271 -11.37 -18.80 7.33
N ALA A 272 -10.08 -18.63 7.06
CA ALA A 272 -9.07 -19.15 7.99
C ALA A 272 -9.22 -18.51 9.37
N MET A 273 -9.42 -17.19 9.43
CA MET A 273 -9.35 -16.52 10.73
C MET A 273 -10.57 -16.90 11.58
N LYS A 274 -11.74 -17.07 10.93
CA LYS A 274 -12.95 -17.37 11.68
C LYS A 274 -12.98 -18.82 12.12
N ARG A 275 -12.64 -19.73 11.23
CA ARG A 275 -12.68 -21.13 11.62
C ARG A 275 -11.66 -21.44 12.71
N TRP A 276 -10.48 -20.80 12.66
CA TRP A 276 -9.36 -21.16 13.53
C TRP A 276 -9.32 -20.34 14.82
N LEU A 277 -9.24 -19.01 14.72
CA LEU A 277 -9.07 -18.17 15.91
C LEU A 277 -10.33 -18.08 16.76
N PHE A 278 -11.50 -18.40 16.18
CA PHE A 278 -12.77 -18.20 16.86
C PHE A 278 -13.58 -19.48 17.00
N GLN A 279 -13.90 -20.15 15.89
CA GLN A 279 -14.81 -21.29 15.85
C GLN A 279 -14.19 -22.60 16.34
N THR A 280 -12.96 -22.57 16.87
CA THR A 280 -12.41 -23.70 17.60
C THR A 280 -12.94 -23.77 19.02
N GLN A 281 -13.73 -22.80 19.45
CA GLN A 281 -14.37 -22.82 20.75
C GLN A 281 -15.82 -22.40 20.54
N PRO A 282 -16.71 -22.71 21.48
CA PRO A 282 -18.11 -22.27 21.33
C PRO A 282 -18.16 -20.76 21.16
N GLN A 283 -19.12 -20.28 20.38
CA GLN A 283 -19.34 -18.85 20.21
C GLN A 283 -20.82 -18.52 20.34
N LYS A 284 -21.11 -17.23 20.40
CA LYS A 284 -22.48 -16.75 20.24
C LYS A 284 -22.53 -15.74 19.10
N ASP A 285 -23.40 -14.73 19.20
CA ASP A 285 -23.37 -13.70 18.17
C ASP A 285 -22.19 -12.76 18.37
N PRO A 286 -21.65 -12.20 17.28
CA PRO A 286 -20.64 -11.17 17.36
C PRO A 286 -20.90 -10.19 18.49
N PRO A 287 -19.86 -9.67 19.14
CA PRO A 287 -18.44 -9.82 18.79
C PRO A 287 -17.89 -11.18 19.24
N LEU A 288 -17.27 -11.90 18.29
CA LEU A 288 -16.75 -13.22 18.59
C LEU A 288 -15.56 -13.12 19.55
N LYS A 289 -15.34 -14.20 20.30
CA LYS A 289 -14.34 -14.24 21.37
C LYS A 289 -13.17 -15.10 20.88
N TRP A 290 -11.97 -14.52 20.85
CA TRP A 290 -10.82 -15.23 20.30
C TRP A 290 -10.40 -16.39 21.23
N ASN A 291 -10.22 -17.58 20.65
CA ASN A 291 -9.73 -18.76 21.38
C ASN A 291 -8.21 -18.67 21.53
N GLN A 292 -7.75 -18.35 22.76
CA GLN A 292 -6.33 -18.05 22.99
C GLN A 292 -5.41 -19.26 22.79
N ARG A 293 -5.94 -20.47 22.64
CA ARG A 293 -5.07 -21.59 22.35
C ARG A 293 -4.66 -21.63 20.87
N THR A 294 -4.98 -20.60 20.09
CA THR A 294 -4.74 -20.58 18.65
C THR A 294 -4.09 -19.28 18.22
N SER A 295 -3.33 -19.34 17.12
CA SER A 295 -2.72 -18.15 16.52
C SER A 295 -2.43 -18.46 15.05
N ILE A 296 -2.24 -17.40 14.28
CA ILE A 296 -1.94 -17.51 12.85
C ILE A 296 -0.65 -16.74 12.57
N VAL A 297 0.25 -17.38 11.83
CA VAL A 297 1.49 -16.75 11.38
C VAL A 297 1.23 -16.22 9.97
N LEU A 298 1.19 -14.91 9.83
CA LEU A 298 1.04 -14.33 8.51
C LEU A 298 2.09 -13.26 8.28
N GLY A 299 2.59 -13.19 7.05
CA GLY A 299 3.54 -12.15 6.69
C GLY A 299 2.84 -10.82 6.55
N VAL A 300 3.51 -9.76 7.02
CA VAL A 300 3.00 -8.40 6.86
C VAL A 300 4.15 -7.46 6.57
N SER A 301 4.72 -7.55 5.36
CA SER A 301 5.87 -6.72 5.02
C SER A 301 5.49 -5.29 4.57
N THR A 302 4.20 -4.98 4.41
CA THR A 302 3.76 -3.61 4.11
C THR A 302 2.58 -3.24 5.00
N VAL A 303 2.38 -1.93 5.21
CA VAL A 303 1.24 -1.45 5.98
C VAL A 303 -0.07 -1.87 5.32
N GLU A 304 -0.10 -1.87 3.97
CA GLU A 304 -1.26 -2.37 3.25
C GLU A 304 -1.60 -3.80 3.66
N GLU A 305 -0.60 -4.70 3.67
CA GLU A 305 -0.84 -6.06 4.15
C GLU A 305 -1.26 -6.07 5.61
N LEU A 306 -0.56 -5.30 6.45
CA LEU A 306 -0.94 -5.22 7.86
C LEU A 306 -2.39 -4.82 8.02
N ASN A 307 -2.79 -3.70 7.36
CA ASN A 307 -4.13 -3.17 7.51
C ASN A 307 -5.17 -4.13 6.95
N SER A 308 -4.94 -4.64 5.74
CA SER A 308 -5.77 -5.71 5.19
C SER A 308 -5.96 -6.85 6.18
N ALA A 309 -4.88 -7.29 6.82
CA ALA A 309 -4.98 -8.34 7.84
C ALA A 309 -5.86 -7.90 9.00
N LEU A 310 -5.57 -6.71 9.53
CA LEU A 310 -6.34 -6.14 10.64
C LEU A 310 -7.81 -6.01 10.25
N LYS A 311 -8.08 -5.66 8.99
CA LYS A 311 -9.46 -5.51 8.51
C LYS A 311 -10.18 -6.83 8.47
N SER A 312 -9.54 -7.86 7.90
CA SER A 312 -10.17 -9.17 7.82
C SER A 312 -10.43 -9.73 9.23
N TYR A 313 -9.52 -9.46 10.17
CA TYR A 313 -9.75 -9.85 11.56
C TYR A 313 -10.99 -9.16 12.14
N ALA A 314 -11.10 -7.84 11.95
CA ALA A 314 -12.22 -7.09 12.53
C ALA A 314 -13.56 -7.57 11.96
N ASP A 315 -13.59 -7.86 10.66
CA ASP A 315 -14.80 -8.29 9.98
C ASP A 315 -15.32 -9.61 10.56
N VAL A 316 -14.50 -10.66 10.48
CA VAL A 316 -14.82 -11.97 11.03
C VAL A 316 -15.25 -11.87 12.50
N LYS A 317 -14.61 -10.98 13.27
CA LYS A 317 -14.90 -10.88 14.70
C LYS A 317 -16.21 -10.16 14.99
N GLU A 318 -16.60 -9.17 14.19
CA GLU A 318 -17.77 -8.39 14.58
C GLU A 318 -18.88 -8.29 13.56
N LYS A 319 -18.69 -8.73 12.32
CA LYS A 319 -19.76 -8.64 11.32
C LYS A 319 -20.49 -9.97 11.19
N ASP A 320 -21.71 -9.91 10.65
CA ASP A 320 -22.62 -11.06 10.77
C ASP A 320 -22.09 -12.29 10.04
N GLY A 321 -21.54 -12.12 8.85
CA GLY A 321 -20.92 -13.26 8.20
C GLY A 321 -21.85 -14.35 7.71
N ALA A 322 -23.15 -14.06 7.66
CA ALA A 322 -24.08 -14.98 7.01
C ALA A 322 -23.78 -15.09 5.51
N GLU A 323 -23.46 -13.95 4.87
CA GLU A 323 -23.13 -13.96 3.44
C GLU A 323 -21.78 -14.62 3.21
N ASP A 324 -20.82 -14.35 4.11
CA ASP A 324 -19.56 -15.10 4.12
C ASP A 324 -19.80 -16.60 4.09
N GLU A 325 -20.69 -17.10 4.96
CA GLU A 325 -20.84 -18.55 5.07
C GLU A 325 -21.36 -19.14 3.77
N LYS A 326 -22.33 -18.47 3.14
CA LYS A 326 -22.79 -18.93 1.82
C LYS A 326 -21.63 -18.92 0.83
N LEU A 327 -20.81 -17.86 0.86
CA LEU A 327 -19.70 -17.77 -0.09
C LEU A 327 -18.69 -18.87 0.19
N PHE A 328 -18.29 -19.04 1.47
CA PHE A 328 -17.34 -20.10 1.84
C PHE A 328 -17.78 -21.44 1.26
N GLU A 329 -19.09 -21.71 1.30
CA GLU A 329 -19.59 -23.00 0.81
C GLU A 329 -19.50 -23.10 -0.70
N GLU A 330 -19.69 -21.99 -1.40
CA GLU A 330 -19.50 -21.98 -2.86
C GLU A 330 -18.06 -22.30 -3.23
N ILE A 331 -17.10 -21.64 -2.57
CA ILE A 331 -15.69 -21.92 -2.89
C ILE A 331 -15.39 -23.39 -2.67
N ILE A 332 -15.95 -23.96 -1.59
CA ILE A 332 -15.54 -25.31 -1.20
C ILE A 332 -16.10 -26.34 -2.19
N LYS A 333 -17.36 -26.19 -2.57
CA LYS A 333 -17.93 -27.11 -3.54
C LYS A 333 -17.34 -26.89 -4.93
N LYS A 334 -16.99 -25.63 -5.27
CA LYS A 334 -16.27 -25.39 -6.52
C LYS A 334 -14.94 -26.13 -6.53
N LEU A 335 -14.26 -26.16 -5.38
CA LEU A 335 -13.00 -26.90 -5.31
C LEU A 335 -13.24 -28.37 -5.61
N GLY A 336 -14.37 -28.91 -5.16
CA GLY A 336 -14.71 -30.28 -5.49
C GLY A 336 -13.76 -31.27 -4.84
N SER A 337 -13.39 -32.29 -5.61
CA SER A 337 -12.59 -33.40 -5.10
C SER A 337 -11.18 -32.98 -4.69
N HIS A 338 -10.76 -31.76 -5.03
CA HIS A 338 -9.47 -31.23 -4.64
C HIS A 338 -9.48 -30.58 -3.27
N PHE A 339 -10.65 -30.52 -2.61
CA PHE A 339 -10.72 -30.06 -1.23
C PHE A 339 -10.02 -31.08 -0.35
N ASN A 340 -9.11 -30.62 0.51
CA ASN A 340 -8.34 -31.44 1.49
C ASN A 340 -7.24 -32.28 0.82
N GLU A 341 -6.94 -32.04 -0.46
CA GLU A 341 -5.81 -32.72 -1.09
C GLU A 341 -4.50 -32.17 -0.55
N THR A 342 -3.57 -33.06 -0.23
CA THR A 342 -2.23 -32.71 0.21
C THR A 342 -1.22 -33.00 -0.90
N TRP A 343 0.04 -32.70 -0.63
CA TRP A 343 1.18 -33.11 -1.43
C TRP A 343 2.18 -33.84 -0.53
N PRO A 344 3.06 -34.66 -1.09
CA PRO A 344 4.08 -35.31 -0.26
C PRO A 344 5.12 -34.31 0.26
N SER A 345 5.71 -34.64 1.41
CA SER A 345 6.71 -33.81 2.07
C SER A 345 7.65 -34.65 2.89
N GLY A 346 8.95 -34.39 2.74
CA GLY A 346 9.95 -35.07 3.54
C GLY A 346 9.99 -36.56 3.31
N LEU A 347 10.05 -37.31 4.42
CA LEU A 347 10.15 -38.76 4.44
C LEU A 347 8.84 -39.45 4.78
N TYR A 348 7.82 -38.68 5.16
CA TYR A 348 6.61 -39.25 5.76
C TYR A 348 5.62 -39.75 4.71
N SER A 349 4.95 -40.86 5.05
CA SER A 349 3.85 -41.40 4.25
C SER A 349 2.62 -40.48 4.19
N MET B 1 7.90 64.30 -40.08
CA MET B 1 6.47 64.23 -39.76
C MET B 1 5.66 63.63 -40.91
N ASN B 2 5.18 64.49 -41.81
CA ASN B 2 4.28 64.09 -42.89
C ASN B 2 3.09 63.29 -42.37
N PHE B 3 3.17 61.98 -42.47
CA PHE B 3 2.19 61.04 -41.93
C PHE B 3 2.55 60.72 -40.47
N PRO B 4 1.60 60.52 -39.57
CA PRO B 4 1.96 60.09 -38.21
C PRO B 4 2.33 58.62 -38.19
N PRO B 5 3.07 58.15 -37.18
CA PRO B 5 3.41 56.72 -37.10
C PRO B 5 2.16 55.85 -37.05
N ILE B 6 2.16 54.77 -37.85
CA ILE B 6 1.05 53.82 -37.84
C ILE B 6 1.10 52.87 -36.65
N GLY B 7 2.10 53.00 -35.79
CA GLY B 7 2.34 52.05 -34.74
C GLY B 7 3.55 52.46 -33.92
N PRO B 8 3.93 51.66 -32.94
CA PRO B 8 5.09 52.05 -32.12
C PRO B 8 6.38 51.92 -32.92
N THR B 9 7.35 52.75 -32.54
CA THR B 9 8.66 52.82 -33.16
C THR B 9 9.71 52.05 -32.34
N ARG B 10 9.27 50.97 -31.70
CA ARG B 10 10.09 50.15 -30.82
C ARG B 10 9.48 48.76 -30.72
N VAL B 11 10.30 47.81 -30.25
CA VAL B 11 9.84 46.47 -29.99
C VAL B 11 9.14 46.47 -28.63
N LEU B 12 7.85 46.18 -28.63
CA LEU B 12 7.07 46.18 -27.40
C LEU B 12 7.66 45.22 -26.38
N GLN B 13 7.56 45.59 -25.13
CA GLN B 13 7.91 44.64 -24.10
C GLN B 13 6.64 44.30 -23.34
N PRO B 14 6.31 43.01 -23.14
CA PRO B 14 7.13 41.82 -23.38
C PRO B 14 7.23 41.41 -24.85
N TYR B 15 8.36 40.81 -25.22
CA TYR B 15 8.58 40.44 -26.61
C TYR B 15 7.52 39.45 -27.10
N SER B 16 7.04 39.66 -28.32
CA SER B 16 6.16 38.69 -28.98
C SER B 16 6.22 38.92 -30.49
N ILE B 17 6.45 37.84 -31.24
CA ILE B 17 6.55 37.93 -32.68
C ILE B 17 5.26 38.49 -33.32
N VAL B 18 4.11 38.35 -32.64
CA VAL B 18 2.86 38.91 -33.16
C VAL B 18 2.90 40.42 -33.23
N ASN B 19 3.87 41.07 -32.58
CA ASN B 19 3.99 42.50 -32.61
C ASN B 19 4.78 42.98 -33.82
N LEU B 20 5.07 42.10 -34.77
CA LEU B 20 5.58 42.52 -36.06
C LEU B 20 4.58 43.51 -36.66
N PRO B 21 5.02 44.67 -37.16
CA PRO B 21 4.08 45.73 -37.55
C PRO B 21 3.16 45.31 -38.70
N PRO B 22 1.98 45.95 -38.81
CA PRO B 22 1.03 45.59 -39.88
C PRO B 22 1.66 45.51 -41.26
N LEU B 23 2.65 46.36 -41.53
CA LEU B 23 3.37 46.38 -42.80
C LEU B 23 4.87 46.21 -42.56
N ILE B 24 5.53 45.46 -43.45
CA ILE B 24 6.93 45.08 -43.29
C ILE B 24 7.69 45.40 -44.56
N ILE B 25 8.90 45.96 -44.42
CA ILE B 25 9.70 46.24 -45.60
C ILE B 25 10.22 44.93 -46.19
N GLY B 26 9.97 44.72 -47.45
CA GLY B 26 10.36 43.49 -48.16
C GLY B 26 11.62 43.65 -48.95
N GLY B 27 12.59 42.76 -48.72
CA GLY B 27 13.92 42.86 -49.27
C GLY B 27 14.14 42.26 -50.64
N ALA B 28 13.10 41.70 -51.26
CA ALA B 28 13.22 41.10 -52.58
C ALA B 28 13.30 42.13 -53.71
N VAL B 29 13.00 43.40 -53.43
CA VAL B 29 13.19 44.47 -54.41
C VAL B 29 14.66 44.71 -54.76
N LEU B 30 15.59 44.13 -53.99
CA LEU B 30 17.02 44.32 -54.17
C LEU B 30 17.66 43.22 -55.02
N ASN B 31 16.86 42.27 -55.51
CA ASN B 31 17.31 41.04 -56.15
C ASN B 31 17.87 41.32 -57.55
N ASP B 32 18.41 40.26 -58.20
CA ASP B 32 18.90 40.38 -59.57
C ASP B 32 17.76 40.60 -60.56
N ILE B 33 16.63 39.91 -60.36
CA ILE B 33 15.39 40.41 -60.95
C ILE B 33 14.94 41.63 -60.16
N TYR B 34 14.12 42.47 -60.81
CA TYR B 34 13.48 43.66 -60.25
C TYR B 34 14.35 44.91 -60.37
N THR B 35 15.66 44.74 -60.60
CA THR B 35 16.53 45.86 -60.97
C THR B 35 17.93 45.36 -61.23
N GLU B 36 18.71 46.23 -61.87
CA GLU B 36 20.16 46.33 -61.75
C GLU B 36 20.55 47.47 -60.83
N ASP B 37 21.86 47.62 -60.64
CA ASP B 37 22.46 48.46 -59.61
C ASP B 37 21.51 48.54 -58.42
N PRO B 38 21.17 47.42 -57.79
CA PRO B 38 20.39 47.52 -56.56
C PRO B 38 21.18 48.18 -55.44
N THR B 39 22.49 48.35 -55.61
CA THR B 39 23.28 49.26 -54.77
C THR B 39 22.83 50.70 -54.92
N LYS B 40 22.07 51.01 -55.97
CA LYS B 40 21.51 52.34 -56.13
C LYS B 40 20.04 52.38 -55.75
N LEU B 41 19.50 51.27 -55.22
CA LEU B 41 18.17 51.27 -54.63
C LEU B 41 18.23 52.02 -53.32
N PRO B 42 17.35 53.00 -53.08
CA PRO B 42 17.47 53.84 -51.89
C PRO B 42 17.09 53.15 -50.59
N ILE B 43 17.55 51.90 -50.41
CA ILE B 43 17.15 51.08 -49.26
C ILE B 43 17.46 51.80 -47.94
N GLN B 44 18.61 52.47 -47.84
CA GLN B 44 18.93 53.12 -46.57
C GLN B 44 18.01 54.32 -46.32
N ASP B 45 17.42 54.88 -47.38
CA ASP B 45 16.41 55.93 -47.20
C ASP B 45 15.04 55.34 -46.83
N ILE B 46 14.55 54.37 -47.61
CA ILE B 46 13.30 53.69 -47.23
C ILE B 46 13.40 53.18 -45.80
N LEU B 47 14.54 52.60 -45.44
CA LEU B 47 14.70 52.04 -44.10
C LEU B 47 14.57 53.11 -43.03
N SER B 48 15.18 54.28 -43.28
CA SER B 48 15.19 55.37 -42.30
C SER B 48 13.79 55.92 -42.05
N ILE B 49 13.02 56.18 -43.11
CA ILE B 49 11.66 56.67 -42.91
C ILE B 49 10.77 55.58 -42.34
N ALA B 50 10.68 54.44 -43.05
CA ALA B 50 9.80 53.33 -42.64
C ALA B 50 9.92 53.02 -41.16
N PHE B 51 11.15 52.97 -40.64
CA PHE B 51 11.33 52.81 -39.20
C PHE B 51 10.66 53.93 -38.43
N SER B 52 10.89 55.18 -38.84
CA SER B 52 10.29 56.31 -38.13
C SER B 52 8.77 56.29 -38.17
N LYS B 53 8.18 55.72 -39.22
CA LYS B 53 6.73 55.63 -39.36
C LYS B 53 6.16 54.32 -38.79
N GLY B 54 6.93 53.59 -37.99
CA GLY B 54 6.42 52.41 -37.33
C GLY B 54 6.35 51.17 -38.20
N LEU B 55 6.97 51.19 -39.37
CA LEU B 55 7.23 49.96 -40.12
C LEU B 55 8.61 49.45 -39.75
N ASN B 56 8.82 49.22 -38.46
CA ASN B 56 10.13 48.82 -37.95
C ASN B 56 10.37 47.32 -38.08
N ALA B 57 10.18 46.80 -39.29
CA ALA B 57 10.48 45.40 -39.57
C ALA B 57 11.04 45.30 -40.98
N ILE B 58 12.04 44.44 -41.14
CA ILE B 58 12.56 44.12 -42.45
C ILE B 58 12.53 42.60 -42.61
N ASP B 59 12.40 42.17 -43.86
CA ASP B 59 12.25 40.78 -44.23
C ASP B 59 13.16 40.54 -45.42
N THR B 60 13.96 39.50 -45.39
CA THR B 60 14.93 39.26 -46.45
C THR B 60 15.16 37.75 -46.56
N SER B 61 16.16 37.37 -47.38
CA SER B 61 16.61 35.99 -47.54
C SER B 61 17.88 35.95 -48.37
N PRO B 62 18.77 34.99 -48.12
CA PRO B 62 19.95 34.82 -48.99
C PRO B 62 19.59 34.49 -50.42
N TYR B 63 18.36 34.05 -50.69
CA TYR B 63 17.92 33.82 -52.05
C TYR B 63 17.81 35.11 -52.87
N TYR B 64 17.55 36.25 -52.20
CA TYR B 64 17.26 37.52 -52.88
C TYR B 64 18.53 38.28 -53.30
N GLY B 65 19.53 37.61 -53.86
CA GLY B 65 20.67 38.34 -54.42
C GLY B 65 21.56 38.92 -53.35
N ARG B 66 21.93 40.19 -53.52
CA ARG B 66 22.74 40.90 -52.54
C ARG B 66 21.89 41.55 -51.44
N SER B 67 20.62 41.16 -51.31
CA SER B 67 19.69 41.80 -50.37
C SER B 67 20.26 41.82 -48.95
N GLU B 68 20.55 40.66 -48.39
CA GLU B 68 21.05 40.59 -47.02
C GLU B 68 22.28 41.49 -46.84
N GLU B 69 23.25 41.34 -47.75
CA GLU B 69 24.48 42.12 -47.68
C GLU B 69 24.19 43.63 -47.65
N LEU B 70 23.25 44.08 -48.48
CA LEU B 70 22.97 45.51 -48.59
C LEU B 70 22.05 46.04 -47.50
N ILE B 71 21.16 45.22 -46.95
CA ILE B 71 20.43 45.66 -45.76
C ILE B 71 21.39 45.79 -44.60
N GLY B 72 22.25 44.79 -44.41
CA GLY B 72 23.17 44.81 -43.28
C GLY B 72 24.05 46.06 -43.26
N LYS B 73 24.54 46.48 -44.43
CA LYS B 73 25.30 47.72 -44.48
C LYS B 73 24.41 48.90 -44.11
N ALA B 74 23.26 49.05 -44.79
CA ALA B 74 22.35 50.15 -44.47
C ALA B 74 21.95 50.14 -43.00
N LEU B 75 21.71 48.95 -42.43
CA LEU B 75 21.40 48.85 -41.01
C LEU B 75 22.53 49.38 -40.15
N LYS B 76 23.77 48.99 -40.48
CA LYS B 76 24.93 49.50 -39.73
C LYS B 76 25.03 51.01 -39.84
N ALA B 77 24.80 51.54 -41.05
CA ALA B 77 24.89 52.97 -41.33
C ALA B 77 23.87 53.81 -40.55
N ILE B 78 22.98 53.19 -39.78
CA ILE B 78 21.90 53.93 -39.15
C ILE B 78 21.81 53.59 -37.67
N THR B 79 22.90 53.15 -37.08
CA THR B 79 22.81 52.47 -35.78
C THR B 79 22.51 53.44 -34.65
N ALA B 80 23.27 54.54 -34.57
CA ALA B 80 23.07 55.52 -33.48
C ALA B 80 21.61 55.98 -33.40
N GLU B 81 20.95 56.12 -34.55
CA GLU B 81 19.54 56.49 -34.58
C GLU B 81 18.64 55.26 -34.37
N TRP B 82 18.93 54.17 -35.07
CA TRP B 82 18.08 52.98 -35.05
C TRP B 82 18.90 51.79 -34.54
N PRO B 83 19.06 51.67 -33.22
CA PRO B 83 19.79 50.52 -32.68
C PRO B 83 18.99 49.24 -32.89
N ARG B 84 19.72 48.12 -32.97
CA ARG B 84 19.13 46.86 -33.41
C ARG B 84 17.90 46.47 -32.59
N GLU B 85 17.87 46.82 -31.32
CA GLU B 85 16.72 46.50 -30.49
C GLU B 85 15.47 47.28 -30.87
N ARG B 86 15.54 48.20 -31.83
CA ARG B 86 14.39 49.03 -32.16
C ARG B 86 13.56 48.49 -33.33
N TYR B 87 13.98 47.40 -33.96
CA TYR B 87 13.31 46.92 -35.15
C TYR B 87 13.45 45.39 -35.22
N TYR B 88 12.69 44.79 -36.14
CA TYR B 88 12.69 43.35 -36.31
C TYR B 88 13.39 42.97 -37.61
N ILE B 89 14.09 41.84 -37.60
CA ILE B 89 14.72 41.29 -38.79
C ILE B 89 14.22 39.88 -39.04
N CYS B 90 13.63 39.67 -40.20
CA CYS B 90 13.22 38.34 -40.63
C CYS B 90 14.06 37.96 -41.84
N THR B 91 14.66 36.77 -41.79
CA THR B 91 15.26 36.25 -43.01
C THR B 91 14.82 34.81 -43.23
N LYS B 92 15.48 34.09 -44.15
CA LYS B 92 15.08 32.74 -44.52
C LYS B 92 16.32 31.90 -44.83
N ALA B 93 16.08 30.62 -45.09
CA ALA B 93 17.17 29.70 -45.38
C ALA B 93 16.62 28.50 -46.14
N GLY B 94 17.52 27.84 -46.87
CA GLY B 94 17.20 26.61 -47.56
C GLY B 94 17.12 26.71 -49.06
N ARG B 95 17.03 27.92 -49.64
CA ARG B 95 17.02 28.06 -51.09
C ARG B 95 18.22 28.88 -51.55
N ILE B 96 18.99 28.32 -52.48
CA ILE B 96 20.21 28.99 -52.95
C ILE B 96 19.92 29.75 -54.23
N THR B 97 19.42 29.03 -55.23
CA THR B 97 19.00 29.59 -56.52
C THR B 97 17.55 29.14 -56.74
N ASP B 98 17.13 28.93 -57.98
CA ASP B 98 15.76 28.49 -58.20
C ASP B 98 15.61 26.98 -58.35
N THR B 99 16.71 26.21 -58.38
CA THR B 99 16.64 24.77 -58.53
C THR B 99 17.50 24.01 -57.54
N LYS B 100 18.38 24.68 -56.82
CA LYS B 100 19.29 24.07 -55.83
C LYS B 100 18.73 24.40 -54.45
N PHE B 101 18.10 23.44 -53.79
CA PHE B 101 17.60 23.64 -52.44
C PHE B 101 18.42 22.82 -51.45
N ASP B 102 18.84 23.43 -50.36
CA ASP B 102 19.62 22.73 -49.33
C ASP B 102 18.93 22.90 -47.98
N TYR B 103 18.29 21.85 -47.50
CA TYR B 103 17.54 21.87 -46.25
C TYR B 103 18.21 21.08 -45.14
N SER B 104 19.48 20.70 -45.32
CA SER B 104 20.15 19.95 -44.27
C SER B 104 20.26 20.82 -43.03
N ARG B 105 20.19 20.17 -41.87
CA ARG B 105 20.36 20.91 -40.61
C ARG B 105 21.72 21.58 -40.54
N GLU B 106 22.73 21.00 -41.18
CA GLU B 106 24.04 21.63 -41.21
C GLU B 106 24.02 22.91 -42.05
N HIS B 107 23.42 22.85 -43.24
CA HIS B 107 23.38 24.06 -44.07
C HIS B 107 22.48 25.12 -43.45
N VAL B 108 21.41 24.71 -42.77
CA VAL B 108 20.48 25.68 -42.19
C VAL B 108 21.20 26.51 -41.13
N ARG B 109 21.95 25.84 -40.27
CA ARG B 109 22.61 26.54 -39.17
C ARG B 109 23.79 27.41 -39.68
N GLU B 110 24.50 26.93 -40.71
CA GLU B 110 25.48 27.79 -41.37
C GLU B 110 24.83 28.98 -42.06
N SER B 111 23.73 28.74 -42.79
CA SER B 111 23.03 29.82 -43.48
C SER B 111 22.63 30.93 -42.51
N VAL B 112 22.10 30.54 -41.34
CA VAL B 112 21.61 31.49 -40.35
C VAL B 112 22.77 32.25 -39.72
N LYS B 113 23.82 31.54 -39.28
CA LYS B 113 25.00 32.22 -38.78
C LYS B 113 25.62 33.14 -39.83
N ASN B 114 25.45 32.83 -41.11
CA ASN B 114 25.92 33.80 -42.10
C ASN B 114 24.94 34.96 -42.24
N SER B 115 23.63 34.70 -42.21
CA SER B 115 22.67 35.80 -42.14
C SER B 115 23.01 36.74 -41.00
N LEU B 116 23.30 36.17 -39.83
CA LEU B 116 23.70 36.95 -38.67
C LEU B 116 24.89 37.84 -39.00
N ARG B 117 25.86 37.31 -39.77
CA ARG B 117 27.06 38.06 -40.08
C ARG B 117 26.76 39.26 -40.97
N LEU B 118 26.01 39.04 -42.06
CA LEU B 118 25.73 40.11 -43.00
C LEU B 118 24.82 41.19 -42.44
N LEU B 119 24.14 40.91 -41.32
CA LEU B 119 23.17 41.84 -40.76
C LEU B 119 23.63 42.42 -39.43
N ASN B 120 24.90 42.24 -39.09
CA ASN B 120 25.57 42.89 -37.94
C ASN B 120 24.76 42.74 -36.65
N THR B 121 24.50 41.50 -36.28
CA THR B 121 23.70 41.25 -35.09
C THR B 121 23.94 39.82 -34.62
N ASP B 122 23.72 39.61 -33.32
CA ASP B 122 23.85 38.32 -32.67
C ASP B 122 22.56 37.51 -32.66
N TYR B 123 21.44 38.03 -33.20
CA TYR B 123 20.17 37.34 -33.09
C TYR B 123 19.21 37.81 -34.17
N LEU B 124 18.34 36.92 -34.60
CA LEU B 124 17.32 37.21 -35.59
C LEU B 124 15.94 37.04 -34.99
N ASP B 125 15.01 37.92 -35.34
CA ASP B 125 13.67 37.86 -34.78
C ASP B 125 12.87 36.69 -35.35
N LEU B 126 12.99 36.43 -36.65
CA LEU B 126 12.25 35.33 -37.27
C LEU B 126 13.00 34.80 -38.50
N VAL B 127 13.04 33.47 -38.62
CA VAL B 127 13.67 32.78 -39.75
C VAL B 127 12.68 31.75 -40.30
N TYR B 128 12.57 31.72 -41.63
CA TYR B 128 11.71 30.77 -42.31
C TYR B 128 12.59 29.77 -43.03
N MET B 129 12.13 28.51 -43.14
CA MET B 129 12.52 27.70 -44.28
C MET B 129 11.85 28.17 -45.56
N HIS B 130 12.68 28.39 -46.60
CA HIS B 130 12.31 29.13 -47.81
C HIS B 130 11.67 28.23 -48.87
N ASP B 131 10.39 28.48 -49.18
CA ASP B 131 9.69 27.87 -50.31
C ASP B 131 9.67 26.34 -50.19
N VAL B 132 8.85 25.87 -49.26
CA VAL B 132 8.89 24.48 -48.81
C VAL B 132 8.32 23.49 -49.83
N GLU B 133 7.62 23.97 -50.87
CA GLU B 133 7.02 23.08 -51.87
C GLU B 133 8.02 22.48 -52.84
N PHE B 134 9.26 22.94 -52.84
CA PHE B 134 10.27 22.39 -53.73
C PHE B 134 11.02 21.20 -53.13
N VAL B 135 10.85 20.96 -51.84
CA VAL B 135 11.61 19.94 -51.14
C VAL B 135 10.63 18.87 -50.66
N GLU B 136 11.09 17.60 -50.65
CA GLU B 136 10.31 16.53 -50.03
C GLU B 136 9.98 16.90 -48.59
N THR B 137 8.72 16.72 -48.22
CA THR B 137 8.27 17.13 -46.89
C THR B 137 9.08 16.56 -45.73
N PRO B 138 9.53 15.29 -45.72
CA PRO B 138 10.38 14.86 -44.59
C PRO B 138 11.58 15.77 -44.37
N GLU B 139 12.21 16.25 -45.44
CA GLU B 139 13.28 17.24 -45.29
C GLU B 139 12.80 18.52 -44.62
N VAL B 140 11.56 18.93 -44.92
CA VAL B 140 11.02 20.18 -44.39
C VAL B 140 10.89 20.10 -42.88
N TYR B 141 10.32 18.99 -42.38
CA TYR B 141 10.25 18.75 -40.94
C TYR B 141 11.65 18.71 -40.31
N ASP B 142 12.59 17.99 -40.92
CA ASP B 142 13.96 17.98 -40.39
C ASP B 142 14.55 19.38 -40.31
N ALA B 143 14.23 20.27 -41.26
CA ALA B 143 14.81 21.61 -41.21
C ALA B 143 14.16 22.46 -40.12
N LEU B 144 12.86 22.28 -39.90
CA LEU B 144 12.19 22.99 -38.80
C LEU B 144 12.68 22.51 -37.44
N ARG B 145 13.10 21.25 -37.34
CA ARG B 145 13.65 20.77 -36.06
C ARG B 145 14.89 21.55 -35.67
N GLU B 146 15.75 21.88 -36.65
CA GLU B 146 16.95 22.69 -36.39
C GLU B 146 16.61 24.14 -36.06
N LEU B 147 15.66 24.74 -36.77
CA LEU B 147 15.20 26.08 -36.37
C LEU B 147 14.65 26.06 -34.95
N ARG B 148 13.85 25.03 -34.64
CA ARG B 148 13.37 24.86 -33.27
C ARG B 148 14.54 24.85 -32.31
N LEU B 149 15.62 24.16 -32.67
CA LEU B 149 16.82 24.20 -31.82
C LEU B 149 17.36 25.62 -31.70
N MET B 150 17.58 26.28 -32.83
CA MET B 150 18.15 27.62 -32.84
C MET B 150 17.34 28.57 -31.95
N LYS B 151 16.00 28.44 -31.96
CA LYS B 151 15.14 29.23 -31.09
C LYS B 151 15.38 28.92 -29.62
N GLU B 152 15.56 27.63 -29.28
CA GLU B 152 15.73 27.30 -27.87
C GLU B 152 17.07 27.81 -27.32
N GLU B 153 18.09 27.90 -28.16
CA GLU B 153 19.36 28.48 -27.72
C GLU B 153 19.30 30.01 -27.59
N GLY B 154 18.35 30.66 -28.28
CA GLY B 154 18.29 32.10 -28.31
C GLY B 154 18.95 32.74 -29.52
N LEU B 155 19.32 31.94 -30.53
CA LEU B 155 19.84 32.50 -31.78
C LEU B 155 18.73 33.11 -32.64
N ILE B 156 17.51 32.59 -32.53
CA ILE B 156 16.36 33.19 -33.18
C ILE B 156 15.22 33.24 -32.18
N LYS B 157 14.40 34.28 -32.29
CA LYS B 157 13.29 34.44 -31.38
C LYS B 157 12.05 33.70 -31.85
N ALA B 158 12.03 33.24 -33.11
CA ALA B 158 10.82 32.71 -33.72
C ALA B 158 11.18 32.02 -35.03
N PHE B 159 10.36 31.05 -35.40
CA PHE B 159 10.67 30.23 -36.58
C PHE B 159 9.38 29.87 -37.30
N GLY B 160 9.54 29.52 -38.58
CA GLY B 160 8.44 29.17 -39.46
C GLY B 160 8.94 28.85 -40.86
N PHE B 161 8.06 28.99 -41.86
CA PHE B 161 8.36 28.60 -43.24
C PHE B 161 7.46 29.33 -44.23
N SER B 162 7.83 29.28 -45.51
CA SER B 162 7.16 30.05 -46.56
C SER B 162 6.99 29.19 -47.82
N GLY B 163 6.13 29.64 -48.72
CA GLY B 163 5.76 28.84 -49.87
C GLY B 163 4.46 29.30 -50.48
N TYR B 164 4.29 28.92 -51.76
CA TYR B 164 3.15 29.31 -52.60
C TYR B 164 1.89 28.47 -52.35
N PRO B 165 1.93 27.11 -52.40
CA PRO B 165 0.68 26.36 -52.21
C PRO B 165 0.18 26.39 -50.76
N VAL B 166 -0.91 27.12 -50.51
CA VAL B 166 -1.38 27.35 -49.13
C VAL B 166 -1.82 26.05 -48.49
N LYS B 167 -2.38 25.13 -49.28
CA LYS B 167 -2.85 23.86 -48.72
C LYS B 167 -1.67 23.01 -48.24
N LEU B 168 -0.52 23.06 -48.93
CA LEU B 168 0.67 22.38 -48.41
C LEU B 168 1.16 23.04 -47.14
N LEU B 169 1.12 24.38 -47.09
CA LEU B 169 1.45 25.10 -45.85
C LEU B 169 0.59 24.60 -44.68
N TYR B 170 -0.71 24.46 -44.91
CA TYR B 170 -1.59 23.96 -43.84
C TYR B 170 -1.19 22.56 -43.40
N GLU B 171 -0.91 21.66 -44.37
CA GLU B 171 -0.55 20.30 -44.02
C GLU B 171 0.69 20.28 -43.12
N ILE B 172 1.72 21.04 -43.50
CA ILE B 172 2.95 21.09 -42.71
C ILE B 172 2.70 21.72 -41.35
N ALA B 173 2.11 22.92 -41.32
CA ALA B 173 1.81 23.58 -40.05
C ALA B 173 1.04 22.65 -39.12
N TYR B 174 -0.02 22.01 -39.65
CA TYR B 174 -0.81 21.08 -38.86
C TYR B 174 0.04 19.94 -38.31
N LYS B 175 0.94 19.40 -39.13
CA LYS B 175 1.74 18.27 -38.70
C LYS B 175 2.67 18.65 -37.54
N CYS B 176 3.26 19.85 -37.63
CA CYS B 176 4.06 20.39 -36.55
C CYS B 176 3.28 20.51 -35.23
N ALA B 177 1.99 20.78 -35.29
CA ALA B 177 1.22 21.02 -34.08
C ALA B 177 0.64 19.74 -33.49
N HIS B 178 0.76 18.59 -34.16
CA HIS B 178 0.04 17.39 -33.73
C HIS B 178 0.95 16.17 -33.73
N ASP B 179 1.33 15.68 -34.92
CA ASP B 179 2.21 14.51 -34.98
C ASP B 179 3.61 14.83 -34.49
N TYR B 180 4.10 16.03 -34.77
CA TYR B 180 5.47 16.39 -34.38
C TYR B 180 5.49 17.42 -33.28
N VAL B 181 4.54 17.30 -32.34
CA VAL B 181 4.41 18.27 -31.25
C VAL B 181 5.59 18.22 -30.29
N GLU B 182 6.19 17.04 -30.09
CA GLU B 182 7.29 16.92 -29.13
C GLU B 182 8.51 17.73 -29.54
N ASP B 183 9.05 17.44 -30.72
CA ASP B 183 10.33 17.99 -31.16
C ASP B 183 10.19 19.17 -32.10
N ILE B 184 8.98 19.53 -32.54
CA ILE B 184 8.79 20.76 -33.31
C ILE B 184 7.76 21.65 -32.64
N GLY B 185 6.52 21.19 -32.60
CA GLY B 185 5.46 22.00 -32.05
C GLY B 185 4.91 22.99 -33.07
N ARG B 186 3.98 23.80 -32.58
CA ARG B 186 3.42 24.86 -33.42
C ARG B 186 4.52 25.80 -33.91
N VAL B 187 4.54 26.06 -35.23
CA VAL B 187 5.40 27.11 -35.76
C VAL B 187 4.85 28.48 -35.35
N ASP B 188 5.77 29.45 -35.16
CA ASP B 188 5.38 30.81 -34.78
C ASP B 188 4.66 31.53 -35.93
N ALA B 189 5.12 31.33 -37.17
CA ALA B 189 4.67 32.19 -38.26
C ALA B 189 4.83 31.45 -39.59
N ILE B 190 4.01 31.82 -40.58
CA ILE B 190 4.20 31.40 -41.97
C ILE B 190 4.12 32.63 -42.89
N LEU B 191 4.77 32.53 -44.05
CA LEU B 191 4.71 33.57 -45.08
C LEU B 191 4.10 32.93 -46.31
N SER B 192 2.89 33.35 -46.64
CA SER B 192 2.18 32.95 -47.84
C SER B 192 2.22 34.11 -48.83
N TYR B 193 2.07 33.82 -50.12
CA TYR B 193 2.18 34.89 -51.11
C TYR B 193 1.37 34.58 -52.37
N SER B 194 0.90 35.65 -53.02
CA SER B 194 0.02 35.57 -54.19
C SER B 194 -1.24 34.76 -53.94
N HIS B 195 -1.65 34.67 -52.67
CA HIS B 195 -2.91 34.07 -52.27
C HIS B 195 -3.73 35.02 -51.41
N GLY B 196 -3.27 36.26 -51.26
CA GLY B 196 -3.99 37.26 -50.51
C GLY B 196 -4.14 38.56 -51.27
N CYS B 197 -4.56 38.47 -52.53
CA CYS B 197 -4.64 39.63 -53.41
C CYS B 197 -5.98 39.60 -54.14
N ILE B 198 -6.12 40.49 -55.11
CA ILE B 198 -7.38 40.65 -55.83
C ILE B 198 -7.58 39.54 -56.86
N GLN B 199 -6.50 38.89 -57.30
CA GLN B 199 -6.54 37.80 -58.26
C GLN B 199 -6.64 36.43 -57.62
N ASN B 200 -6.24 36.30 -56.34
CA ASN B 200 -6.21 35.03 -55.61
C ASN B 200 -6.45 35.35 -54.13
N THR B 201 -7.62 34.94 -53.61
CA THR B 201 -7.99 35.21 -52.21
C THR B 201 -7.92 33.96 -51.33
N ALA B 202 -7.41 32.83 -51.85
CA ALA B 202 -7.57 31.56 -51.13
C ALA B 202 -7.06 31.64 -49.70
N LEU B 203 -6.03 32.47 -49.45
CA LEU B 203 -5.46 32.57 -48.11
C LEU B 203 -6.47 33.08 -47.07
N PHE B 204 -7.32 34.05 -47.43
CA PHE B 204 -8.25 34.64 -46.47
C PHE B 204 -9.15 33.57 -45.86
N GLU B 205 -9.62 32.64 -46.70
CA GLU B 205 -10.51 31.59 -46.25
C GLU B 205 -9.82 30.58 -45.33
N LEU B 206 -8.50 30.42 -45.45
CA LEU B 206 -7.78 29.53 -44.57
C LEU B 206 -7.34 30.21 -43.29
N TYR B 207 -7.65 31.50 -43.10
CA TYR B 207 -7.08 32.24 -41.98
C TYR B 207 -7.38 31.56 -40.66
N ASP B 208 -8.63 31.16 -40.44
CA ASP B 208 -8.98 30.66 -39.13
C ASP B 208 -8.39 29.28 -38.87
N ASP B 209 -8.24 28.44 -39.90
CA ASP B 209 -7.68 27.13 -39.65
C ASP B 209 -6.18 27.23 -39.35
N PHE B 210 -5.48 28.16 -40.02
CA PHE B 210 -4.07 28.36 -39.76
C PHE B 210 -3.88 28.77 -38.31
N ILE B 211 -4.58 29.83 -37.87
CA ILE B 211 -4.51 30.29 -36.47
C ILE B 211 -5.07 29.26 -35.51
N ASN B 212 -6.31 28.82 -35.75
CA ASN B 212 -6.97 27.99 -34.76
C ASN B 212 -6.46 26.56 -34.78
N LYS B 213 -6.57 25.88 -35.93
CA LYS B 213 -6.23 24.46 -35.97
C LYS B 213 -4.73 24.20 -35.88
N CYS B 214 -3.91 25.02 -36.55
CA CYS B 214 -2.46 24.81 -36.58
C CYS B 214 -1.73 25.58 -35.49
N GLY B 215 -2.42 26.48 -34.80
CA GLY B 215 -1.83 27.26 -33.73
C GLY B 215 -0.77 28.24 -34.17
N ILE B 216 -0.83 28.73 -35.41
CA ILE B 216 0.16 29.71 -35.80
C ILE B 216 -0.12 31.01 -35.05
N LYS B 217 0.96 31.70 -34.65
CA LYS B 217 0.89 32.96 -33.92
C LYS B 217 0.64 34.15 -34.86
N LYS B 218 1.21 34.10 -36.05
CA LYS B 218 1.28 35.26 -36.93
C LYS B 218 1.36 34.78 -38.37
N ILE B 219 0.52 35.32 -39.24
CA ILE B 219 0.54 34.96 -40.66
C ILE B 219 0.88 36.21 -41.46
N LEU B 220 1.78 36.04 -42.42
CA LEU B 220 2.30 37.13 -43.24
C LEU B 220 1.90 36.91 -44.69
N ASN B 221 1.40 37.95 -45.33
CA ASN B 221 0.90 37.88 -46.70
C ASN B 221 1.83 38.71 -47.58
N GLY B 222 2.53 38.04 -48.49
CA GLY B 222 3.43 38.69 -49.41
C GLY B 222 2.90 38.78 -50.82
N SER B 223 3.65 39.49 -51.66
CA SER B 223 3.31 39.74 -53.07
C SER B 223 1.81 40.02 -53.23
N ILE B 224 1.36 41.11 -52.61
CA ILE B 224 -0.05 41.48 -52.75
C ILE B 224 -0.33 42.03 -54.14
N LEU B 225 0.71 42.33 -54.91
CA LEU B 225 0.57 42.65 -56.32
C LEU B 225 1.04 41.48 -57.19
N SER B 226 1.33 40.34 -56.55
CA SER B 226 1.59 39.04 -57.20
C SER B 226 2.85 39.11 -58.07
N MET B 227 3.94 39.57 -57.46
CA MET B 227 5.23 39.80 -58.12
C MET B 227 5.09 40.78 -59.29
N SER B 228 4.25 41.80 -59.10
CA SER B 228 3.97 42.88 -60.04
C SER B 228 3.14 42.41 -61.23
N LEU B 229 2.47 41.26 -61.09
CA LEU B 229 1.49 40.84 -62.09
C LEU B 229 0.28 41.76 -62.08
N LEU B 230 -0.21 42.11 -60.87
CA LEU B 230 -1.35 43.03 -60.65
C LEU B 230 -0.99 44.49 -60.96
N ARG B 231 0.19 44.78 -61.51
CA ARG B 231 0.55 46.15 -61.84
C ARG B 231 -0.05 46.52 -63.18
N SER B 232 -0.65 47.71 -63.26
CA SER B 232 -1.11 48.18 -64.56
C SER B 232 0.06 48.40 -65.50
N GLY B 233 1.19 48.87 -64.95
CA GLY B 233 2.47 49.01 -65.63
C GLY B 233 2.57 48.31 -66.96
N LYS B 234 2.94 47.02 -66.94
CA LYS B 234 3.01 46.19 -68.14
C LYS B 234 3.50 44.79 -67.76
N THR B 235 4.01 44.04 -68.73
CA THR B 235 4.46 42.67 -68.52
C THR B 235 5.60 42.63 -67.50
N HIS B 236 5.85 41.43 -66.99
CA HIS B 236 6.52 41.22 -65.71
C HIS B 236 7.64 40.18 -65.82
N ALA B 237 8.47 40.13 -64.77
CA ALA B 237 9.82 39.57 -64.84
C ALA B 237 9.89 38.20 -64.16
N PHE B 238 10.10 37.16 -64.98
CA PHE B 238 10.22 35.76 -64.53
C PHE B 238 8.94 35.28 -63.84
N HIS B 239 7.77 35.65 -64.40
CA HIS B 239 6.57 35.35 -63.64
C HIS B 239 5.90 34.07 -64.13
N PRO B 240 5.66 33.11 -63.22
CA PRO B 240 5.21 31.78 -63.63
C PRO B 240 3.74 31.71 -64.01
N ALA B 241 3.01 32.82 -63.99
CA ALA B 241 1.59 32.77 -64.33
C ALA B 241 1.42 32.40 -65.79
N SER B 242 0.34 31.68 -66.11
CA SER B 242 0.14 31.28 -67.49
C SER B 242 -0.07 32.52 -68.37
N VAL B 243 -0.01 32.30 -69.69
CA VAL B 243 -0.20 33.39 -70.65
C VAL B 243 -1.59 33.98 -70.49
N GLU B 244 -2.60 33.13 -70.40
CA GLU B 244 -3.99 33.53 -70.23
C GLU B 244 -4.15 34.53 -69.09
N LEU B 245 -3.71 34.13 -67.89
CA LEU B 245 -3.90 34.99 -66.72
C LEU B 245 -3.11 36.28 -66.85
N LYS B 246 -1.84 36.19 -67.29
CA LYS B 246 -1.12 37.37 -67.73
C LYS B 246 -1.97 38.19 -68.70
N ALA B 247 -2.49 37.52 -69.73
CA ALA B 247 -3.24 38.22 -70.78
C ALA B 247 -4.59 38.71 -70.28
N LYS B 248 -5.18 38.03 -69.28
CA LYS B 248 -6.41 38.53 -68.70
C LYS B 248 -6.12 39.74 -67.81
N VAL B 249 -5.10 39.62 -66.94
CA VAL B 249 -4.85 40.67 -65.97
C VAL B 249 -4.49 41.97 -66.67
N ASP B 250 -3.46 41.94 -67.51
CA ASP B 250 -3.05 43.17 -68.16
C ASP B 250 -4.12 43.71 -69.08
N GLU B 251 -5.06 42.86 -69.51
CA GLU B 251 -6.27 43.36 -70.16
C GLU B 251 -7.14 44.15 -69.18
N VAL B 252 -7.23 43.69 -67.93
CA VAL B 252 -7.97 44.48 -66.95
C VAL B 252 -7.14 45.71 -66.55
N ALA B 253 -5.82 45.64 -66.70
CA ALA B 253 -4.97 46.81 -66.49
C ALA B 253 -5.24 47.87 -67.56
N GLN B 254 -5.05 47.50 -68.82
CA GLN B 254 -5.34 48.43 -69.90
C GLN B 254 -6.83 48.67 -70.08
N ASP B 255 -7.70 47.96 -69.37
CA ASP B 255 -9.10 48.39 -69.33
C ASP B 255 -9.25 49.52 -68.32
N LEU B 256 -8.84 49.25 -67.08
CA LEU B 256 -8.97 50.20 -65.99
C LEU B 256 -8.29 51.54 -66.29
N LYS B 257 -7.33 51.55 -67.24
CA LYS B 257 -6.60 52.76 -67.63
C LYS B 257 -7.25 53.49 -68.82
N LYS B 258 -8.50 53.13 -69.17
CA LYS B 258 -9.29 53.82 -70.19
C LYS B 258 -10.65 54.22 -69.62
N THR B 259 -11.17 53.44 -68.66
CA THR B 259 -12.57 53.62 -68.28
C THR B 259 -12.76 54.54 -67.08
N SER B 260 -11.85 54.53 -66.08
CA SER B 260 -12.02 55.50 -65.02
C SER B 260 -10.70 56.16 -64.58
N ASN B 261 -9.67 56.12 -65.44
CA ASN B 261 -8.38 56.75 -65.16
C ASN B 261 -7.81 56.27 -63.84
N ILE B 262 -7.68 54.96 -63.72
CA ILE B 262 -7.31 54.37 -62.45
C ILE B 262 -6.37 53.19 -62.71
N GLU B 263 -5.34 53.11 -61.89
CA GLU B 263 -4.27 52.14 -62.05
C GLU B 263 -4.55 50.92 -61.18
N LEU B 264 -4.51 49.73 -61.80
CA LEU B 264 -4.87 48.50 -61.10
C LEU B 264 -4.14 48.33 -59.77
N ALA B 265 -2.91 48.81 -59.66
CA ALA B 265 -2.14 48.62 -58.43
C ALA B 265 -2.77 49.33 -57.23
N GLU B 266 -3.49 50.45 -57.45
CA GLU B 266 -4.10 51.14 -56.31
C GLU B 266 -5.19 50.31 -55.65
N PRO B 267 -6.27 49.90 -56.35
CA PRO B 267 -7.33 49.19 -55.63
C PRO B 267 -6.92 47.80 -55.19
N ALA B 268 -6.05 47.14 -55.96
CA ALA B 268 -5.51 45.84 -55.56
C ALA B 268 -4.81 45.94 -54.20
N THR B 269 -3.95 46.94 -54.04
CA THR B 269 -3.29 47.16 -52.75
C THR B 269 -4.31 47.36 -51.64
N ARG B 270 -5.25 48.30 -51.84
CA ARG B 270 -6.28 48.54 -50.84
C ARG B 270 -7.09 47.27 -50.56
N PHE B 271 -7.36 46.47 -51.60
CA PHE B 271 -8.12 45.24 -51.43
C PHE B 271 -7.39 44.28 -50.49
N ALA B 272 -6.12 43.98 -50.79
CA ALA B 272 -5.37 43.06 -49.94
C ALA B 272 -5.27 43.61 -48.52
N MET B 273 -4.90 44.87 -48.39
CA MET B 273 -4.78 45.52 -47.09
C MET B 273 -6.03 45.39 -46.24
N LYS B 274 -7.20 45.56 -46.85
CA LYS B 274 -8.43 45.58 -46.08
C LYS B 274 -8.85 44.17 -45.67
N ARG B 275 -8.90 43.27 -46.65
CA ARG B 275 -9.36 41.89 -46.44
C ARG B 275 -8.47 41.12 -45.47
N TRP B 276 -7.19 41.47 -45.41
CA TRP B 276 -6.24 40.70 -44.60
C TRP B 276 -5.94 41.37 -43.27
N LEU B 277 -5.53 42.64 -43.26
CA LEU B 277 -5.04 43.18 -42.00
C LEU B 277 -6.16 43.54 -41.01
N PHE B 278 -7.40 43.69 -41.48
CA PHE B 278 -8.52 44.16 -40.68
C PHE B 278 -9.71 43.22 -40.68
N GLN B 279 -10.19 42.81 -41.84
CA GLN B 279 -11.41 42.02 -41.87
C GLN B 279 -11.16 40.57 -41.55
N THR B 280 -9.95 40.19 -41.17
CA THR B 280 -9.73 38.84 -40.66
C THR B 280 -10.28 38.67 -39.26
N GLN B 281 -10.73 39.75 -38.63
CA GLN B 281 -11.39 39.73 -37.33
C GLN B 281 -12.62 40.64 -37.46
N PRO B 282 -13.61 40.47 -36.59
CA PRO B 282 -14.81 41.31 -36.69
C PRO B 282 -14.46 42.79 -36.62
N GLN B 283 -15.22 43.59 -37.36
CA GLN B 283 -15.00 45.03 -37.42
C GLN B 283 -16.33 45.74 -37.35
N LYS B 284 -16.52 46.58 -36.33
CA LYS B 284 -17.71 47.43 -36.25
C LYS B 284 -17.69 48.44 -37.40
N ASP B 285 -17.39 49.69 -37.09
CA ASP B 285 -17.21 50.68 -38.14
C ASP B 285 -15.90 51.42 -37.94
N PRO B 286 -15.39 52.07 -38.98
CA PRO B 286 -14.17 52.88 -38.84
C PRO B 286 -14.20 53.70 -37.55
N PRO B 287 -13.04 53.88 -36.92
CA PRO B 287 -11.71 53.48 -37.41
C PRO B 287 -11.58 51.95 -37.35
N LEU B 288 -11.13 51.33 -38.44
CA LEU B 288 -10.94 49.89 -38.45
C LEU B 288 -9.73 49.52 -37.60
N LYS B 289 -9.78 48.33 -37.01
CA LYS B 289 -8.78 47.90 -36.04
C LYS B 289 -7.95 46.75 -36.60
N TRP B 290 -6.63 46.92 -36.56
CA TRP B 290 -5.70 45.97 -37.14
C TRP B 290 -5.70 44.66 -36.34
N ASN B 291 -5.82 43.54 -37.05
CA ASN B 291 -5.65 42.21 -36.45
C ASN B 291 -4.17 41.94 -36.33
N GLN B 292 -3.62 42.09 -35.11
CA GLN B 292 -2.18 41.98 -34.90
C GLN B 292 -1.61 40.60 -35.24
N ARG B 293 -2.46 39.61 -35.52
CA ARG B 293 -1.96 38.32 -35.99
C ARG B 293 -1.65 38.33 -37.48
N THR B 294 -1.71 39.49 -38.14
CA THR B 294 -1.44 39.57 -39.56
C THR B 294 -0.36 40.61 -39.85
N SER B 295 0.23 40.49 -41.03
CA SER B 295 1.20 41.43 -41.58
C SER B 295 1.24 41.25 -43.09
N ILE B 296 1.70 42.30 -43.77
CA ILE B 296 1.96 42.25 -45.19
C ILE B 296 3.42 42.62 -45.40
N VAL B 297 4.14 41.80 -46.16
CA VAL B 297 5.50 42.12 -46.59
C VAL B 297 5.40 42.81 -47.95
N LEU B 298 5.85 44.07 -48.00
CA LEU B 298 5.60 44.99 -49.11
C LEU B 298 6.80 45.04 -50.05
N GLY B 299 6.54 44.98 -51.35
CA GLY B 299 7.58 45.27 -52.31
C GLY B 299 7.75 46.76 -52.59
N VAL B 300 8.62 47.44 -51.82
CA VAL B 300 8.88 48.88 -51.97
C VAL B 300 10.30 49.07 -52.49
N SER B 301 10.45 49.91 -53.54
CA SER B 301 11.76 50.16 -54.15
C SER B 301 12.17 51.63 -54.21
N THR B 302 11.27 52.58 -53.96
CA THR B 302 11.60 53.99 -53.80
C THR B 302 10.78 54.59 -52.67
N VAL B 303 11.29 55.67 -52.08
CA VAL B 303 10.59 56.36 -50.99
C VAL B 303 9.17 56.75 -51.41
N GLU B 304 8.97 57.08 -52.69
CA GLU B 304 7.62 57.40 -53.13
C GLU B 304 6.66 56.22 -52.96
N GLU B 305 7.12 55.00 -53.27
CA GLU B 305 6.26 53.82 -53.07
C GLU B 305 5.99 53.58 -51.59
N LEU B 306 6.96 53.86 -50.72
CA LEU B 306 6.76 53.66 -49.29
C LEU B 306 5.65 54.57 -48.76
N ASN B 307 5.74 55.87 -49.03
CA ASN B 307 4.71 56.79 -48.55
C ASN B 307 3.36 56.50 -49.20
N SER B 308 3.36 56.16 -50.49
CA SER B 308 2.11 55.70 -51.10
C SER B 308 1.50 54.53 -50.33
N ALA B 309 2.34 53.58 -49.88
CA ALA B 309 1.83 52.48 -49.07
C ALA B 309 1.23 52.98 -47.76
N LEU B 310 1.92 53.90 -47.08
CA LEU B 310 1.35 54.48 -45.87
C LEU B 310 0.01 55.16 -46.19
N LYS B 311 -0.14 55.65 -47.41
CA LYS B 311 -1.40 56.27 -47.84
C LYS B 311 -2.52 55.24 -47.91
N SER B 312 -2.37 54.22 -48.75
CA SER B 312 -3.44 53.25 -48.95
C SER B 312 -3.82 52.58 -47.63
N TYR B 313 -2.89 52.54 -46.67
CA TYR B 313 -3.17 51.94 -45.38
C TYR B 313 -4.10 52.83 -44.56
N ALA B 314 -3.80 54.12 -44.49
CA ALA B 314 -4.65 55.05 -43.75
C ALA B 314 -6.06 55.09 -44.33
N ASP B 315 -6.17 55.08 -45.67
CA ASP B 315 -7.47 55.14 -46.33
C ASP B 315 -8.31 53.91 -46.06
N VAL B 316 -7.68 52.73 -45.99
CA VAL B 316 -8.43 51.52 -45.71
C VAL B 316 -8.87 51.48 -44.25
N LYS B 317 -8.09 52.09 -43.37
CA LYS B 317 -8.39 52.04 -41.94
C LYS B 317 -9.42 53.08 -41.53
N GLU B 318 -9.55 54.16 -42.29
CA GLU B 318 -10.44 55.25 -41.93
C GLU B 318 -11.60 55.48 -42.90
N LYS B 319 -11.43 55.18 -44.18
CA LYS B 319 -12.43 55.56 -45.17
C LYS B 319 -13.70 54.74 -44.99
N ASP B 320 -14.70 55.04 -45.82
CA ASP B 320 -15.94 54.27 -45.86
C ASP B 320 -15.78 53.02 -46.71
N GLY B 321 -15.22 53.15 -47.91
CA GLY B 321 -14.86 52.00 -48.72
C GLY B 321 -16.01 51.32 -49.43
N ALA B 322 -17.24 51.74 -49.17
CA ALA B 322 -18.38 51.19 -49.91
C ALA B 322 -18.18 51.34 -51.41
N GLU B 323 -17.68 52.50 -51.82
CA GLU B 323 -17.31 52.69 -53.23
C GLU B 323 -16.14 51.79 -53.61
N ASP B 324 -15.24 51.51 -52.68
CA ASP B 324 -14.12 50.62 -52.98
C ASP B 324 -14.60 49.19 -53.26
N GLU B 325 -15.56 48.71 -52.47
CA GLU B 325 -16.11 47.38 -52.75
C GLU B 325 -16.68 47.28 -54.16
N LYS B 326 -17.29 48.36 -54.66
CA LYS B 326 -17.82 48.36 -56.03
C LYS B 326 -16.72 48.04 -57.04
N LEU B 327 -15.63 48.80 -57.01
CA LEU B 327 -14.53 48.55 -57.95
C LEU B 327 -13.89 47.19 -57.71
N PHE B 328 -13.81 46.75 -56.45
CA PHE B 328 -13.27 45.42 -56.19
C PHE B 328 -14.02 44.36 -56.97
N GLU B 329 -15.36 44.42 -56.92
CA GLU B 329 -16.17 43.40 -57.58
C GLU B 329 -16.00 43.43 -59.09
N GLU B 330 -15.98 44.63 -59.68
CA GLU B 330 -15.82 44.74 -61.12
C GLU B 330 -14.49 44.14 -61.56
N ILE B 331 -13.43 44.37 -60.80
CA ILE B 331 -12.13 43.77 -61.10
C ILE B 331 -12.25 42.25 -61.12
N ILE B 332 -12.91 41.69 -60.10
CA ILE B 332 -12.96 40.24 -59.94
C ILE B 332 -13.85 39.62 -61.02
N LYS B 333 -14.95 40.30 -61.35
CA LYS B 333 -15.80 39.82 -62.44
C LYS B 333 -15.01 39.79 -63.76
N LYS B 334 -14.25 40.87 -64.05
CA LYS B 334 -13.42 40.86 -65.24
C LYS B 334 -12.36 39.76 -65.19
N LEU B 335 -11.97 39.30 -64.00
CA LEU B 335 -11.10 38.14 -63.91
C LEU B 335 -11.90 36.86 -64.16
N GLY B 336 -12.98 36.65 -63.42
CA GLY B 336 -13.84 35.50 -63.71
C GLY B 336 -13.11 34.19 -63.55
N SER B 337 -13.16 33.36 -64.60
CA SER B 337 -12.51 32.05 -64.55
C SER B 337 -11.06 32.12 -64.10
N HIS B 338 -10.43 33.29 -64.24
CA HIS B 338 -9.06 33.52 -63.81
C HIS B 338 -8.96 34.00 -62.37
N PHE B 339 -10.09 34.25 -61.71
CA PHE B 339 -10.09 34.52 -60.27
C PHE B 339 -9.66 33.24 -59.55
N ASN B 340 -8.66 33.35 -58.66
CA ASN B 340 -8.13 32.26 -57.86
C ASN B 340 -7.35 31.25 -58.67
N GLU B 341 -6.98 31.58 -59.91
CA GLU B 341 -6.18 30.68 -60.71
C GLU B 341 -4.78 30.61 -60.14
N THR B 342 -4.26 29.40 -60.01
CA THR B 342 -2.89 29.23 -59.54
C THR B 342 -2.03 28.65 -60.66
N TRP B 343 -0.72 28.68 -60.43
CA TRP B 343 0.26 28.07 -61.28
C TRP B 343 1.02 26.98 -60.51
N PRO B 344 1.61 26.01 -61.19
CA PRO B 344 2.41 25.00 -60.49
C PRO B 344 3.57 25.66 -59.74
N SER B 345 4.05 24.96 -58.72
CA SER B 345 5.25 25.39 -58.02
C SER B 345 5.87 24.21 -57.29
N GLY B 346 7.17 24.04 -57.49
CA GLY B 346 7.93 23.05 -56.75
C GLY B 346 7.60 21.64 -57.17
N LEU B 347 7.39 20.81 -56.17
CA LEU B 347 7.04 19.41 -56.34
C LEU B 347 5.60 19.11 -55.94
N TYR B 348 4.89 20.08 -55.37
CA TYR B 348 3.63 19.80 -54.71
C TYR B 348 2.54 19.55 -55.75
N PRO C 4 4.69 -0.88 -14.84
CA PRO C 4 5.09 -0.40 -16.17
C PRO C 4 5.26 1.13 -16.21
N PRO C 5 6.43 1.63 -16.66
CA PRO C 5 6.65 3.09 -16.68
C PRO C 5 5.83 3.74 -17.78
N ILE C 6 5.15 4.84 -17.44
CA ILE C 6 4.26 5.49 -18.40
C ILE C 6 5.03 6.20 -19.53
N GLY C 7 6.25 6.67 -19.28
CA GLY C 7 6.93 7.49 -20.26
C GLY C 7 8.39 7.68 -19.95
N PRO C 8 9.01 8.69 -20.57
CA PRO C 8 10.42 8.98 -20.25
C PRO C 8 10.59 9.47 -18.82
N THR C 9 11.79 9.21 -18.27
CA THR C 9 12.17 9.68 -16.93
C THR C 9 13.22 10.77 -17.10
N ARG C 10 12.90 11.79 -17.89
CA ARG C 10 13.80 12.91 -18.16
C ARG C 10 12.99 13.96 -18.90
N VAL C 11 13.48 15.19 -18.86
CA VAL C 11 12.77 16.27 -19.52
C VAL C 11 13.23 16.32 -20.97
N LEU C 12 12.30 16.07 -21.86
CA LEU C 12 12.60 15.93 -23.28
C LEU C 12 13.20 17.23 -23.82
N GLN C 13 14.13 17.11 -24.77
CA GLN C 13 14.59 18.29 -25.45
C GLN C 13 14.34 18.19 -26.95
N PRO C 14 13.99 19.31 -27.64
CA PRO C 14 13.87 20.68 -27.13
C PRO C 14 12.75 20.79 -26.09
N TYR C 15 12.92 21.70 -25.13
CA TYR C 15 11.99 21.82 -24.02
C TYR C 15 10.61 22.29 -24.52
N SER C 16 9.57 21.69 -23.94
CA SER C 16 8.21 22.16 -24.17
C SER C 16 7.33 21.71 -23.02
N ILE C 17 6.55 22.65 -22.47
CA ILE C 17 5.63 22.33 -21.39
C ILE C 17 4.57 21.33 -21.83
N VAL C 18 4.42 21.12 -23.15
CA VAL C 18 3.58 20.02 -23.66
C VAL C 18 4.10 18.67 -23.21
N ASN C 19 5.38 18.55 -22.88
CA ASN C 19 5.96 17.26 -22.54
C ASN C 19 5.77 16.89 -21.06
N LEU C 20 5.05 17.69 -20.24
CA LEU C 20 4.69 17.21 -18.91
C LEU C 20 4.01 15.85 -19.06
N PRO C 21 4.35 14.87 -18.23
CA PRO C 21 3.89 13.50 -18.42
C PRO C 21 2.38 13.37 -18.26
N PRO C 22 1.80 12.26 -18.72
CA PRO C 22 0.33 12.13 -18.64
C PRO C 22 -0.20 12.16 -17.22
N LEU C 23 0.60 11.72 -16.24
CA LEU C 23 0.21 11.74 -14.83
C LEU C 23 1.23 12.56 -14.05
N ILE C 24 0.75 13.54 -13.29
CA ILE C 24 1.60 14.46 -12.55
C ILE C 24 1.30 14.28 -11.06
N ILE C 25 2.35 14.23 -10.24
CA ILE C 25 2.11 14.01 -8.81
C ILE C 25 1.34 15.19 -8.25
N GLY C 26 0.19 14.93 -7.66
CA GLY C 26 -0.49 15.93 -6.86
C GLY C 26 0.25 16.18 -5.56
N GLY C 27 1.22 17.09 -5.61
CA GLY C 27 2.11 17.38 -4.49
C GLY C 27 1.45 17.98 -3.27
N ALA C 28 0.14 18.26 -3.31
CA ALA C 28 -0.57 18.74 -2.14
C ALA C 28 -0.49 17.73 -1.00
N VAL C 29 -0.54 16.44 -1.34
CA VAL C 29 -0.60 15.37 -0.33
C VAL C 29 0.63 15.39 0.58
N LEU C 30 1.77 15.92 0.11
CA LEU C 30 2.98 15.89 0.93
C LEU C 30 2.98 17.11 1.85
N ASN C 31 2.13 17.06 2.87
CA ASN C 31 2.03 18.13 3.84
C ASN C 31 2.57 17.65 5.19
N ASP C 32 2.07 18.24 6.28
CA ASP C 32 2.55 17.89 7.61
C ASP C 32 1.82 16.70 8.23
N ILE C 33 0.54 16.50 7.93
CA ILE C 33 -0.11 15.22 8.23
C ILE C 33 0.68 14.05 7.61
N TYR C 34 1.38 14.28 6.50
CA TYR C 34 2.16 13.21 5.88
C TYR C 34 3.40 12.90 6.70
N THR C 35 4.18 13.92 7.06
CA THR C 35 5.38 13.76 7.88
C THR C 35 5.06 13.34 9.30
N GLU C 36 3.78 13.36 9.69
CA GLU C 36 3.34 12.94 11.01
C GLU C 36 2.81 11.51 11.03
N ASP C 37 2.56 10.92 9.86
CA ASP C 37 2.08 9.55 9.81
C ASP C 37 3.26 8.59 9.87
N PRO C 38 3.34 7.71 10.88
CA PRO C 38 4.45 6.74 10.94
C PRO C 38 4.45 5.73 9.80
N THR C 39 3.33 5.56 9.11
CA THR C 39 3.28 4.55 8.07
C THR C 39 3.95 4.99 6.77
N LYS C 40 4.08 6.30 6.52
CA LYS C 40 4.48 6.76 5.20
C LYS C 40 5.99 6.74 4.99
N LEU C 41 6.39 6.54 3.73
CA LEU C 41 7.79 6.64 3.36
C LEU C 41 8.25 8.09 3.41
N PRO C 42 9.56 8.32 3.53
CA PRO C 42 10.07 9.70 3.44
C PRO C 42 9.75 10.27 2.06
N ILE C 43 9.38 11.56 2.03
CA ILE C 43 8.90 12.17 0.79
C ILE C 43 9.89 11.95 -0.34
N GLN C 44 11.20 12.05 -0.03
CA GLN C 44 12.21 11.84 -1.07
C GLN C 44 12.08 10.45 -1.70
N ASP C 45 11.58 9.48 -0.94
CA ASP C 45 11.43 8.13 -1.48
C ASP C 45 10.19 8.00 -2.36
N ILE C 46 9.03 8.48 -1.90
CA ILE C 46 7.84 8.45 -2.75
C ILE C 46 8.07 9.26 -4.02
N LEU C 47 8.77 10.39 -3.92
CA LEU C 47 9.10 11.17 -5.11
C LEU C 47 10.04 10.40 -6.02
N SER C 48 11.02 9.70 -5.46
CA SER C 48 12.00 9.08 -6.34
C SER C 48 11.41 7.88 -7.08
N ILE C 49 10.57 7.08 -6.41
CA ILE C 49 9.90 5.95 -7.07
C ILE C 49 8.97 6.44 -8.17
N ALA C 50 8.15 7.46 -7.87
CA ALA C 50 7.22 8.00 -8.84
C ALA C 50 7.95 8.47 -10.10
N PHE C 51 9.00 9.28 -9.93
CA PHE C 51 9.84 9.73 -11.03
C PHE C 51 10.33 8.56 -11.86
N SER C 52 10.80 7.50 -11.20
CA SER C 52 11.36 6.37 -11.93
C SER C 52 10.31 5.68 -12.81
N LYS C 53 9.02 5.88 -12.53
CA LYS C 53 7.95 5.29 -13.34
C LYS C 53 7.41 6.24 -14.42
N GLY C 54 8.08 7.37 -14.66
CA GLY C 54 7.61 8.30 -15.67
C GLY C 54 6.72 9.41 -15.16
N LEU C 55 6.44 9.45 -13.86
CA LEU C 55 5.76 10.58 -13.23
C LEU C 55 6.77 11.66 -12.78
N ASN C 56 7.59 12.17 -13.72
CA ASN C 56 8.71 13.06 -13.39
C ASN C 56 8.31 14.54 -13.39
N ALA C 57 7.33 14.85 -12.56
CA ALA C 57 6.71 16.17 -12.47
C ALA C 57 5.84 16.24 -11.21
N ILE C 58 5.89 17.36 -10.51
CA ILE C 58 5.02 17.56 -9.35
C ILE C 58 4.30 18.91 -9.43
N ASP C 59 3.07 18.91 -8.92
CA ASP C 59 2.22 20.08 -8.80
C ASP C 59 2.10 20.45 -7.33
N THR C 60 2.61 21.62 -6.97
CA THR C 60 2.41 22.17 -5.63
C THR C 60 1.83 23.58 -5.69
N SER C 61 1.85 24.27 -4.54
CA SER C 61 1.26 25.59 -4.33
C SER C 61 1.64 26.09 -2.94
N PRO C 62 1.71 27.42 -2.72
CA PRO C 62 1.89 27.93 -1.34
C PRO C 62 0.67 27.69 -0.49
N TYR C 63 -0.50 27.55 -1.12
CA TYR C 63 -1.71 27.17 -0.42
C TYR C 63 -1.63 25.76 0.14
N TYR C 64 -0.64 24.95 -0.26
CA TYR C 64 -0.52 23.59 0.26
C TYR C 64 0.38 23.51 1.50
N GLY C 65 0.53 24.62 2.24
CA GLY C 65 1.25 24.59 3.50
C GLY C 65 2.72 24.29 3.32
N ARG C 66 3.21 23.27 4.02
CA ARG C 66 4.66 22.99 3.97
C ARG C 66 5.07 22.17 2.76
N SER C 67 4.10 21.83 1.90
CA SER C 67 4.37 21.12 0.65
C SER C 67 5.62 21.65 -0.05
N GLU C 68 5.64 22.93 -0.40
CA GLU C 68 6.77 23.50 -1.13
C GLU C 68 8.10 23.24 -0.44
N GLU C 69 8.17 23.54 0.86
CA GLU C 69 9.41 23.33 1.61
C GLU C 69 9.74 21.84 1.68
N LEU C 70 8.74 21.02 2.02
CA LEU C 70 8.90 19.57 2.09
C LEU C 70 9.42 19.01 0.77
N ILE C 71 8.61 19.16 -0.28
CA ILE C 71 9.07 18.83 -1.63
C ILE C 71 10.44 19.46 -1.90
N GLY C 72 10.59 20.74 -1.55
CA GLY C 72 11.89 21.38 -1.70
C GLY C 72 12.99 20.67 -0.93
N LYS C 73 12.77 20.45 0.37
CA LYS C 73 13.62 19.60 1.19
C LYS C 73 13.97 18.27 0.50
N ALA C 74 12.94 17.49 0.13
CA ALA C 74 13.18 16.17 -0.44
C ALA C 74 13.88 16.23 -1.78
N LEU C 75 13.61 17.25 -2.58
CA LEU C 75 14.25 17.39 -3.89
C LEU C 75 15.76 17.50 -3.78
N LYS C 76 16.25 18.25 -2.79
CA LYS C 76 17.69 18.49 -2.69
C LYS C 76 18.47 17.21 -2.40
N ALA C 77 17.82 16.24 -1.73
CA ALA C 77 18.49 15.01 -1.31
C ALA C 77 18.70 14.03 -2.46
N ILE C 78 17.88 14.10 -3.50
CA ILE C 78 17.98 13.18 -4.62
C ILE C 78 18.67 13.83 -5.83
N THR C 79 19.48 14.88 -5.58
CA THR C 79 20.23 15.55 -6.63
C THR C 79 21.06 14.59 -7.46
N ALA C 80 21.64 13.57 -6.83
CA ALA C 80 22.61 12.72 -7.54
C ALA C 80 21.93 11.81 -8.55
N GLU C 81 20.87 11.12 -8.14
CA GLU C 81 20.12 10.31 -9.09
C GLU C 81 19.18 11.15 -9.94
N TRP C 82 18.60 12.21 -9.36
CA TRP C 82 17.58 13.02 -10.03
C TRP C 82 17.97 14.49 -9.99
N PRO C 83 18.93 14.91 -10.81
CA PRO C 83 19.21 16.35 -10.93
C PRO C 83 17.98 17.08 -11.48
N ARG C 84 17.95 18.40 -11.24
CA ARG C 84 16.79 19.22 -11.57
C ARG C 84 16.30 19.08 -13.01
N GLU C 85 17.22 18.90 -13.98
CA GLU C 85 16.87 18.79 -15.39
C GLU C 85 16.10 17.51 -15.72
N ARG C 86 15.83 16.61 -14.75
CA ARG C 86 15.17 15.35 -15.04
C ARG C 86 13.67 15.38 -14.83
N TYR C 87 13.13 16.50 -14.34
CA TYR C 87 11.75 16.54 -13.92
C TYR C 87 11.20 17.94 -14.08
N TYR C 88 9.88 18.03 -13.98
CA TYR C 88 9.15 19.27 -14.06
C TYR C 88 8.67 19.65 -12.67
N ILE C 89 8.60 20.96 -12.42
CA ILE C 89 8.08 21.52 -11.19
C ILE C 89 6.99 22.52 -11.50
N CYS C 90 5.78 22.29 -10.98
CA CYS C 90 4.61 23.15 -11.20
C CYS C 90 4.16 23.76 -9.87
N THR C 91 3.96 25.08 -9.87
CA THR C 91 3.54 25.72 -8.65
C THR C 91 2.59 26.87 -8.99
N LYS C 92 1.97 27.44 -7.97
CA LYS C 92 0.91 28.41 -8.12
C LYS C 92 1.23 29.64 -7.28
N ALA C 93 0.52 30.73 -7.55
CA ALA C 93 0.51 31.90 -6.67
C ALA C 93 -0.91 32.45 -6.63
N GLY C 94 -1.22 33.20 -5.57
CA GLY C 94 -2.47 33.97 -5.55
C GLY C 94 -3.49 33.62 -4.47
N ARG C 95 -3.57 32.34 -4.11
CA ARG C 95 -4.37 31.93 -2.95
C ARG C 95 -3.41 31.71 -1.77
N ILE C 96 -3.50 32.59 -0.77
CA ILE C 96 -2.68 32.45 0.43
C ILE C 96 -3.35 31.51 1.42
N THR C 97 -4.62 31.76 1.71
CA THR C 97 -5.37 30.92 2.64
C THR C 97 -6.69 30.49 2.01
N ASP C 98 -7.53 29.83 2.80
CA ASP C 98 -8.85 29.43 2.33
C ASP C 98 -9.75 30.63 2.07
N THR C 99 -9.44 31.77 2.66
CA THR C 99 -10.20 32.99 2.45
C THR C 99 -9.39 34.15 1.89
N LYS C 100 -8.07 34.07 1.91
CA LYS C 100 -7.22 35.22 1.64
C LYS C 100 -6.66 35.14 0.23
N PHE C 101 -6.79 36.25 -0.51
CA PHE C 101 -6.29 36.32 -1.88
C PHE C 101 -5.55 37.64 -2.11
N ASP C 102 -4.35 37.56 -2.71
CA ASP C 102 -3.64 38.76 -3.17
C ASP C 102 -2.99 38.48 -4.52
N TYR C 103 -3.53 39.09 -5.58
CA TYR C 103 -3.07 38.94 -6.96
C TYR C 103 -2.29 40.15 -7.44
N SER C 104 -1.96 41.09 -6.55
CA SER C 104 -1.16 42.25 -6.94
C SER C 104 0.16 41.78 -7.55
N ARG C 105 0.76 42.66 -8.35
CA ARG C 105 1.91 42.21 -9.12
C ARG C 105 3.13 42.00 -8.24
N GLU C 106 3.29 42.81 -7.19
CA GLU C 106 4.45 42.66 -6.31
C GLU C 106 4.45 41.29 -5.64
N HIS C 107 3.29 40.87 -5.12
CA HIS C 107 3.21 39.59 -4.44
C HIS C 107 3.54 38.43 -5.36
N VAL C 108 3.01 38.47 -6.59
CA VAL C 108 3.26 37.41 -7.55
C VAL C 108 4.76 37.26 -7.79
N ARG C 109 5.46 38.37 -7.95
CA ARG C 109 6.92 38.27 -8.04
C ARG C 109 7.50 37.66 -6.76
N GLU C 110 7.10 38.18 -5.59
CA GLU C 110 7.62 37.66 -4.34
C GLU C 110 7.28 36.18 -4.17
N SER C 111 5.98 35.84 -4.20
CA SER C 111 5.57 34.46 -3.96
C SER C 111 6.29 33.50 -4.91
N VAL C 112 6.37 33.86 -6.20
CA VAL C 112 7.15 33.04 -7.13
C VAL C 112 8.62 33.06 -6.73
N LYS C 113 9.12 34.18 -6.19
CA LYS C 113 10.50 34.22 -5.71
C LYS C 113 10.66 33.32 -4.48
N ASN C 114 9.74 33.40 -3.53
CA ASN C 114 9.81 32.50 -2.39
C ASN C 114 9.81 31.04 -2.83
N SER C 115 8.91 30.68 -3.75
CA SER C 115 8.87 29.31 -4.27
C SER C 115 10.20 28.89 -4.87
N LEU C 116 10.92 29.81 -5.53
CA LEU C 116 12.16 29.40 -6.18
C LEU C 116 13.20 28.98 -5.16
N ARG C 117 13.23 29.65 -4.00
CA ARG C 117 14.19 29.32 -2.94
C ARG C 117 13.84 28.00 -2.25
N LEU C 118 12.56 27.76 -1.96
CA LEU C 118 12.13 26.53 -1.30
C LEU C 118 12.36 25.30 -2.18
N LEU C 119 11.91 25.37 -3.43
CA LEU C 119 12.09 24.23 -4.33
C LEU C 119 13.54 24.03 -4.73
N ASN C 120 14.43 24.94 -4.31
CA ASN C 120 15.88 24.81 -4.48
C ASN C 120 16.26 24.73 -5.95
N THR C 121 15.72 25.67 -6.71
CA THR C 121 15.90 25.76 -8.15
C THR C 121 15.92 27.23 -8.49
N ASP C 122 16.58 27.59 -9.58
CA ASP C 122 16.47 28.96 -10.06
C ASP C 122 15.49 29.11 -11.22
N TYR C 123 14.57 28.16 -11.40
CA TYR C 123 13.52 28.28 -12.39
C TYR C 123 12.44 27.25 -12.13
N LEU C 124 11.21 27.63 -12.44
CA LEU C 124 10.04 26.76 -12.42
C LEU C 124 9.52 26.51 -13.83
N ASP C 125 9.06 25.28 -14.09
CA ASP C 125 8.51 24.95 -15.40
C ASP C 125 7.19 25.65 -15.67
N LEU C 126 6.32 25.74 -14.67
CA LEU C 126 4.97 26.26 -14.83
C LEU C 126 4.48 26.93 -13.56
N VAL C 127 3.98 28.17 -13.68
CA VAL C 127 3.30 28.82 -12.55
C VAL C 127 1.87 29.16 -12.99
N TYR C 128 0.90 28.71 -12.18
CA TYR C 128 -0.51 29.04 -12.35
C TYR C 128 -0.87 30.17 -11.41
N MET C 129 -1.72 31.07 -11.86
CA MET C 129 -2.45 31.88 -10.89
C MET C 129 -3.54 30.98 -10.30
N HIS C 130 -3.61 30.91 -8.98
CA HIS C 130 -4.39 29.90 -8.28
C HIS C 130 -5.84 30.31 -8.10
N ASP C 131 -6.78 29.44 -8.50
CA ASP C 131 -8.23 29.65 -8.33
C ASP C 131 -8.76 31.04 -8.67
N VAL C 132 -8.86 31.36 -9.97
CA VAL C 132 -9.15 32.72 -10.43
C VAL C 132 -10.58 33.17 -10.22
N GLU C 133 -11.53 32.29 -9.89
CA GLU C 133 -12.91 32.75 -9.71
C GLU C 133 -13.11 33.56 -8.43
N PHE C 134 -12.13 33.58 -7.50
CA PHE C 134 -12.23 34.28 -6.22
C PHE C 134 -11.86 35.76 -6.27
N VAL C 135 -11.44 36.30 -7.42
CA VAL C 135 -11.07 37.70 -7.52
C VAL C 135 -11.77 38.33 -8.73
N GLU C 136 -11.90 39.65 -8.70
CA GLU C 136 -12.37 40.37 -9.88
C GLU C 136 -11.44 40.13 -11.05
N THR C 137 -12.02 40.02 -12.24
CA THR C 137 -11.31 39.52 -13.42
C THR C 137 -10.22 40.46 -13.94
N PRO C 138 -10.37 41.80 -13.85
CA PRO C 138 -9.21 42.67 -14.16
C PRO C 138 -7.99 42.40 -13.31
N GLU C 139 -8.16 42.01 -12.03
CA GLU C 139 -6.99 41.63 -11.24
C GLU C 139 -6.35 40.32 -11.72
N VAL C 140 -7.10 39.45 -12.39
CA VAL C 140 -6.54 38.20 -12.90
C VAL C 140 -5.59 38.48 -14.07
N TYR C 141 -5.98 39.41 -14.95
CA TYR C 141 -5.19 39.73 -16.13
C TYR C 141 -3.86 40.37 -15.77
N ASP C 142 -3.88 41.33 -14.84
CA ASP C 142 -2.67 42.00 -14.39
C ASP C 142 -1.70 41.02 -13.71
N ALA C 143 -2.23 40.06 -12.94
CA ALA C 143 -1.36 39.01 -12.39
C ALA C 143 -0.73 38.19 -13.49
N LEU C 144 -1.52 37.84 -14.51
CA LEU C 144 -1.01 37.11 -15.66
C LEU C 144 0.04 37.93 -16.41
N ARG C 145 -0.13 39.27 -16.43
CA ARG C 145 0.87 40.15 -17.01
C ARG C 145 2.20 40.01 -16.27
N GLU C 146 2.13 39.78 -14.94
CA GLU C 146 3.33 39.60 -14.15
C GLU C 146 4.01 38.27 -14.50
N LEU C 147 3.24 37.17 -14.51
CA LEU C 147 3.79 35.86 -14.84
C LEU C 147 4.40 35.86 -16.25
N ARG C 148 3.75 36.56 -17.19
CA ARG C 148 4.28 36.66 -18.55
C ARG C 148 5.66 37.32 -18.57
N LEU C 149 5.86 38.33 -17.74
CA LEU C 149 7.18 38.97 -17.65
C LEU C 149 8.18 38.03 -17.00
N MET C 150 7.76 37.30 -15.96
CA MET C 150 8.64 36.31 -15.35
C MET C 150 9.08 35.27 -16.37
N LYS C 151 8.19 34.88 -17.29
CA LYS C 151 8.53 33.89 -18.30
C LYS C 151 9.59 34.45 -19.25
N GLU C 152 9.46 35.72 -19.63
CA GLU C 152 10.43 36.29 -20.55
C GLU C 152 11.79 36.46 -19.85
N GLU C 153 11.79 36.67 -18.54
CA GLU C 153 13.00 36.70 -17.72
C GLU C 153 13.68 35.34 -17.59
N GLY C 154 13.05 34.25 -18.02
CA GLY C 154 13.64 32.93 -17.84
C GLY C 154 13.50 32.36 -16.45
N LEU C 155 12.70 32.98 -15.59
CA LEU C 155 12.43 32.45 -14.25
C LEU C 155 11.43 31.30 -14.31
N ILE C 156 10.43 31.42 -15.16
CA ILE C 156 9.49 30.35 -15.41
C ILE C 156 9.50 30.03 -16.89
N LYS C 157 9.22 28.77 -17.21
CA LYS C 157 9.16 28.31 -18.59
C LYS C 157 7.77 28.48 -19.19
N ALA C 158 6.74 28.62 -18.34
CA ALA C 158 5.35 28.63 -18.80
C ALA C 158 4.49 29.23 -17.73
N PHE C 159 3.34 29.78 -18.14
CA PHE C 159 2.46 30.42 -17.19
C PHE C 159 1.03 30.08 -17.53
N GLY C 160 0.16 30.12 -16.50
CA GLY C 160 -1.25 29.89 -16.70
C GLY C 160 -2.11 30.22 -15.49
N PHE C 161 -3.21 29.51 -15.30
CA PHE C 161 -4.14 29.78 -14.23
C PHE C 161 -5.06 28.58 -14.08
N SER C 162 -5.77 28.54 -12.94
CA SER C 162 -6.65 27.44 -12.60
C SER C 162 -7.91 27.99 -11.95
N GLY C 163 -8.90 27.11 -11.80
CA GLY C 163 -10.13 27.46 -11.14
C GLY C 163 -11.20 26.45 -11.49
N TYR C 164 -12.35 26.59 -10.82
CA TYR C 164 -13.43 25.62 -10.93
C TYR C 164 -14.38 25.87 -12.11
N PRO C 165 -15.02 27.04 -12.22
CA PRO C 165 -16.06 27.20 -13.25
C PRO C 165 -15.45 27.27 -14.65
N VAL C 166 -15.71 26.25 -15.47
CA VAL C 166 -14.93 26.08 -16.69
C VAL C 166 -15.19 27.20 -17.72
N LYS C 167 -16.35 27.87 -17.70
CA LYS C 167 -16.59 28.96 -18.65
C LYS C 167 -15.85 30.24 -18.29
N LEU C 168 -15.62 30.50 -17.00
CA LEU C 168 -14.77 31.62 -16.64
C LEU C 168 -13.35 31.39 -17.16
N LEU C 169 -12.87 30.15 -17.06
CA LEU C 169 -11.56 29.80 -17.57
C LEU C 169 -11.48 30.09 -19.08
N TYR C 170 -12.51 29.68 -19.83
CA TYR C 170 -12.53 29.93 -21.26
C TYR C 170 -12.51 31.42 -21.57
N GLU C 171 -13.28 32.21 -20.81
CA GLU C 171 -13.35 33.64 -21.08
C GLU C 171 -12.01 34.32 -20.79
N ILE C 172 -11.35 33.93 -19.70
CA ILE C 172 -10.05 34.52 -19.38
C ILE C 172 -9.00 34.09 -20.42
N ALA C 173 -8.96 32.81 -20.77
CA ALA C 173 -7.98 32.35 -21.77
C ALA C 173 -8.26 32.98 -23.13
N TYR C 174 -9.54 33.08 -23.50
CA TYR C 174 -9.87 33.66 -24.80
C TYR C 174 -9.34 35.09 -24.88
N LYS C 175 -9.63 35.90 -23.87
CA LYS C 175 -9.26 37.30 -23.91
C LYS C 175 -7.74 37.48 -23.94
N CYS C 176 -7.01 36.58 -23.28
CA CYS C 176 -5.55 36.67 -23.27
C CYS C 176 -5.00 36.60 -24.69
N ALA C 177 -5.59 35.74 -25.52
CA ALA C 177 -5.14 35.43 -26.86
C ALA C 177 -5.70 36.40 -27.91
N HIS C 178 -6.59 37.29 -27.49
CA HIS C 178 -7.26 38.22 -28.40
C HIS C 178 -7.07 39.66 -27.93
N ASP C 179 -8.00 40.18 -27.11
CA ASP C 179 -7.89 41.56 -26.63
C ASP C 179 -6.58 41.86 -25.91
N TYR C 180 -5.95 40.89 -25.24
CA TYR C 180 -4.70 41.17 -24.53
C TYR C 180 -3.49 40.47 -25.16
N VAL C 181 -3.48 40.36 -26.49
CA VAL C 181 -2.46 39.54 -27.17
C VAL C 181 -1.11 40.21 -27.12
N GLU C 182 -1.05 41.53 -26.88
CA GLU C 182 0.24 42.20 -26.78
C GLU C 182 0.87 41.99 -25.40
N ASP C 183 0.06 42.19 -24.36
CA ASP C 183 0.45 42.22 -22.97
C ASP C 183 0.56 40.84 -22.34
N ILE C 184 -0.19 39.86 -22.86
CA ILE C 184 -0.24 38.54 -22.26
C ILE C 184 -0.02 37.45 -23.30
N GLY C 185 -0.82 37.47 -24.37
CA GLY C 185 -0.81 36.41 -25.39
C GLY C 185 -1.48 35.14 -24.87
N ARG C 186 -1.50 34.12 -25.72
CA ARG C 186 -2.04 32.84 -25.28
C ARG C 186 -1.32 32.38 -24.01
N VAL C 187 -2.09 31.87 -23.05
CA VAL C 187 -1.43 31.28 -21.90
C VAL C 187 -0.94 29.89 -22.27
N ASP C 188 0.10 29.44 -21.58
CA ASP C 188 0.69 28.13 -21.90
C ASP C 188 -0.21 26.98 -21.48
N ALA C 189 -0.84 27.08 -20.31
CA ALA C 189 -1.59 25.97 -19.75
C ALA C 189 -2.69 26.51 -18.83
N ILE C 190 -3.79 25.78 -18.74
CA ILE C 190 -4.79 25.99 -17.69
C ILE C 190 -4.94 24.69 -16.90
N LEU C 191 -5.32 24.82 -15.63
CA LEU C 191 -5.67 23.67 -14.79
C LEU C 191 -7.16 23.74 -14.45
N SER C 192 -7.90 22.72 -14.87
CA SER C 192 -9.32 22.58 -14.54
C SER C 192 -9.47 21.38 -13.62
N TYR C 193 -10.45 21.43 -12.72
CA TYR C 193 -10.68 20.29 -11.85
C TYR C 193 -12.17 20.05 -11.61
N SER C 194 -12.51 18.79 -11.35
CA SER C 194 -13.88 18.31 -11.08
C SER C 194 -14.83 18.60 -12.23
N HIS C 195 -14.27 18.83 -13.42
CA HIS C 195 -15.06 18.96 -14.63
C HIS C 195 -14.62 17.93 -15.66
N GLY C 196 -13.67 17.06 -15.30
CA GLY C 196 -13.20 16.03 -16.20
C GLY C 196 -13.31 14.65 -15.61
N CYS C 197 -14.53 14.29 -15.17
CA CYS C 197 -14.77 13.08 -14.40
C CYS C 197 -16.16 12.53 -14.75
N ILE C 198 -16.40 11.30 -14.31
CA ILE C 198 -17.61 10.55 -14.66
C ILE C 198 -18.90 11.20 -14.19
N GLN C 199 -18.83 12.21 -13.31
CA GLN C 199 -20.04 12.95 -12.95
C GLN C 199 -20.11 14.33 -13.63
N ASN C 200 -18.99 14.87 -14.11
CA ASN C 200 -18.98 16.16 -14.82
C ASN C 200 -17.97 16.09 -15.95
N THR C 201 -18.47 16.15 -17.18
CA THR C 201 -17.60 16.09 -18.36
C THR C 201 -17.50 17.42 -19.08
N ALA C 202 -17.86 18.54 -18.44
CA ALA C 202 -17.85 19.81 -19.16
C ALA C 202 -16.47 20.20 -19.67
N LEU C 203 -15.40 19.66 -19.09
CA LEU C 203 -14.09 19.96 -19.66
C LEU C 203 -13.90 19.26 -21.00
N PHE C 204 -14.38 18.02 -21.11
CA PHE C 204 -14.22 17.26 -22.34
C PHE C 204 -14.89 17.98 -23.51
N GLU C 205 -16.09 18.55 -23.27
CA GLU C 205 -16.78 19.27 -24.34
C GLU C 205 -16.07 20.55 -24.74
N LEU C 206 -15.32 21.18 -23.82
CA LEU C 206 -14.68 22.45 -24.15
C LEU C 206 -13.24 22.29 -24.66
N TYR C 207 -12.71 21.05 -24.74
CA TYR C 207 -11.29 20.84 -25.01
C TYR C 207 -10.88 21.47 -26.33
N ASP C 208 -11.65 21.24 -27.40
CA ASP C 208 -11.26 21.78 -28.69
C ASP C 208 -11.29 23.32 -28.68
N ASP C 209 -12.25 23.91 -27.97
CA ASP C 209 -12.33 25.36 -27.86
C ASP C 209 -11.16 25.94 -27.06
N PHE C 210 -10.66 25.21 -26.06
CA PHE C 210 -9.48 25.69 -25.31
C PHE C 210 -8.22 25.66 -26.18
N ILE C 211 -7.96 24.54 -26.85
CA ILE C 211 -6.75 24.38 -27.67
C ILE C 211 -6.77 25.34 -28.87
N ASN C 212 -7.86 25.33 -29.65
CA ASN C 212 -7.90 26.01 -30.95
C ASN C 212 -8.25 27.49 -30.84
N LYS C 213 -9.32 27.82 -30.12
CA LYS C 213 -9.71 29.23 -30.09
C LYS C 213 -8.93 30.03 -29.05
N CYS C 214 -8.54 29.41 -27.93
CA CYS C 214 -7.73 30.11 -26.94
C CYS C 214 -6.24 29.91 -27.17
N GLY C 215 -5.86 29.03 -28.09
CA GLY C 215 -4.46 28.80 -28.38
C GLY C 215 -3.69 28.18 -27.23
N ILE C 216 -4.39 27.56 -26.28
CA ILE C 216 -3.69 26.93 -25.17
C ILE C 216 -2.83 25.78 -25.70
N LYS C 217 -1.67 25.58 -25.07
CA LYS C 217 -0.74 24.54 -25.48
C LYS C 217 -0.97 23.22 -24.75
N LYS C 218 -1.46 23.29 -23.51
CA LYS C 218 -1.49 22.14 -22.62
C LYS C 218 -2.57 22.35 -21.56
N ILE C 219 -3.46 21.39 -21.41
CA ILE C 219 -4.56 21.49 -20.45
C ILE C 219 -4.41 20.41 -19.40
N LEU C 220 -4.54 20.82 -18.12
CA LEU C 220 -4.42 19.89 -17.01
C LEU C 220 -5.75 19.69 -16.33
N ASN C 221 -6.06 18.43 -16.07
CA ASN C 221 -7.32 17.99 -15.47
C ASN C 221 -7.03 17.52 -14.06
N GLY C 222 -7.63 18.18 -13.07
CA GLY C 222 -7.45 17.85 -11.67
C GLY C 222 -8.70 17.20 -11.09
N SER C 223 -8.52 16.63 -9.90
CA SER C 223 -9.64 16.07 -9.13
C SER C 223 -10.50 15.13 -9.97
N ILE C 224 -9.85 14.08 -10.52
CA ILE C 224 -10.56 13.10 -11.32
C ILE C 224 -11.52 12.26 -10.52
N LEU C 225 -11.47 12.36 -9.18
CA LEU C 225 -12.44 11.74 -8.29
C LEU C 225 -13.29 12.79 -7.59
N SER C 226 -13.23 14.05 -8.07
CA SER C 226 -13.96 15.19 -7.51
C SER C 226 -13.77 15.31 -5.99
N MET C 227 -12.50 15.47 -5.61
CA MET C 227 -12.13 15.67 -4.21
C MET C 227 -12.61 14.49 -3.36
N SER C 228 -12.41 13.30 -3.89
CA SER C 228 -12.72 12.02 -3.24
C SER C 228 -14.23 11.80 -3.07
N LEU C 229 -15.05 12.46 -3.88
CA LEU C 229 -16.49 12.17 -3.90
C LEU C 229 -16.80 10.86 -4.63
N LEU C 230 -16.09 10.57 -5.72
CA LEU C 230 -16.33 9.38 -6.55
C LEU C 230 -15.56 8.20 -5.95
N ARG C 231 -16.12 7.68 -4.85
CA ARG C 231 -15.43 6.77 -3.96
C ARG C 231 -16.42 6.29 -2.92
N SER C 232 -16.49 4.98 -2.67
CA SER C 232 -17.39 4.48 -1.64
C SER C 232 -16.91 4.94 -0.25
N GLY C 233 -17.80 4.79 0.74
CA GLY C 233 -17.44 5.01 2.13
C GLY C 233 -17.33 6.45 2.56
N LYS C 234 -17.94 7.38 1.83
CA LYS C 234 -17.91 8.82 2.14
C LYS C 234 -16.49 9.28 2.48
N THR C 235 -15.56 9.02 1.55
CA THR C 235 -14.19 9.54 1.66
C THR C 235 -14.18 11.07 1.73
N HIS C 236 -15.28 11.71 1.33
CA HIS C 236 -15.41 13.15 1.38
C HIS C 236 -16.04 13.57 2.71
N ALA C 237 -15.50 14.64 3.31
CA ALA C 237 -16.01 15.12 4.59
C ALA C 237 -16.88 16.35 4.41
N PHE C 238 -16.29 17.47 3.99
CA PHE C 238 -16.99 18.75 3.81
C PHE C 238 -16.97 19.17 2.34
N HIS C 239 -17.43 18.29 1.47
CA HIS C 239 -17.40 18.53 0.03
C HIS C 239 -18.33 19.70 -0.31
N PRO C 240 -17.92 20.59 -1.22
CA PRO C 240 -18.82 21.70 -1.62
C PRO C 240 -20.07 21.26 -2.36
N ALA C 241 -20.17 20.00 -2.79
CA ALA C 241 -21.35 19.58 -3.54
C ALA C 241 -22.60 19.62 -2.66
N SER C 242 -23.75 19.86 -3.28
CA SER C 242 -25.02 19.80 -2.57
C SER C 242 -25.22 18.43 -1.95
N VAL C 243 -26.15 18.36 -0.99
CA VAL C 243 -26.41 17.10 -0.30
C VAL C 243 -26.95 16.05 -1.27
N GLU C 244 -27.85 16.46 -2.15
CA GLU C 244 -28.47 15.52 -3.09
C GLU C 244 -27.45 14.94 -4.05
N LEU C 245 -26.53 15.77 -4.57
CA LEU C 245 -25.41 15.24 -5.34
C LEU C 245 -24.57 14.27 -4.51
N LYS C 246 -24.22 14.67 -3.29
CA LYS C 246 -23.42 13.80 -2.44
C LYS C 246 -24.15 12.50 -2.11
N ALA C 247 -25.48 12.54 -2.07
CA ALA C 247 -26.25 11.35 -1.75
C ALA C 247 -26.52 10.48 -2.98
N LYS C 248 -26.68 11.09 -4.16
CA LYS C 248 -26.79 10.28 -5.38
C LYS C 248 -25.50 9.55 -5.66
N VAL C 249 -24.35 10.22 -5.49
CA VAL C 249 -23.07 9.54 -5.67
C VAL C 249 -22.92 8.44 -4.63
N ASP C 250 -23.24 8.75 -3.37
CA ASP C 250 -23.27 7.72 -2.33
C ASP C 250 -24.10 6.52 -2.78
N GLU C 251 -25.35 6.77 -3.23
CA GLU C 251 -26.23 5.69 -3.68
C GLU C 251 -25.54 4.80 -4.69
N VAL C 252 -25.05 5.41 -5.79
CA VAL C 252 -24.44 4.67 -6.88
C VAL C 252 -23.25 3.88 -6.38
N ALA C 253 -22.52 4.41 -5.40
CA ALA C 253 -21.32 3.76 -4.90
C ALA C 253 -21.65 2.48 -4.14
N GLN C 254 -22.63 2.53 -3.25
CA GLN C 254 -22.96 1.31 -2.51
C GLN C 254 -23.65 0.31 -3.41
N ASP C 255 -24.58 0.77 -4.24
CA ASP C 255 -25.20 -0.08 -5.23
C ASP C 255 -24.16 -0.78 -6.11
N LEU C 256 -22.95 -0.21 -6.26
CA LEU C 256 -21.87 -0.91 -6.95
C LEU C 256 -21.03 -1.78 -6.01
N LYS C 257 -20.91 -1.45 -4.73
CA LYS C 257 -20.24 -2.37 -3.81
C LYS C 257 -21.11 -3.56 -3.43
N LYS C 258 -22.44 -3.40 -3.50
CA LYS C 258 -23.35 -4.45 -3.04
C LYS C 258 -23.56 -5.51 -4.11
N THR C 259 -24.11 -5.13 -5.26
CA THR C 259 -24.48 -6.07 -6.32
C THR C 259 -23.26 -6.63 -7.04
N SER C 260 -22.12 -5.93 -6.99
CA SER C 260 -21.01 -6.25 -7.89
C SER C 260 -19.63 -6.26 -7.26
N ASN C 261 -19.49 -5.86 -5.99
CA ASN C 261 -18.17 -5.78 -5.34
C ASN C 261 -17.23 -4.86 -6.11
N ILE C 262 -17.78 -3.77 -6.66
CA ILE C 262 -17.03 -2.85 -7.51
C ILE C 262 -16.88 -1.54 -6.75
N GLU C 263 -15.64 -1.11 -6.56
CA GLU C 263 -15.36 0.16 -5.90
C GLU C 263 -15.40 1.29 -6.92
N LEU C 264 -16.28 2.28 -6.70
CA LEU C 264 -16.57 3.30 -7.70
C LEU C 264 -15.29 3.93 -8.27
N ALA C 265 -14.25 4.05 -7.44
CA ALA C 265 -13.07 4.84 -7.80
C ALA C 265 -12.33 4.28 -9.00
N GLU C 266 -12.34 2.95 -9.19
CA GLU C 266 -11.57 2.38 -10.30
C GLU C 266 -12.23 2.60 -11.66
N PRO C 267 -13.53 2.37 -11.85
CA PRO C 267 -14.12 2.79 -13.13
C PRO C 267 -14.19 4.30 -13.30
N ALA C 268 -14.35 5.05 -12.22
CA ALA C 268 -14.35 6.51 -12.38
C ALA C 268 -12.95 7.04 -12.70
N THR C 269 -11.92 6.37 -12.19
CA THR C 269 -10.56 6.72 -12.55
C THR C 269 -10.27 6.39 -14.02
N ARG C 270 -10.54 5.14 -14.44
CA ARG C 270 -10.29 4.73 -15.82
C ARG C 270 -11.07 5.57 -16.83
N PHE C 271 -12.27 6.03 -16.47
CA PHE C 271 -13.06 6.88 -17.35
C PHE C 271 -12.40 8.25 -17.54
N ALA C 272 -11.99 8.88 -16.45
CA ALA C 272 -11.34 10.18 -16.60
C ALA C 272 -10.02 10.03 -17.36
N MET C 273 -9.26 8.98 -17.02
CA MET C 273 -8.04 8.62 -17.76
C MET C 273 -8.31 8.42 -19.24
N LYS C 274 -9.29 7.60 -19.60
CA LYS C 274 -9.51 7.28 -21.01
C LYS C 274 -10.05 8.48 -21.80
N ARG C 275 -11.12 9.12 -21.30
CA ARG C 275 -11.70 10.22 -22.08
C ARG C 275 -10.76 11.41 -22.19
N TRP C 276 -9.92 11.66 -21.18
CA TRP C 276 -9.12 12.88 -21.17
C TRP C 276 -7.75 12.69 -21.83
N LEU C 277 -6.99 11.67 -21.41
CA LEU C 277 -5.61 11.52 -21.85
C LEU C 277 -5.52 10.90 -23.24
N PHE C 278 -6.57 10.21 -23.71
CA PHE C 278 -6.53 9.55 -25.01
C PHE C 278 -7.60 10.02 -26.00
N GLN C 279 -8.86 10.11 -25.59
CA GLN C 279 -9.97 10.29 -26.53
C GLN C 279 -10.27 11.75 -26.88
N THR C 280 -9.50 12.69 -26.35
CA THR C 280 -9.54 14.06 -26.82
C THR C 280 -8.94 14.22 -28.20
N GLN C 281 -8.40 13.14 -28.76
CA GLN C 281 -7.89 13.07 -30.11
C GLN C 281 -8.34 11.74 -30.72
N PRO C 282 -8.50 11.70 -32.06
CA PRO C 282 -8.97 10.46 -32.69
C PRO C 282 -8.13 9.25 -32.31
N GLN C 283 -8.80 8.17 -31.96
CA GLN C 283 -8.14 6.92 -31.61
C GLN C 283 -8.50 5.86 -32.65
N LYS C 284 -7.65 4.85 -32.74
CA LYS C 284 -7.91 3.72 -33.63
C LYS C 284 -8.39 2.54 -32.81
N ASP C 285 -7.44 1.72 -32.36
CA ASP C 285 -7.74 0.59 -31.48
C ASP C 285 -6.58 0.49 -30.51
N PRO C 286 -6.79 -0.04 -29.30
CA PRO C 286 -5.68 -0.22 -28.38
C PRO C 286 -4.50 -0.87 -29.08
N PRO C 287 -3.25 -0.43 -28.79
CA PRO C 287 -2.83 0.56 -27.79
C PRO C 287 -3.08 2.01 -28.23
N LEU C 288 -3.81 2.72 -27.38
CA LEU C 288 -4.16 4.11 -27.63
C LEU C 288 -2.93 5.00 -27.51
N LYS C 289 -2.98 6.14 -28.19
CA LYS C 289 -1.89 7.10 -28.23
C LYS C 289 -2.21 8.26 -27.30
N TRP C 290 -1.31 8.53 -26.37
CA TRP C 290 -1.56 9.62 -25.43
C TRP C 290 -1.60 10.95 -26.17
N ASN C 291 -2.57 11.80 -25.81
CA ASN C 291 -2.65 13.17 -26.32
C ASN C 291 -1.79 14.05 -25.42
N GLN C 292 -0.68 14.54 -25.98
CA GLN C 292 0.32 15.22 -25.17
C GLN C 292 -0.09 16.62 -24.75
N ARG C 293 -1.16 17.18 -25.37
CA ARG C 293 -1.73 18.41 -24.83
C ARG C 293 -2.53 18.19 -23.60
N THR C 294 -2.50 17.00 -23.02
CA THR C 294 -3.26 16.69 -21.81
C THR C 294 -2.35 16.07 -20.75
N SER C 295 -2.71 16.33 -19.50
CA SER C 295 -2.20 15.64 -18.35
C SER C 295 -3.31 15.62 -17.31
N ILE C 296 -3.16 14.68 -16.37
CA ILE C 296 -4.00 14.59 -15.18
C ILE C 296 -3.10 14.76 -13.97
N VAL C 297 -3.58 15.50 -12.97
CA VAL C 297 -2.88 15.72 -11.72
C VAL C 297 -3.59 14.88 -10.67
N LEU C 298 -2.86 13.97 -10.02
CA LEU C 298 -3.46 13.12 -9.00
C LEU C 298 -2.47 12.93 -7.86
N GLY C 299 -2.99 12.88 -6.63
CA GLY C 299 -2.13 12.61 -5.49
C GLY C 299 -1.58 11.20 -5.53
N VAL C 300 -0.32 11.08 -5.11
CA VAL C 300 0.30 9.78 -4.87
C VAL C 300 1.01 9.92 -3.52
N SER C 301 0.37 9.43 -2.46
CA SER C 301 0.95 9.47 -1.13
C SER C 301 1.37 8.08 -0.63
N THR C 302 1.30 7.06 -1.50
CA THR C 302 1.78 5.72 -1.15
C THR C 302 2.18 5.02 -2.44
N VAL C 303 3.03 3.98 -2.31
CA VAL C 303 3.32 3.17 -3.49
C VAL C 303 2.07 2.42 -3.94
N GLU C 304 1.16 2.07 -3.02
CA GLU C 304 -0.10 1.46 -3.42
C GLU C 304 -0.85 2.38 -4.37
N GLU C 305 -1.20 3.58 -3.90
CA GLU C 305 -1.83 4.58 -4.75
C GLU C 305 -1.13 4.75 -6.10
N LEU C 306 0.19 4.56 -6.13
CA LEU C 306 0.98 4.79 -7.35
C LEU C 306 0.82 3.64 -8.32
N ASN C 307 1.06 2.40 -7.86
CA ASN C 307 0.89 1.26 -8.74
C ASN C 307 -0.56 1.13 -9.20
N SER C 308 -1.51 1.60 -8.40
CA SER C 308 -2.91 1.58 -8.80
C SER C 308 -3.18 2.55 -9.94
N ALA C 309 -2.65 3.77 -9.84
CA ALA C 309 -2.77 4.70 -10.96
C ALA C 309 -2.05 4.14 -12.17
N LEU C 310 -0.86 3.58 -11.97
CA LEU C 310 -0.10 3.03 -13.07
C LEU C 310 -0.88 1.93 -13.79
N LYS C 311 -1.67 1.13 -13.06
CA LYS C 311 -2.40 0.01 -13.62
C LYS C 311 -3.64 0.47 -14.42
N SER C 312 -4.38 1.46 -13.90
CA SER C 312 -5.54 1.97 -14.63
C SER C 312 -5.11 2.67 -15.92
N TYR C 313 -4.04 3.46 -15.85
CA TYR C 313 -3.47 4.00 -17.08
C TYR C 313 -3.14 2.88 -18.07
N ALA C 314 -2.42 1.85 -17.62
CA ALA C 314 -2.07 0.75 -18.53
C ALA C 314 -3.32 0.01 -19.01
N ASP C 315 -4.30 -0.21 -18.11
CA ASP C 315 -5.52 -0.89 -18.52
C ASP C 315 -6.26 -0.12 -19.60
N VAL C 316 -6.41 1.17 -19.40
CA VAL C 316 -7.08 2.02 -20.36
C VAL C 316 -6.31 2.09 -21.67
N LYS C 317 -4.98 2.07 -21.62
CA LYS C 317 -4.19 2.26 -22.82
C LYS C 317 -4.14 0.99 -23.69
N GLU C 318 -4.23 -0.18 -23.07
CA GLU C 318 -3.88 -1.45 -23.71
C GLU C 318 -4.97 -2.53 -23.72
N LYS C 319 -6.09 -2.34 -23.06
CA LYS C 319 -7.10 -3.38 -22.99
C LYS C 319 -8.36 -2.95 -23.74
N ASP C 320 -9.06 -3.95 -24.30
CA ASP C 320 -10.29 -3.73 -25.05
C ASP C 320 -11.24 -2.71 -24.39
N GLY C 321 -11.65 -2.97 -23.16
CA GLY C 321 -12.57 -2.04 -22.52
C GLY C 321 -13.93 -1.86 -23.17
N ALA C 322 -14.44 -2.86 -23.89
CA ALA C 322 -15.88 -2.86 -24.19
C ALA C 322 -16.69 -2.99 -22.90
N GLU C 323 -16.29 -3.90 -22.01
CA GLU C 323 -16.96 -3.99 -20.71
C GLU C 323 -16.94 -2.66 -19.99
N ASP C 324 -15.81 -1.95 -20.07
CA ASP C 324 -15.68 -0.64 -19.43
C ASP C 324 -16.76 0.30 -19.91
N GLU C 325 -16.88 0.45 -21.24
CA GLU C 325 -17.88 1.36 -21.79
C GLU C 325 -19.29 1.03 -21.28
N LYS C 326 -19.62 -0.26 -21.12
CA LYS C 326 -20.94 -0.62 -20.62
C LYS C 326 -21.10 -0.24 -19.15
N LEU C 327 -20.08 -0.49 -18.34
CA LEU C 327 -20.06 0.00 -16.97
C LEU C 327 -20.21 1.53 -16.93
N PHE C 328 -19.52 2.24 -17.82
CA PHE C 328 -19.59 3.71 -17.82
C PHE C 328 -21.01 4.21 -18.09
N GLU C 329 -21.67 3.64 -19.10
CA GLU C 329 -23.05 4.06 -19.39
C GLU C 329 -23.93 3.95 -18.16
N GLU C 330 -23.84 2.80 -17.47
CA GLU C 330 -24.73 2.56 -16.34
C GLU C 330 -24.51 3.57 -15.22
N ILE C 331 -23.26 3.83 -14.86
CA ILE C 331 -22.96 4.82 -13.82
C ILE C 331 -23.53 6.19 -14.20
N ILE C 332 -23.25 6.65 -15.42
CA ILE C 332 -23.77 7.95 -15.85
C ILE C 332 -25.30 7.91 -15.90
N LYS C 333 -25.86 6.78 -16.31
CA LYS C 333 -27.32 6.58 -16.21
C LYS C 333 -27.79 6.67 -14.77
N LYS C 334 -27.16 5.91 -13.87
CA LYS C 334 -27.58 5.90 -12.48
C LYS C 334 -27.51 7.29 -11.86
N LEU C 335 -26.46 8.05 -12.19
CA LEU C 335 -26.40 9.43 -11.70
C LEU C 335 -27.48 10.26 -12.32
N GLY C 336 -27.89 9.89 -13.53
CA GLY C 336 -28.90 10.53 -14.33
C GLY C 336 -29.02 12.04 -14.18
N SER C 337 -29.79 12.45 -13.18
CA SER C 337 -30.13 13.86 -12.99
C SER C 337 -28.88 14.69 -12.69
N HIS C 338 -27.99 14.17 -11.84
CA HIS C 338 -26.88 14.99 -11.35
C HIS C 338 -25.62 14.91 -12.20
N PHE C 339 -25.64 14.14 -13.29
CA PHE C 339 -24.56 14.24 -14.27
C PHE C 339 -24.41 15.69 -14.72
N ASN C 340 -23.16 16.16 -14.74
CA ASN C 340 -22.80 17.54 -15.09
C ASN C 340 -23.33 18.58 -14.10
N GLU C 341 -23.75 18.19 -12.91
CA GLU C 341 -24.13 19.18 -11.93
C GLU C 341 -22.89 19.84 -11.35
N THR C 342 -22.96 21.16 -11.16
CA THR C 342 -21.88 21.89 -10.54
C THR C 342 -22.37 22.49 -9.22
N TRP C 343 -21.44 23.11 -8.49
CA TRP C 343 -21.71 23.84 -7.26
C TRP C 343 -21.13 25.25 -7.41
N PRO C 344 -21.40 26.18 -6.51
CA PRO C 344 -20.77 27.49 -6.59
C PRO C 344 -19.31 27.48 -6.15
N SER C 345 -18.53 28.37 -6.77
CA SER C 345 -17.15 28.66 -6.38
C SER C 345 -16.87 30.12 -6.66
N GLY C 346 -16.58 30.90 -5.63
CA GLY C 346 -16.12 32.27 -5.83
C GLY C 346 -17.17 33.29 -6.21
N LEU C 347 -16.67 34.44 -6.69
CA LEU C 347 -17.52 35.54 -7.13
C LEU C 347 -18.23 35.29 -8.46
N TYR C 348 -17.93 34.20 -9.16
CA TYR C 348 -18.54 33.94 -10.46
C TYR C 348 -19.77 33.05 -10.28
N SER C 349 -20.89 33.46 -10.84
CA SER C 349 -22.14 32.72 -10.73
C SER C 349 -22.06 31.34 -11.40
N MET D 1 13.10 -59.77 53.55
CA MET D 1 12.84 -58.51 54.20
C MET D 1 12.94 -57.24 53.35
N ASN D 2 13.26 -57.34 52.06
CA ASN D 2 13.69 -56.16 51.31
C ASN D 2 12.71 -55.72 50.23
N PHE D 3 12.62 -56.44 49.09
CA PHE D 3 11.89 -56.00 47.90
C PHE D 3 12.58 -54.76 47.32
N PRO D 4 12.73 -54.67 46.00
CA PRO D 4 13.50 -53.56 45.42
C PRO D 4 12.74 -52.26 45.56
N PRO D 5 13.41 -51.13 45.34
CA PRO D 5 12.69 -49.86 45.25
C PRO D 5 11.65 -49.92 44.14
N ILE D 6 10.50 -49.27 44.38
CA ILE D 6 9.45 -49.16 43.37
C ILE D 6 9.78 -48.16 42.27
N GLY D 7 10.85 -47.40 42.41
CA GLY D 7 11.24 -46.48 41.37
C GLY D 7 12.46 -45.66 41.72
N PRO D 8 12.75 -44.66 40.88
CA PRO D 8 13.88 -43.78 41.13
C PRO D 8 13.89 -43.24 42.55
N THR D 9 15.10 -43.12 43.12
CA THR D 9 15.25 -42.55 44.46
C THR D 9 15.88 -41.17 44.42
N ARG D 10 15.77 -40.47 43.29
CA ARG D 10 16.13 -39.06 43.18
C ARG D 10 15.01 -38.34 42.45
N VAL D 11 15.21 -37.04 42.24
CA VAL D 11 14.29 -36.22 41.47
C VAL D 11 14.80 -36.18 40.02
N LEU D 12 14.07 -36.85 39.13
CA LEU D 12 14.44 -36.97 37.73
C LEU D 12 14.60 -35.59 37.10
N GLN D 13 15.52 -35.50 36.12
CA GLN D 13 15.67 -34.29 35.32
C GLN D 13 15.42 -34.63 33.84
N PRO D 14 14.76 -33.74 33.07
CA PRO D 14 14.18 -32.43 33.43
C PRO D 14 13.12 -32.53 34.53
N TYR D 15 12.95 -31.54 35.44
CA TYR D 15 11.94 -31.66 36.49
C TYR D 15 10.52 -31.67 35.94
N SER D 16 9.66 -32.51 36.50
CA SER D 16 8.25 -32.51 36.15
C SER D 16 7.47 -33.21 37.26
N ILE D 17 6.42 -32.55 37.73
CA ILE D 17 5.65 -33.08 38.86
C ILE D 17 4.91 -34.33 38.43
N VAL D 18 4.96 -34.68 37.14
CA VAL D 18 4.43 -35.99 36.77
C VAL D 18 5.32 -37.09 37.35
N ASN D 19 6.54 -36.75 37.72
CA ASN D 19 7.43 -37.74 38.31
C ASN D 19 7.20 -37.94 39.81
N LEU D 20 6.11 -37.45 40.37
CA LEU D 20 5.77 -37.82 41.73
C LEU D 20 5.58 -39.33 41.74
N PRO D 21 6.18 -40.05 42.69
CA PRO D 21 6.18 -41.53 42.62
C PRO D 21 4.78 -42.08 42.78
N PRO D 22 4.56 -43.36 42.43
CA PRO D 22 3.20 -43.92 42.48
C PRO D 22 2.57 -43.97 43.87
N LEU D 23 3.37 -44.03 44.92
CA LEU D 23 2.91 -43.98 46.30
C LEU D 23 3.61 -42.84 46.99
N ILE D 24 2.85 -42.02 47.69
CA ILE D 24 3.37 -40.84 48.36
C ILE D 24 3.04 -40.98 49.84
N ILE D 25 3.98 -40.61 50.71
CA ILE D 25 3.73 -40.78 52.13
C ILE D 25 2.75 -39.72 52.59
N GLY D 26 1.63 -40.16 53.14
CA GLY D 26 0.63 -39.25 53.65
C GLY D 26 0.89 -38.82 55.06
N GLY D 27 1.15 -37.52 55.23
CA GLY D 27 1.41 -36.92 56.54
C GLY D 27 0.19 -36.63 57.38
N ALA D 28 -1.02 -36.93 56.89
CA ALA D 28 -2.23 -36.75 57.69
C ALA D 28 -2.22 -37.64 58.95
N VAL D 29 -1.36 -38.65 59.00
CA VAL D 29 -1.31 -39.58 60.14
C VAL D 29 -0.86 -38.86 61.40
N LEU D 30 0.05 -37.89 61.28
CA LEU D 30 0.58 -37.07 62.38
C LEU D 30 -0.44 -36.10 62.95
N ASN D 31 -1.67 -36.29 62.49
CA ASN D 31 -2.83 -35.51 62.90
C ASN D 31 -3.01 -35.60 64.42
N ASP D 32 -3.95 -34.79 64.93
CA ASP D 32 -4.36 -34.95 66.33
C ASP D 32 -5.36 -36.09 66.50
N ILE D 33 -6.21 -36.32 65.50
CA ILE D 33 -6.90 -37.60 65.36
C ILE D 33 -5.84 -38.63 65.00
N TYR D 34 -6.25 -39.76 64.39
CA TYR D 34 -5.36 -40.84 63.96
C TYR D 34 -4.10 -40.94 64.82
N THR D 35 -4.24 -41.49 66.05
CA THR D 35 -3.20 -41.65 67.06
C THR D 35 -3.16 -40.48 68.04
N GLU D 36 -3.11 -40.76 69.34
CA GLU D 36 -2.77 -39.73 70.31
C GLU D 36 -1.25 -39.72 70.48
N ASP D 37 -0.72 -38.54 70.80
CA ASP D 37 0.71 -38.26 70.77
C ASP D 37 1.25 -38.44 69.36
N PRO D 38 1.26 -37.40 68.55
CA PRO D 38 1.92 -37.50 67.26
C PRO D 38 3.43 -37.78 67.36
N THR D 39 4.07 -37.39 68.49
CA THR D 39 5.50 -37.61 68.64
C THR D 39 5.85 -39.09 68.60
N LYS D 40 4.88 -39.98 68.82
CA LYS D 40 5.16 -41.41 68.86
C LYS D 40 5.47 -41.93 67.47
N LEU D 41 4.67 -41.56 66.48
CA LEU D 41 4.79 -42.03 65.11
C LEU D 41 6.25 -41.98 64.65
N PRO D 42 6.83 -43.12 64.26
CA PRO D 42 8.23 -43.10 63.81
C PRO D 42 8.36 -42.48 62.43
N ILE D 43 8.11 -41.17 62.33
CA ILE D 43 8.11 -40.53 61.01
C ILE D 43 9.50 -40.56 60.40
N GLN D 44 10.55 -40.41 61.21
CA GLN D 44 11.90 -40.48 60.66
C GLN D 44 12.18 -41.86 60.08
N ASP D 45 11.82 -42.92 60.81
CA ASP D 45 12.06 -44.27 60.28
C ASP D 45 11.18 -44.55 59.06
N ILE D 46 9.90 -44.17 59.11
CA ILE D 46 9.02 -44.36 57.95
C ILE D 46 9.58 -43.63 56.74
N LEU D 47 10.01 -42.37 56.92
CA LEU D 47 10.55 -41.62 55.78
C LEU D 47 11.85 -42.22 55.28
N SER D 48 12.74 -42.63 56.19
CA SER D 48 14.03 -43.16 55.75
C SER D 48 13.84 -44.36 54.83
N ILE D 49 13.06 -45.35 55.26
CA ILE D 49 12.88 -46.52 54.42
C ILE D 49 12.09 -46.19 53.15
N ALA D 50 11.06 -45.35 53.27
CA ALA D 50 10.22 -45.05 52.11
C ALA D 50 11.04 -44.41 50.98
N PHE D 51 11.87 -43.42 51.33
CA PHE D 51 12.71 -42.76 50.32
C PHE D 51 13.64 -43.76 49.63
N SER D 52 14.15 -44.75 50.38
CA SER D 52 15.07 -45.73 49.83
C SER D 52 14.38 -46.70 48.89
N LYS D 53 13.10 -46.98 49.11
CA LYS D 53 12.31 -47.81 48.20
C LYS D 53 11.70 -47.00 47.06
N GLY D 54 12.08 -45.73 46.91
CA GLY D 54 11.53 -44.89 45.87
C GLY D 54 10.18 -44.27 46.15
N LEU D 55 9.74 -44.22 47.40
CA LEU D 55 8.61 -43.38 47.79
C LEU D 55 9.13 -42.00 48.21
N ASN D 56 9.85 -41.36 47.29
CA ASN D 56 10.57 -40.12 47.62
C ASN D 56 9.64 -38.91 47.54
N ALA D 57 8.54 -38.96 48.32
CA ALA D 57 7.59 -37.85 48.30
C ALA D 57 6.73 -37.94 49.56
N ILE D 58 6.36 -36.77 50.07
CA ILE D 58 5.56 -36.68 51.29
C ILE D 58 4.49 -35.62 51.06
N ASP D 59 3.33 -35.81 51.67
CA ASP D 59 2.20 -34.91 51.51
C ASP D 59 1.66 -34.49 52.87
N THR D 60 1.52 -33.18 53.09
CA THR D 60 1.08 -32.69 54.39
C THR D 60 0.18 -31.46 54.21
N SER D 61 -0.33 -30.96 55.32
CA SER D 61 -1.09 -29.72 55.30
C SER D 61 -1.00 -29.06 56.66
N PRO D 62 -1.07 -27.72 56.71
CA PRO D 62 -1.18 -27.05 58.02
C PRO D 62 -2.38 -27.54 58.81
N TYR D 63 -3.43 -27.95 58.12
CA TYR D 63 -4.64 -28.49 58.72
C TYR D 63 -4.39 -29.81 59.42
N TYR D 64 -3.28 -30.49 59.13
CA TYR D 64 -3.02 -31.80 59.69
C TYR D 64 -2.40 -31.70 61.06
N GLY D 65 -2.68 -30.61 61.78
CA GLY D 65 -2.12 -30.42 63.10
C GLY D 65 -0.61 -30.23 63.08
N ARG D 66 0.12 -31.08 63.81
CA ARG D 66 1.56 -30.97 63.91
C ARG D 66 2.30 -31.62 62.73
N SER D 67 1.59 -32.06 61.70
CA SER D 67 2.22 -32.82 60.63
C SER D 67 3.43 -32.10 60.07
N GLU D 68 3.28 -30.81 59.70
CA GLU D 68 4.37 -30.12 59.00
C GLU D 68 5.62 -29.99 59.86
N GLU D 69 5.47 -29.55 61.10
CA GLU D 69 6.63 -29.33 61.96
C GLU D 69 7.42 -30.63 62.17
N LEU D 70 6.73 -31.70 62.54
CA LEU D 70 7.41 -32.98 62.75
C LEU D 70 8.00 -33.52 61.45
N ILE D 71 7.27 -33.37 60.33
CA ILE D 71 7.87 -33.75 59.06
C ILE D 71 9.10 -32.88 58.82
N GLY D 72 8.99 -31.58 59.09
CA GLY D 72 10.12 -30.68 58.95
C GLY D 72 11.29 -31.02 59.88
N LYS D 73 10.98 -31.40 61.13
CA LYS D 73 12.06 -31.85 62.01
C LYS D 73 12.71 -33.11 61.46
N ALA D 74 11.89 -34.09 61.08
CA ALA D 74 12.40 -35.36 60.58
C ALA D 74 13.28 -35.16 59.35
N LEU D 75 12.90 -34.25 58.45
CA LEU D 75 13.66 -34.08 57.20
C LEU D 75 14.98 -33.40 57.46
N LYS D 76 15.03 -32.41 58.35
CA LYS D 76 16.33 -31.87 58.78
C LYS D 76 17.20 -32.94 59.43
N ALA D 77 16.59 -33.95 60.04
CA ALA D 77 17.35 -35.00 60.72
C ALA D 77 18.06 -35.92 59.74
N ILE D 78 17.56 -36.04 58.51
CA ILE D 78 18.13 -36.97 57.56
C ILE D 78 18.75 -36.25 56.36
N THR D 79 19.00 -34.94 56.50
CA THR D 79 19.53 -34.14 55.40
C THR D 79 20.92 -34.57 54.94
N ALA D 80 21.64 -35.36 55.74
CA ALA D 80 22.91 -35.91 55.28
C ALA D 80 22.68 -37.02 54.26
N GLU D 81 21.87 -38.00 54.62
CA GLU D 81 21.55 -39.07 53.70
C GLU D 81 20.60 -38.59 52.59
N TRP D 82 19.55 -37.84 52.96
CA TRP D 82 18.54 -37.36 52.03
C TRP D 82 18.54 -35.83 52.01
N PRO D 83 19.34 -35.22 51.14
CA PRO D 83 19.24 -33.76 50.96
C PRO D 83 17.96 -33.39 50.21
N ARG D 84 17.60 -32.11 50.31
CA ARG D 84 16.31 -31.64 49.80
C ARG D 84 16.06 -32.03 48.34
N GLU D 85 17.12 -32.19 47.55
CA GLU D 85 16.97 -32.32 46.11
C GLU D 85 16.49 -33.70 45.65
N ARG D 86 16.59 -34.74 46.49
CA ARG D 86 16.30 -36.09 46.02
C ARG D 86 14.83 -36.49 46.16
N TYR D 87 14.01 -35.72 46.87
CA TYR D 87 12.63 -36.07 47.12
C TYR D 87 11.69 -34.89 46.85
N TYR D 88 10.38 -35.17 46.88
CA TYR D 88 9.33 -34.19 46.62
C TYR D 88 8.57 -33.84 47.90
N ILE D 89 8.26 -32.56 48.06
CA ILE D 89 7.46 -32.07 49.17
C ILE D 89 6.20 -31.39 48.62
N CYS D 90 5.03 -31.88 49.03
CA CYS D 90 3.73 -31.31 48.73
C CYS D 90 3.09 -30.83 50.03
N THR D 91 2.30 -29.76 49.94
CA THR D 91 1.46 -29.34 51.07
C THR D 91 0.33 -28.47 50.53
N LYS D 92 -0.42 -27.84 51.45
CA LYS D 92 -1.73 -27.28 51.15
C LYS D 92 -1.90 -25.95 51.89
N ALA D 93 -2.98 -25.23 51.55
CA ALA D 93 -3.25 -23.96 52.19
C ALA D 93 -4.73 -23.64 52.11
N GLY D 94 -5.16 -22.71 52.96
CA GLY D 94 -6.51 -22.21 52.93
C GLY D 94 -7.42 -22.79 54.00
N ARG D 95 -7.16 -24.01 54.48
CA ARG D 95 -8.02 -24.60 55.52
C ARG D 95 -7.31 -24.59 56.86
N ILE D 96 -7.92 -23.92 57.84
CA ILE D 96 -7.32 -23.67 59.14
C ILE D 96 -7.92 -24.57 60.22
N THR D 97 -9.25 -24.63 60.32
CA THR D 97 -9.91 -25.58 61.22
C THR D 97 -11.02 -26.35 60.52
N ASP D 98 -11.81 -27.12 61.28
CA ASP D 98 -12.96 -27.79 60.67
C ASP D 98 -13.99 -26.80 60.14
N THR D 99 -13.91 -25.55 60.56
CA THR D 99 -14.83 -24.51 60.15
C THR D 99 -14.17 -23.24 59.61
N LYS D 100 -12.88 -23.01 59.89
CA LYS D 100 -12.21 -21.76 59.48
C LYS D 100 -11.39 -21.97 58.22
N PHE D 101 -11.75 -21.24 57.16
CA PHE D 101 -10.98 -21.18 55.92
C PHE D 101 -10.52 -19.75 55.66
N ASP D 102 -9.33 -19.59 55.11
CA ASP D 102 -8.87 -18.28 54.69
C ASP D 102 -8.25 -18.39 53.30
N TYR D 103 -9.06 -18.23 52.26
CA TYR D 103 -8.57 -18.27 50.89
C TYR D 103 -8.10 -16.90 50.43
N SER D 104 -8.05 -15.93 51.35
CA SER D 104 -7.51 -14.61 51.04
C SER D 104 -6.15 -14.74 50.38
N ARG D 105 -5.92 -13.91 49.37
CA ARG D 105 -4.65 -14.00 48.64
C ARG D 105 -3.48 -13.83 49.59
N GLU D 106 -3.62 -12.94 50.58
CA GLU D 106 -2.49 -12.66 51.46
C GLU D 106 -2.23 -13.78 52.47
N HIS D 107 -3.27 -14.51 52.90
CA HIS D 107 -3.03 -15.62 53.81
C HIS D 107 -2.37 -16.80 53.10
N VAL D 108 -2.88 -17.16 51.93
CA VAL D 108 -2.25 -18.17 51.08
C VAL D 108 -0.74 -17.96 51.02
N ARG D 109 -0.34 -16.68 50.89
CA ARG D 109 1.09 -16.37 50.84
C ARG D 109 1.75 -16.59 52.20
N GLU D 110 1.05 -16.24 53.30
CA GLU D 110 1.62 -16.46 54.64
C GLU D 110 1.72 -17.93 54.95
N SER D 111 0.68 -18.71 54.60
CA SER D 111 0.70 -20.13 54.89
C SER D 111 1.86 -20.80 54.18
N VAL D 112 2.10 -20.45 52.91
CA VAL D 112 3.21 -21.07 52.19
C VAL D 112 4.53 -20.70 52.84
N LYS D 113 4.68 -19.43 53.22
CA LYS D 113 5.88 -18.99 53.94
C LYS D 113 6.05 -19.76 55.24
N ASN D 114 4.95 -19.99 55.96
CA ASN D 114 5.09 -20.81 57.15
C ASN D 114 5.46 -22.26 56.80
N SER D 115 4.80 -22.82 55.78
CA SER D 115 5.11 -24.17 55.34
C SER D 115 6.59 -24.33 55.01
N LEU D 116 7.16 -23.35 54.30
CA LEU D 116 8.56 -23.44 53.88
C LEU D 116 9.49 -23.40 55.08
N ARG D 117 9.14 -22.56 56.06
CA ARG D 117 9.85 -22.50 57.32
C ARG D 117 9.81 -23.85 58.04
N LEU D 118 8.61 -24.39 58.25
CA LEU D 118 8.51 -25.63 59.04
C LEU D 118 9.21 -26.78 58.34
N LEU D 119 9.06 -26.87 57.02
CA LEU D 119 9.65 -27.95 56.23
C LEU D 119 11.10 -27.65 55.79
N ASN D 120 11.70 -26.56 56.32
CA ASN D 120 13.14 -26.24 56.24
C ASN D 120 13.70 -26.19 54.82
N THR D 121 12.98 -25.53 53.91
CA THR D 121 13.39 -25.48 52.52
C THR D 121 13.07 -24.11 51.93
N ASP D 122 13.64 -23.84 50.74
CA ASP D 122 13.36 -22.62 50.02
C ASP D 122 12.27 -22.77 48.94
N TYR D 123 11.98 -23.98 48.49
CA TYR D 123 10.88 -24.19 47.55
C TYR D 123 10.04 -25.40 47.96
N LEU D 124 8.84 -25.48 47.39
CA LEU D 124 7.93 -26.59 47.58
C LEU D 124 7.55 -27.14 46.22
N ASP D 125 7.50 -28.47 46.10
CA ASP D 125 7.20 -29.03 44.78
C ASP D 125 5.76 -28.77 44.37
N LEU D 126 4.82 -28.82 45.30
CA LEU D 126 3.41 -28.67 44.95
C LEU D 126 2.64 -28.11 46.13
N VAL D 127 1.76 -27.15 45.85
CA VAL D 127 0.84 -26.66 46.87
C VAL D 127 -0.59 -26.74 46.33
N TYR D 128 -1.46 -27.31 47.15
CA TYR D 128 -2.88 -27.44 46.90
C TYR D 128 -3.60 -26.35 47.70
N MET D 129 -4.60 -25.73 47.08
CA MET D 129 -5.66 -25.14 47.88
C MET D 129 -6.47 -26.26 48.50
N HIS D 130 -6.64 -26.22 49.83
CA HIS D 130 -7.18 -27.33 50.60
C HIS D 130 -8.71 -27.33 50.62
N ASP D 131 -9.33 -28.47 50.28
CA ASP D 131 -10.78 -28.67 50.38
C ASP D 131 -11.63 -27.50 49.88
N VAL D 132 -11.62 -27.28 48.57
CA VAL D 132 -12.24 -26.11 47.95
C VAL D 132 -13.76 -26.09 48.13
N GLU D 133 -14.40 -27.25 48.28
CA GLU D 133 -15.87 -27.29 48.35
C GLU D 133 -16.45 -26.45 49.48
N PHE D 134 -15.66 -26.04 50.47
CA PHE D 134 -16.18 -25.26 51.59
C PHE D 134 -16.19 -23.75 51.37
N VAL D 135 -15.65 -23.26 50.25
CA VAL D 135 -15.59 -21.81 50.02
C VAL D 135 -16.29 -21.50 48.71
N GLU D 136 -16.83 -20.27 48.61
CA GLU D 136 -17.44 -19.80 47.38
C GLU D 136 -16.43 -19.82 46.24
N THR D 137 -16.79 -20.51 45.17
CA THR D 137 -15.98 -20.80 44.00
C THR D 137 -15.21 -19.59 43.47
N PRO D 138 -15.79 -18.38 43.46
CA PRO D 138 -14.96 -17.20 43.15
C PRO D 138 -13.71 -17.09 44.01
N GLU D 139 -13.79 -17.40 45.31
CA GLU D 139 -12.62 -17.33 46.17
C GLU D 139 -11.57 -18.36 45.78
N VAL D 140 -12.00 -19.53 45.31
CA VAL D 140 -11.07 -20.57 44.88
C VAL D 140 -10.23 -20.06 43.70
N TYR D 141 -10.89 -19.48 42.69
CA TYR D 141 -10.16 -19.02 41.52
C TYR D 141 -9.16 -17.92 41.90
N ASP D 142 -9.52 -17.03 42.83
CA ASP D 142 -8.56 -16.00 43.21
C ASP D 142 -7.34 -16.58 43.94
N ALA D 143 -7.55 -17.59 44.79
CA ALA D 143 -6.42 -18.18 45.48
C ALA D 143 -5.52 -18.92 44.49
N LEU D 144 -6.10 -19.59 43.50
CA LEU D 144 -5.28 -20.25 42.49
C LEU D 144 -4.47 -19.22 41.69
N ARG D 145 -5.00 -17.99 41.53
CA ARG D 145 -4.21 -16.95 40.86
C ARG D 145 -2.99 -16.58 41.69
N GLU D 146 -3.12 -16.62 43.01
CA GLU D 146 -1.97 -16.45 43.89
C GLU D 146 -0.97 -17.60 43.74
N LEU D 147 -1.47 -18.84 43.68
CA LEU D 147 -0.55 -19.97 43.58
C LEU D 147 0.15 -19.96 42.23
N ARG D 148 -0.54 -19.46 41.20
CA ARG D 148 0.04 -19.39 39.87
C ARG D 148 1.22 -18.43 39.84
N LEU D 149 1.10 -17.30 40.57
CA LEU D 149 2.20 -16.34 40.74
C LEU D 149 3.33 -16.92 41.61
N MET D 150 3.01 -17.59 42.72
CA MET D 150 4.06 -18.24 43.51
C MET D 150 4.81 -19.29 42.70
N LYS D 151 4.13 -19.89 41.73
CA LYS D 151 4.79 -20.78 40.78
C LYS D 151 5.71 -20.02 39.82
N GLU D 152 5.22 -18.92 39.26
CA GLU D 152 6.09 -18.11 38.42
C GLU D 152 7.29 -17.60 39.20
N GLU D 153 7.08 -17.27 40.48
CA GLU D 153 8.13 -16.76 41.34
C GLU D 153 9.17 -17.81 41.69
N GLY D 154 8.82 -19.10 41.54
CA GLY D 154 9.71 -20.17 41.91
C GLY D 154 9.60 -20.64 43.34
N LEU D 155 8.68 -20.07 44.14
CA LEU D 155 8.48 -20.59 45.48
C LEU D 155 7.93 -22.00 45.45
N ILE D 156 7.13 -22.31 44.41
CA ILE D 156 6.54 -23.62 44.23
C ILE D 156 6.73 -24.06 42.78
N LYS D 157 6.84 -25.38 42.58
CA LYS D 157 7.07 -25.91 41.26
C LYS D 157 5.76 -26.26 40.56
N ALA D 158 4.69 -26.53 41.30
CA ALA D 158 3.43 -26.95 40.71
C ALA D 158 2.32 -26.48 41.62
N PHE D 159 1.11 -26.38 41.06
CA PHE D 159 -0.01 -25.96 41.90
C PHE D 159 -1.28 -26.69 41.49
N GLY D 160 -2.14 -26.90 42.47
CA GLY D 160 -3.45 -27.47 42.24
C GLY D 160 -4.41 -27.16 43.39
N PHE D 161 -5.40 -28.03 43.57
CA PHE D 161 -6.39 -27.92 44.65
C PHE D 161 -6.88 -29.32 44.98
N SER D 162 -7.61 -29.42 46.10
CA SER D 162 -8.08 -30.72 46.60
C SER D 162 -9.50 -30.57 47.14
N GLY D 163 -10.16 -31.71 47.34
CA GLY D 163 -11.52 -31.68 47.85
C GLY D 163 -12.20 -33.02 47.65
N TYR D 164 -13.41 -33.11 48.22
CA TYR D 164 -14.17 -34.35 48.20
C TYR D 164 -15.04 -34.49 46.95
N PRO D 165 -15.94 -33.52 46.64
CA PRO D 165 -16.87 -33.73 45.52
C PRO D 165 -16.19 -33.61 44.15
N VAL D 166 -16.05 -34.76 43.48
CA VAL D 166 -15.18 -34.84 42.31
C VAL D 166 -15.71 -34.00 41.15
N LYS D 167 -17.05 -33.85 41.05
CA LYS D 167 -17.61 -33.08 39.94
C LYS D 167 -17.42 -31.59 40.16
N LEU D 168 -17.30 -31.15 41.42
CA LEU D 168 -16.86 -29.79 41.67
C LEU D 168 -15.42 -29.59 41.25
N LEU D 169 -14.56 -30.59 41.50
CA LEU D 169 -13.16 -30.50 41.11
C LEU D 169 -13.02 -30.40 39.59
N TYR D 170 -13.80 -31.20 38.84
CA TYR D 170 -13.87 -31.06 37.38
C TYR D 170 -14.32 -29.66 36.98
N GLU D 171 -15.31 -29.11 37.69
CA GLU D 171 -15.84 -27.78 37.38
C GLU D 171 -14.77 -26.71 37.49
N ILE D 172 -13.96 -26.78 38.53
CA ILE D 172 -12.95 -25.75 38.76
C ILE D 172 -11.81 -25.89 37.77
N ALA D 173 -11.31 -27.11 37.58
CA ALA D 173 -10.19 -27.35 36.67
C ALA D 173 -10.59 -27.06 35.25
N TYR D 174 -11.82 -27.40 34.86
CA TYR D 174 -12.23 -27.12 33.50
C TYR D 174 -12.24 -25.62 33.28
N LYS D 175 -12.61 -24.86 34.31
CA LYS D 175 -12.73 -23.42 34.09
C LYS D 175 -11.32 -22.80 34.05
N CYS D 176 -10.39 -23.32 34.85
CA CYS D 176 -9.03 -22.81 34.86
C CYS D 176 -8.36 -22.94 33.49
N ALA D 177 -8.67 -24.01 32.77
CA ALA D 177 -8.11 -24.25 31.44
C ALA D 177 -8.87 -23.53 30.33
N HIS D 178 -10.09 -23.03 30.57
CA HIS D 178 -10.82 -22.39 29.50
C HIS D 178 -11.08 -20.93 29.84
N ASP D 179 -12.07 -20.65 30.68
CA ASP D 179 -12.44 -19.27 31.01
C ASP D 179 -11.24 -18.47 31.54
N TYR D 180 -10.43 -19.10 32.38
CA TYR D 180 -9.36 -18.39 33.08
C TYR D 180 -7.99 -18.78 32.55
N VAL D 181 -7.90 -19.08 31.25
CA VAL D 181 -6.65 -19.60 30.75
C VAL D 181 -5.54 -18.56 30.85
N GLU D 182 -5.89 -17.26 30.97
CA GLU D 182 -4.90 -16.18 30.90
C GLU D 182 -4.18 -15.94 32.22
N ASP D 183 -4.91 -15.90 33.34
CA ASP D 183 -4.26 -15.63 34.60
C ASP D 183 -4.12 -16.86 35.48
N ILE D 184 -4.74 -17.98 35.12
CA ILE D 184 -4.49 -19.21 35.88
C ILE D 184 -3.89 -20.27 34.97
N GLY D 185 -4.57 -20.59 33.87
CA GLY D 185 -4.14 -21.70 33.03
C GLY D 185 -4.45 -23.05 33.64
N ARG D 186 -4.09 -24.12 32.91
CA ARG D 186 -4.40 -25.45 33.45
C ARG D 186 -3.64 -25.67 34.76
N VAL D 187 -4.31 -26.31 35.73
CA VAL D 187 -3.64 -26.61 37.00
C VAL D 187 -2.76 -27.83 36.80
N ASP D 188 -1.68 -27.88 37.61
CA ASP D 188 -0.70 -28.96 37.48
C ASP D 188 -1.22 -30.30 38.01
N ALA D 189 -1.85 -30.29 39.19
CA ALA D 189 -2.33 -31.53 39.79
C ALA D 189 -3.58 -31.23 40.60
N ILE D 190 -4.44 -32.23 40.76
CA ILE D 190 -5.48 -32.20 41.77
C ILE D 190 -5.35 -33.42 42.67
N LEU D 191 -5.88 -33.28 43.89
CA LEU D 191 -5.95 -34.37 44.84
C LEU D 191 -7.41 -34.61 45.22
N SER D 192 -7.93 -35.79 44.87
CA SER D 192 -9.24 -36.25 45.27
C SER D 192 -9.10 -37.37 46.29
N TYR D 193 -10.16 -37.60 47.07
CA TYR D 193 -10.11 -38.71 48.02
C TYR D 193 -11.51 -39.31 48.21
N SER D 194 -11.53 -40.63 48.48
CA SER D 194 -12.71 -41.41 48.86
C SER D 194 -13.63 -41.70 47.68
N HIS D 195 -13.17 -41.39 46.46
CA HIS D 195 -13.88 -41.66 45.22
C HIS D 195 -13.07 -42.56 44.31
N GLY D 196 -12.00 -43.16 44.83
CA GLY D 196 -11.16 -44.04 44.03
C GLY D 196 -10.84 -45.30 44.80
N CYS D 197 -11.87 -46.05 45.19
CA CYS D 197 -11.75 -47.09 46.21
C CYS D 197 -12.93 -48.04 46.07
N ILE D 198 -12.80 -49.20 46.73
CA ILE D 198 -13.75 -50.31 46.57
C ILE D 198 -15.18 -49.91 46.87
N GLN D 199 -15.39 -48.83 47.63
CA GLN D 199 -16.74 -48.37 47.90
C GLN D 199 -17.21 -47.24 46.97
N ASN D 200 -16.27 -46.51 46.35
CA ASN D 200 -16.63 -45.40 45.46
C ASN D 200 -15.60 -45.26 44.36
N THR D 201 -16.06 -45.30 43.10
CA THR D 201 -15.18 -45.28 41.93
C THR D 201 -15.39 -44.05 41.04
N ALA D 202 -16.07 -43.01 41.53
CA ALA D 202 -16.33 -41.80 40.73
C ALA D 202 -15.06 -41.21 40.10
N LEU D 203 -13.93 -41.28 40.82
CA LEU D 203 -12.68 -40.76 40.30
C LEU D 203 -12.28 -41.50 39.02
N PHE D 204 -12.52 -42.81 38.96
CA PHE D 204 -12.05 -43.60 37.83
C PHE D 204 -12.77 -43.24 36.53
N GLU D 205 -14.04 -42.89 36.60
CA GLU D 205 -14.80 -42.54 35.39
C GLU D 205 -14.60 -41.09 34.95
N LEU D 206 -13.84 -40.30 35.71
CA LEU D 206 -13.53 -38.94 35.34
C LEU D 206 -12.08 -38.75 34.93
N TYR D 207 -11.26 -39.79 35.05
CA TYR D 207 -9.83 -39.66 34.81
C TYR D 207 -9.56 -39.05 33.43
N ASP D 208 -10.19 -39.61 32.40
CA ASP D 208 -9.93 -39.13 31.05
C ASP D 208 -10.25 -37.64 30.91
N ASP D 209 -11.40 -37.21 31.46
CA ASP D 209 -11.80 -35.81 31.34
C ASP D 209 -10.87 -34.89 32.10
N PHE D 210 -10.34 -35.32 33.25
CA PHE D 210 -9.43 -34.45 34.01
C PHE D 210 -8.19 -34.21 33.19
N ILE D 211 -7.62 -35.28 32.64
CA ILE D 211 -6.38 -35.18 31.86
C ILE D 211 -6.62 -34.50 30.50
N ASN D 212 -7.64 -34.96 29.76
CA ASN D 212 -7.81 -34.54 28.36
C ASN D 212 -8.54 -33.21 28.24
N LYS D 213 -9.61 -33.00 29.02
CA LYS D 213 -10.40 -31.80 28.87
C LYS D 213 -9.90 -30.67 29.76
N CYS D 214 -9.39 -31.00 30.95
CA CYS D 214 -8.84 -29.98 31.83
C CYS D 214 -7.34 -29.80 31.64
N GLY D 215 -6.70 -30.66 30.84
CA GLY D 215 -5.25 -30.57 30.68
C GLY D 215 -4.43 -30.74 31.95
N ILE D 216 -5.01 -31.31 33.01
CA ILE D 216 -4.28 -31.63 34.24
C ILE D 216 -3.14 -32.60 33.94
N LYS D 217 -1.96 -32.34 34.54
CA LYS D 217 -0.78 -33.16 34.29
C LYS D 217 -0.74 -34.45 35.11
N LYS D 218 -1.24 -34.41 36.34
CA LYS D 218 -1.03 -35.44 37.33
C LYS D 218 -2.24 -35.44 38.26
N ILE D 219 -2.78 -36.61 38.59
CA ILE D 219 -3.93 -36.70 39.49
C ILE D 219 -3.60 -37.64 40.63
N LEU D 220 -3.83 -37.19 41.85
CA LEU D 220 -3.56 -37.96 43.05
C LEU D 220 -4.86 -38.46 43.66
N ASN D 221 -4.82 -39.69 44.15
CA ASN D 221 -5.95 -40.36 44.77
C ASN D 221 -5.59 -40.59 46.24
N GLY D 222 -6.32 -39.94 47.15
CA GLY D 222 -6.08 -40.10 48.58
C GLY D 222 -7.12 -40.93 49.30
N SER D 223 -6.77 -41.43 50.48
CA SER D 223 -7.68 -42.23 51.31
C SER D 223 -8.33 -43.35 50.50
N ILE D 224 -7.49 -44.30 50.09
CA ILE D 224 -7.98 -45.45 49.34
C ILE D 224 -8.80 -46.40 50.19
N LEU D 225 -8.71 -46.27 51.52
CA LEU D 225 -9.57 -46.99 52.44
C LEU D 225 -10.70 -46.11 52.94
N SER D 226 -10.83 -44.93 52.35
CA SER D 226 -11.85 -43.91 52.67
C SER D 226 -11.86 -43.61 54.17
N MET D 227 -10.79 -42.95 54.59
CA MET D 227 -10.58 -42.54 55.98
C MET D 227 -10.82 -43.70 56.95
N SER D 228 -10.26 -44.86 56.60
CA SER D 228 -10.29 -46.06 57.43
C SER D 228 -11.71 -46.38 57.88
N LEU D 229 -12.61 -46.46 56.91
CA LEU D 229 -13.90 -47.11 57.08
C LEU D 229 -13.86 -48.56 56.63
N LEU D 230 -12.95 -48.87 55.69
CA LEU D 230 -12.85 -50.19 55.09
C LEU D 230 -11.62 -50.87 55.67
N ARG D 231 -11.80 -51.44 56.86
CA ARG D 231 -10.70 -52.07 57.56
C ARG D 231 -11.22 -52.94 58.70
N PHE D 238 -14.70 -39.39 63.52
CA PHE D 238 -15.74 -38.45 63.09
C PHE D 238 -15.98 -38.62 61.59
N HIS D 239 -16.05 -39.87 61.14
CA HIS D 239 -16.24 -40.15 59.73
C HIS D 239 -17.59 -39.57 59.27
N PRO D 240 -17.64 -38.82 58.17
CA PRO D 240 -18.92 -38.25 57.71
C PRO D 240 -19.87 -39.28 57.15
N ALA D 241 -19.45 -40.53 57.01
CA ALA D 241 -20.31 -41.57 56.49
C ALA D 241 -21.61 -41.64 57.27
N SER D 242 -22.71 -41.85 56.56
CA SER D 242 -23.99 -42.12 57.19
C SER D 242 -23.86 -43.31 58.12
N VAL D 243 -24.74 -43.40 59.12
CA VAL D 243 -24.69 -44.55 60.02
C VAL D 243 -24.98 -45.84 59.26
N GLU D 244 -25.90 -45.77 58.29
CA GLU D 244 -26.23 -46.93 57.47
C GLU D 244 -25.03 -47.39 56.65
N LEU D 245 -24.22 -46.45 56.17
CA LEU D 245 -23.09 -46.80 55.32
C LEU D 245 -22.03 -47.57 56.08
N LYS D 246 -21.65 -47.09 57.27
CA LYS D 246 -20.65 -47.81 58.06
C LYS D 246 -21.18 -49.17 58.52
N ALA D 247 -22.47 -49.23 58.86
CA ALA D 247 -23.06 -50.51 59.25
C ALA D 247 -22.98 -51.53 58.13
N LYS D 248 -23.19 -51.09 56.89
CA LYS D 248 -23.13 -51.99 55.74
C LYS D 248 -21.70 -52.44 55.44
N VAL D 249 -20.72 -51.54 55.63
CA VAL D 249 -19.33 -51.95 55.46
C VAL D 249 -18.92 -52.98 56.51
N ASP D 250 -19.40 -52.80 57.74
CA ASP D 250 -19.13 -53.79 58.78
C ASP D 250 -19.66 -55.16 58.38
N GLU D 251 -20.94 -55.22 57.98
CA GLU D 251 -21.54 -56.48 57.54
C GLU D 251 -20.69 -57.15 56.47
N VAL D 252 -20.11 -56.36 55.57
CA VAL D 252 -19.23 -56.92 54.53
C VAL D 252 -17.88 -57.32 55.13
N ALA D 253 -17.41 -56.57 56.12
CA ALA D 253 -16.14 -56.92 56.76
C ALA D 253 -16.29 -58.14 57.67
N GLN D 254 -17.40 -58.21 58.41
CA GLN D 254 -17.60 -59.31 59.35
C GLN D 254 -17.57 -60.66 58.65
N ASP D 255 -18.41 -60.85 57.62
CA ASP D 255 -18.39 -62.12 56.92
C ASP D 255 -17.07 -62.34 56.22
N LEU D 256 -16.40 -61.26 55.80
CA LEU D 256 -15.09 -61.41 55.18
C LEU D 256 -14.09 -61.95 56.19
N LYS D 257 -14.17 -61.47 57.44
CA LYS D 257 -13.31 -61.91 58.52
C LYS D 257 -13.73 -63.29 59.07
N LYS D 258 -14.71 -63.93 58.46
CA LYS D 258 -15.29 -65.14 59.01
C LYS D 258 -15.46 -66.19 57.93
N THR D 259 -16.11 -65.83 56.82
CA THR D 259 -16.41 -66.80 55.77
C THR D 259 -15.18 -67.15 54.94
N SER D 260 -14.19 -66.25 54.86
CA SER D 260 -12.90 -66.57 54.28
C SER D 260 -11.73 -66.16 55.16
N ASN D 261 -11.99 -65.46 56.27
CA ASN D 261 -10.94 -65.00 57.18
C ASN D 261 -9.99 -64.01 56.50
N ILE D 262 -10.52 -63.23 55.53
CA ILE D 262 -9.75 -62.19 54.84
C ILE D 262 -10.11 -60.83 55.39
N GLU D 263 -9.11 -59.96 55.46
CA GLU D 263 -9.28 -58.61 55.99
C GLU D 263 -9.64 -57.68 54.84
N LEU D 264 -10.81 -57.05 54.94
CA LEU D 264 -11.35 -56.25 53.84
C LEU D 264 -10.36 -55.20 53.34
N ALA D 265 -9.53 -54.66 54.25
CA ALA D 265 -8.60 -53.61 53.84
C ALA D 265 -7.63 -54.07 52.77
N GLU D 266 -7.28 -55.37 52.75
CA GLU D 266 -6.24 -55.86 51.84
C GLU D 266 -6.73 -56.00 50.39
N PRO D 267 -7.94 -56.51 50.13
CA PRO D 267 -8.46 -56.35 48.77
C PRO D 267 -8.83 -54.91 48.45
N ALA D 268 -9.40 -54.17 49.40
CA ALA D 268 -9.72 -52.76 49.16
C ALA D 268 -8.49 -51.96 48.77
N THR D 269 -7.31 -52.32 49.28
CA THR D 269 -6.10 -51.60 48.97
C THR D 269 -5.55 -51.98 47.60
N ARG D 270 -5.59 -53.27 47.28
CA ARG D 270 -5.10 -53.73 45.99
C ARG D 270 -6.03 -53.27 44.86
N PHE D 271 -7.33 -53.24 45.12
CA PHE D 271 -8.29 -52.76 44.13
C PHE D 271 -8.00 -51.30 43.81
N ALA D 272 -7.79 -50.49 44.86
CA ALA D 272 -7.54 -49.07 44.65
C ALA D 272 -6.25 -48.84 43.89
N MET D 273 -5.23 -49.66 44.15
CA MET D 273 -3.97 -49.55 43.41
C MET D 273 -4.13 -49.98 41.97
N LYS D 274 -4.75 -51.14 41.75
CA LYS D 274 -4.88 -51.65 40.39
C LYS D 274 -5.68 -50.70 39.53
N ARG D 275 -6.91 -50.43 39.95
CA ARG D 275 -7.84 -49.63 39.13
C ARG D 275 -7.30 -48.24 38.81
N TRP D 276 -6.49 -47.67 39.71
CA TRP D 276 -6.01 -46.28 39.55
C TRP D 276 -4.58 -46.15 38.99
N LEU D 277 -3.59 -46.84 39.59
CA LEU D 277 -2.22 -46.65 39.11
C LEU D 277 -1.93 -47.43 37.84
N PHE D 278 -2.75 -48.42 37.51
CA PHE D 278 -2.45 -49.26 36.36
C PHE D 278 -3.57 -49.19 35.33
N GLN D 279 -4.79 -49.59 35.68
CA GLN D 279 -5.83 -49.68 34.68
C GLN D 279 -6.33 -48.33 34.16
N THR D 280 -5.82 -47.19 34.64
CA THR D 280 -6.20 -45.92 34.02
C THR D 280 -5.57 -45.74 32.65
N GLN D 281 -4.68 -46.62 32.25
CA GLN D 281 -4.25 -46.74 30.87
C GLN D 281 -4.54 -48.17 30.43
N PRO D 282 -4.61 -48.41 29.12
CA PRO D 282 -4.76 -49.80 28.65
C PRO D 282 -3.65 -50.68 29.19
N GLN D 283 -4.01 -51.93 29.52
CA GLN D 283 -3.12 -52.87 30.18
C GLN D 283 -3.29 -54.22 29.51
N LYS D 284 -2.43 -55.17 29.88
CA LYS D 284 -2.45 -56.50 29.29
C LYS D 284 -1.99 -57.55 30.30
N ASP D 285 -1.07 -58.39 29.87
CA ASP D 285 -0.45 -59.34 30.77
C ASP D 285 0.48 -58.61 31.74
N PRO D 286 0.52 -59.02 33.01
CA PRO D 286 1.56 -58.51 33.89
C PRO D 286 2.93 -58.81 33.31
N PRO D 287 3.98 -58.06 33.72
CA PRO D 287 3.99 -57.03 34.74
C PRO D 287 3.30 -55.75 34.30
N LEU D 288 2.60 -55.10 35.23
CA LEU D 288 1.78 -53.93 34.94
C LEU D 288 2.64 -52.68 34.86
N LYS D 289 2.18 -51.71 34.07
CA LYS D 289 2.90 -50.48 33.81
C LYS D 289 2.19 -49.33 34.49
N TRP D 290 2.85 -48.73 35.46
CA TRP D 290 2.31 -47.60 36.20
C TRP D 290 2.10 -46.43 35.25
N ASN D 291 0.87 -45.95 35.16
CA ASN D 291 0.57 -44.69 34.48
C ASN D 291 1.12 -43.53 35.32
N GLN D 292 2.17 -42.86 34.82
CA GLN D 292 2.82 -41.81 35.64
C GLN D 292 1.95 -40.58 35.84
N ARG D 293 0.84 -40.46 35.10
CA ARG D 293 -0.08 -39.39 35.45
C ARG D 293 -0.83 -39.65 36.75
N THR D 294 -0.51 -40.69 37.51
CA THR D 294 -1.29 -41.02 38.70
C THR D 294 -0.37 -41.21 39.90
N SER D 295 -0.96 -40.98 41.07
CA SER D 295 -0.30 -41.26 42.32
C SER D 295 -1.39 -41.56 43.33
N ILE D 296 -1.00 -42.30 44.37
CA ILE D 296 -1.85 -42.55 45.53
C ILE D 296 -1.08 -42.00 46.71
N VAL D 297 -1.78 -41.25 47.56
CA VAL D 297 -1.23 -40.75 48.81
C VAL D 297 -1.67 -41.74 49.89
N LEU D 298 -0.71 -42.43 50.48
CA LEU D 298 -0.94 -43.50 51.43
C LEU D 298 -1.10 -42.95 52.85
N GLY D 299 -1.81 -43.69 53.70
CA GLY D 299 -1.71 -43.41 55.12
C GLY D 299 -0.96 -44.50 55.87
N VAL D 300 0.33 -44.30 56.15
CA VAL D 300 1.17 -45.30 56.82
C VAL D 300 1.63 -44.73 58.16
N SER D 301 1.45 -45.52 59.23
CA SER D 301 1.76 -45.08 60.58
C SER D 301 2.86 -45.89 61.26
N THR D 302 3.26 -47.03 60.70
CA THR D 302 4.40 -47.78 61.19
C THR D 302 5.19 -48.25 59.98
N VAL D 303 6.41 -48.73 60.24
CA VAL D 303 7.23 -49.25 59.15
C VAL D 303 6.65 -50.56 58.62
N GLU D 304 5.95 -51.32 59.48
CA GLU D 304 5.22 -52.51 59.01
C GLU D 304 4.17 -52.14 57.98
N GLU D 305 3.30 -51.18 58.31
CA GLU D 305 2.28 -50.73 57.38
C GLU D 305 2.89 -50.36 56.04
N LEU D 306 3.98 -49.60 56.07
CA LEU D 306 4.69 -49.26 54.84
C LEU D 306 5.10 -50.50 54.04
N ASN D 307 5.65 -51.52 54.70
CA ASN D 307 6.02 -52.71 53.94
C ASN D 307 4.80 -53.48 53.46
N SER D 308 3.70 -53.45 54.21
CA SER D 308 2.49 -54.13 53.73
C SER D 308 1.95 -53.46 52.46
N ALA D 309 1.96 -52.13 52.41
CA ALA D 309 1.46 -51.44 51.23
C ALA D 309 2.35 -51.71 50.03
N LEU D 310 3.68 -51.71 50.25
CA LEU D 310 4.64 -52.01 49.20
C LEU D 310 4.50 -53.43 48.70
N LYS D 311 3.99 -54.34 49.54
CA LYS D 311 3.75 -55.71 49.11
C LYS D 311 2.48 -55.79 48.27
N SER D 312 1.43 -55.06 48.68
CA SER D 312 0.24 -54.90 47.86
C SER D 312 0.57 -54.34 46.48
N TYR D 313 1.45 -53.33 46.41
CA TYR D 313 1.85 -52.78 45.12
C TYR D 313 2.41 -53.86 44.20
N ALA D 314 3.31 -54.70 44.73
CA ALA D 314 3.92 -55.76 43.92
C ALA D 314 2.93 -56.86 43.53
N ASP D 315 1.92 -57.17 44.37
CA ASP D 315 0.98 -58.22 43.96
C ASP D 315 0.09 -57.74 42.81
N VAL D 316 -0.42 -56.51 42.91
CA VAL D 316 -1.19 -55.95 41.81
C VAL D 316 -0.33 -55.83 40.58
N LYS D 317 0.92 -55.44 40.73
CA LYS D 317 1.76 -55.21 39.55
C LYS D 317 2.06 -56.52 38.82
N GLU D 318 2.06 -57.66 39.53
CA GLU D 318 2.47 -58.94 38.95
C GLU D 318 1.39 -60.01 39.08
N LYS D 319 1.08 -60.48 40.29
CA LYS D 319 0.19 -61.63 40.49
C LYS D 319 -1.11 -61.54 39.72
N ASP D 320 -1.43 -62.63 39.01
CA ASP D 320 -2.52 -62.68 38.04
C ASP D 320 -3.75 -61.88 38.43
N GLY D 321 -4.35 -62.18 39.57
CA GLY D 321 -5.45 -61.34 40.00
C GLY D 321 -6.77 -61.61 39.35
N ALA D 322 -6.91 -62.69 38.58
CA ALA D 322 -8.24 -63.19 38.25
C ALA D 322 -9.01 -63.48 39.53
N GLU D 323 -8.36 -64.15 40.49
CA GLU D 323 -8.98 -64.33 41.78
C GLU D 323 -9.01 -63.03 42.58
N ASP D 324 -8.24 -62.02 42.19
CA ASP D 324 -8.45 -60.70 42.77
C ASP D 324 -9.78 -60.12 42.28
N GLU D 325 -10.00 -60.16 40.96
CA GLU D 325 -11.22 -59.59 40.39
C GLU D 325 -12.46 -60.21 41.00
N LYS D 326 -12.46 -61.55 41.17
CA LYS D 326 -13.62 -62.24 41.72
C LYS D 326 -13.96 -61.70 43.11
N LEU D 327 -12.95 -61.54 43.96
CA LEU D 327 -13.17 -61.00 45.29
C LEU D 327 -13.63 -59.54 45.23
N PHE D 328 -13.05 -58.76 44.31
CA PHE D 328 -13.42 -57.35 44.18
C PHE D 328 -14.90 -57.20 43.88
N GLU D 329 -15.37 -57.92 42.85
CA GLU D 329 -16.73 -57.75 42.35
C GLU D 329 -17.76 -58.39 43.29
N GLU D 330 -17.34 -59.37 44.10
CA GLU D 330 -18.23 -59.86 45.13
C GLU D 330 -18.41 -58.83 46.24
N ILE D 331 -17.32 -58.16 46.62
CA ILE D 331 -17.39 -57.13 47.66
C ILE D 331 -18.29 -55.97 47.23
N ILE D 332 -18.20 -55.55 45.96
CA ILE D 332 -19.09 -54.49 45.50
C ILE D 332 -20.52 -54.99 45.43
N LYS D 333 -20.70 -56.27 45.08
CA LYS D 333 -22.02 -56.90 45.15
C LYS D 333 -22.57 -56.85 46.57
N LYS D 334 -21.81 -57.39 47.53
CA LYS D 334 -22.21 -57.34 48.94
C LYS D 334 -22.41 -55.92 49.43
N LEU D 335 -21.65 -54.97 48.88
CA LEU D 335 -21.79 -53.58 49.28
C LEU D 335 -23.19 -53.03 48.97
N GLY D 336 -23.87 -53.60 47.99
CA GLY D 336 -25.25 -53.26 47.76
C GLY D 336 -25.45 -51.82 47.29
N SER D 337 -26.60 -51.26 47.68
CA SER D 337 -26.97 -49.92 47.24
C SER D 337 -25.95 -48.88 47.69
N HIS D 338 -25.24 -49.16 48.78
CA HIS D 338 -24.27 -48.21 49.32
C HIS D 338 -23.04 -48.02 48.43
N PHE D 339 -22.82 -48.89 47.44
CA PHE D 339 -21.70 -48.65 46.52
C PHE D 339 -21.90 -47.31 45.80
N ASN D 340 -20.82 -46.53 45.74
CA ASN D 340 -20.77 -45.19 45.16
C ASN D 340 -21.47 -44.15 46.01
N GLU D 341 -22.00 -44.51 47.18
CA GLU D 341 -22.67 -43.52 48.00
C GLU D 341 -21.66 -42.47 48.47
N THR D 342 -22.11 -41.23 48.53
CA THR D 342 -21.31 -40.14 49.06
C THR D 342 -22.06 -39.48 50.19
N TRP D 343 -21.40 -38.54 50.83
CA TRP D 343 -21.93 -37.78 51.96
C TRP D 343 -21.81 -36.31 51.66
N PRO D 344 -22.37 -35.43 52.49
CA PRO D 344 -22.28 -33.99 52.22
C PRO D 344 -20.90 -33.43 52.57
N SER D 345 -20.49 -32.41 51.80
CA SER D 345 -19.18 -31.81 52.02
C SER D 345 -19.23 -30.33 51.69
N GLY D 346 -19.24 -29.48 52.71
CA GLY D 346 -19.08 -28.05 52.51
C GLY D 346 -20.30 -27.45 51.85
N LEU D 347 -20.07 -26.57 50.87
CA LEU D 347 -21.16 -25.91 50.15
C LEU D 347 -21.59 -26.61 48.85
N TYR D 348 -20.92 -27.70 48.43
CA TYR D 348 -21.21 -28.28 47.11
C TYR D 348 -22.55 -29.01 47.10
N SER D 349 -23.44 -28.60 46.18
CA SER D 349 -24.71 -29.26 45.86
C SER D 349 -25.66 -29.42 47.02
#